data_6UG0
#
_entry.id   6UG0
#
_cell.length_a   84.362
_cell.length_b   156.967
_cell.length_c   202.343
_cell.angle_alpha   90.000
_cell.angle_beta   90.000
_cell.angle_gamma   90.000
#
_symmetry.space_group_name_H-M   'P 21 21 2'
#
loop_
_entity.id
_entity.type
_entity.pdbx_description
1 polymer 'Nitrogenase molybdenum-iron protein alpha chain'
2 polymer 'Nitrogenase molybdenum-iron protein beta chain'
3 non-polymer '3-HYDROXY-3-CARBOXY-ADIPIC ACID'
4 non-polymer 'iron-sulfur-molybdenum cluster with interstitial carbon'
5 non-polymer 'NITROGEN MOLECULE'
6 non-polymer 'HYDROSULFURIC ACID'
7 non-polymer 'MOLYBDENUM ATOM'
8 non-polymer 'FE(8)-S(7) CLUSTER, OXIDIZED'
9 non-polymer 'FE (III) ION'
10 non-polymer GLYCEROL
11 non-polymer 'TRIETHYLENE GLYCOL'
12 non-polymer 'iron-sulfur-molybdenum cluster with interstitial carbon'
13 water water
#
loop_
_entity_poly.entity_id
_entity_poly.type
_entity_poly.pdbx_seq_one_letter_code
_entity_poly.pdbx_strand_id
1 'polypeptide(L)'
;MTGMSREEVESLIQEVLEVYPEKARKDRNKHLAVNDPAVTQSKKCIISNKKSQPGLMTIRGCAYAGSKGVVWGPIKDMIH
ISHGPVGCGQYSRAGRRNYYIGTTGVNAFVTMNFTSDFQEKDIVFGGDKKLAKLIDEVETLFPLNKGISVQSECPIGLIG
DDIESVSKVKGAELSKTIVPVRCEGFRGVSQSLGHHIANDAVRDWVLGKRDEDTTFASTPYDVAIIGDYNIGGDAWSSRI
LLEEMGLRCVAQWSGDGSISEIELTPKVKLNLVHCYRSMNYISRHMEEKYGIPWMEYNFFGPTKTIESLRAIAAKFDESI
QKKCEEVIAKYKPEWEAVVAKYRPRLEGKRVMLYIGGLRPRHVIGAYEDLGMEVVGTGYEFAHNDDYDRTMKEMGDSTLL
YDDVTGYEFEEFVKRIKPDLIGSGIKEKFIFQKMGIPFREMHSWDYSGPYHGFDGFAIFARDMDMTLNNPCWKKLQAPWE
ASEGAEKVAASA
;
A,C
2 'polypeptide(L)'
;MSQQVDKIKASYPLFLDQDYKDMLAKKRDGFEEKYPQDKIDEVFQWTTTKEYQELNFQREALTVNPAKACQPLGAVLCAL
GFEKTMPYVHGSQGCVAYFRSYFNRHFREPVSCVSDSMTEDAAVFGGQQNMKDGLQNCKATYKPDMIAVSTTCMAEVIGD
DLNAFINNSKKEGFIPDEFPVPFAHTPSFVGSHVTGWDNMFEGIARYFTLKSMDDKVVGSNKKINIVPGFETYLGNFRVI
KRMLSEMGVGYSLLSDPEEVLDTPADGQFRMYAGGTTQEEMKDAPNALNTVLLQPWHLEKTKKFVEGTWKHEVPKLNIPM
GLDWTDEFLMKVSEISGQPIPASLTKERGRLVDMMTDSHTWLHGKRFALWGDPDFVMGLVKFLLELGCEPVHILCHNGNK
RWKKAVDAILAASPYGKNATVYIGKDLWHLRSLVFTDKPDFMIGNSYGKFIQRDTLHKGKEFEVPLIRIGFPIFDRHHLH
RSTTLGYEGAMQILTTLVNSILERLDEETRGMQATDYNHDLVR
;
B,D
#
# COMPACT_ATOMS: atom_id res chain seq x y z
N SER A 5 50.59 -2.51 5.95
CA SER A 5 51.89 -1.85 5.90
C SER A 5 51.99 -0.75 6.95
N ARG A 6 52.69 -1.00 8.06
CA ARG A 6 52.69 -0.05 9.17
C ARG A 6 53.18 1.32 8.72
N GLU A 7 54.18 1.34 7.84
CA GLU A 7 54.67 2.61 7.32
C GLU A 7 53.62 3.34 6.49
N GLU A 8 52.79 2.61 5.75
CA GLU A 8 51.75 3.24 4.95
C GLU A 8 50.60 3.75 5.80
N VAL A 9 50.28 3.05 6.89
CA VAL A 9 49.23 3.53 7.80
C VAL A 9 49.66 4.84 8.46
N GLU A 10 50.90 4.88 8.97
CA GLU A 10 51.40 6.11 9.59
C GLU A 10 51.32 7.28 8.61
N SER A 11 51.60 7.03 7.33
CA SER A 11 51.53 8.06 6.31
C SER A 11 50.08 8.49 6.05
N LEU A 12 49.16 7.53 6.07
CA LEU A 12 47.75 7.88 5.90
C LEU A 12 47.29 8.83 7.00
N ILE A 13 47.65 8.52 8.26
CA ILE A 13 47.21 9.35 9.38
C ILE A 13 47.73 10.78 9.22
N GLN A 14 49.01 10.92 8.88
CA GLN A 14 49.59 12.25 8.75
C GLN A 14 48.96 13.02 7.59
N GLU A 15 48.73 12.35 6.45
CA GLU A 15 48.11 13.01 5.31
C GLU A 15 46.73 13.56 5.67
N VAL A 16 45.88 12.70 6.23
CA VAL A 16 44.51 13.10 6.56
C VAL A 16 44.52 14.31 7.48
N LEU A 17 45.47 14.36 8.43
CA LEU A 17 45.54 15.41 9.43
C LEU A 17 45.89 16.78 8.87
N GLU A 18 46.48 16.85 7.67
CA GLU A 18 46.89 18.14 7.10
C GLU A 18 45.73 19.10 6.90
N VAL A 19 44.49 18.63 6.81
CA VAL A 19 43.37 19.54 6.57
C VAL A 19 43.06 20.41 7.78
N TYR A 20 43.43 19.96 8.97
CA TYR A 20 43.02 20.61 10.20
C TYR A 20 43.84 21.88 10.44
N PRO A 21 43.23 22.89 11.07
CA PRO A 21 44.04 23.92 11.74
C PRO A 21 44.94 23.27 12.76
N GLU A 22 46.05 23.98 13.07
CA GLU A 22 47.09 23.39 13.93
C GLU A 22 46.51 22.84 15.22
N LYS A 23 45.58 23.58 15.84
CA LYS A 23 45.10 23.17 17.16
C LYS A 23 44.39 21.83 17.09
N ALA A 24 43.49 21.65 16.11
CA ALA A 24 42.81 20.36 15.99
C ALA A 24 43.78 19.28 15.54
N ARG A 25 44.71 19.63 14.63
CA ARG A 25 45.70 18.65 14.16
C ARG A 25 46.46 18.02 15.32
N LYS A 26 47.02 18.87 16.20
CA LYS A 26 47.73 18.38 17.37
C LYS A 26 46.88 17.46 18.23
N ASP A 27 45.64 17.87 18.54
CA ASP A 27 44.79 17.00 19.37
C ASP A 27 44.47 15.69 18.66
N ARG A 28 44.05 15.74 17.39
CA ARG A 28 43.57 14.53 16.74
C ARG A 28 44.67 13.47 16.53
N ASN A 29 45.93 13.87 16.33
CA ASN A 29 47.01 12.87 16.23
C ASN A 29 47.11 12.01 17.49
N LYS A 30 46.72 12.59 18.63
CA LYS A 30 46.74 11.85 19.88
C LYS A 30 45.65 10.79 19.93
N HIS A 31 44.62 10.89 19.10
CA HIS A 31 43.51 9.94 19.08
C HIS A 31 43.56 8.99 17.89
N LEU A 32 44.73 8.83 17.28
CA LEU A 32 44.90 7.97 16.11
C LEU A 32 46.21 7.19 16.26
N ALA A 33 46.19 5.92 15.85
CA ALA A 33 47.35 5.06 16.07
C ALA A 33 47.34 3.87 15.12
N VAL A 34 48.53 3.46 14.73
CA VAL A 34 48.76 2.15 14.15
C VAL A 34 48.94 1.16 15.28
N ASN A 35 48.14 0.10 15.29
CA ASN A 35 48.18 -0.85 16.40
C ASN A 35 49.54 -1.51 16.58
N ASP A 36 49.94 -1.69 17.84
CA ASP A 36 51.12 -2.47 18.20
C ASP A 36 50.75 -3.33 19.40
N PRO A 37 50.53 -4.63 19.20
CA PRO A 37 49.90 -5.44 20.25
C PRO A 37 50.78 -5.77 21.42
N ALA A 38 52.12 -5.63 21.29
CA ALA A 38 53.01 -5.97 22.38
C ALA A 38 53.09 -4.87 23.43
N VAL A 39 52.59 -3.69 23.11
CA VAL A 39 52.70 -2.60 24.07
C VAL A 39 51.77 -2.87 25.24
N THR A 40 52.29 -2.61 26.44
CA THR A 40 51.65 -3.03 27.67
C THR A 40 50.50 -2.12 28.07
N GLN A 41 50.55 -0.85 27.69
CA GLN A 41 49.51 0.12 28.05
C GLN A 41 49.16 0.94 26.81
N SER A 42 47.87 0.96 26.47
CA SER A 42 47.42 1.64 25.27
C SER A 42 47.66 3.14 25.30
N LYS A 43 47.63 3.75 26.49
CA LYS A 43 47.82 5.20 26.61
C LYS A 43 49.14 5.69 26.05
N LYS A 44 50.07 4.80 25.72
CA LYS A 44 51.35 5.17 25.12
C LYS A 44 51.26 5.32 23.60
N CYS A 45 50.15 4.92 22.95
CA CYS A 45 49.98 5.07 21.51
C CYS A 45 48.74 5.88 21.09
N ILE A 46 47.71 5.91 21.93
CA ILE A 46 46.45 6.56 21.60
C ILE A 46 45.79 7.00 22.91
N ILE A 47 45.25 8.25 22.92
CA ILE A 47 44.52 8.78 24.06
C ILE A 47 43.04 8.66 23.75
N SER A 48 42.23 8.60 24.80
CA SER A 48 40.80 8.38 24.66
C SER A 48 40.07 9.22 25.70
N ASN A 49 38.73 9.19 25.67
CA ASN A 49 37.92 9.79 26.74
C ASN A 49 38.24 11.28 26.93
N LYS A 50 38.50 11.99 25.84
CA LYS A 50 38.70 13.44 25.86
C LYS A 50 37.54 14.18 25.20
N LYS A 51 37.50 15.49 25.42
CA LYS A 51 36.53 16.36 24.76
C LYS A 51 36.64 16.25 23.24
N SER A 52 35.50 16.35 22.55
CA SER A 52 35.53 16.37 21.09
C SER A 52 35.89 17.76 20.60
N GLN A 53 36.66 17.84 19.53
CA GLN A 53 37.03 19.14 19.04
C GLN A 53 35.84 19.77 18.31
N PRO A 54 35.57 21.04 18.55
CA PRO A 54 34.32 21.64 18.04
C PRO A 54 34.31 21.64 16.51
N GLY A 55 33.14 21.37 15.94
CA GLY A 55 32.97 21.54 14.51
C GLY A 55 33.54 20.44 13.65
N LEU A 56 33.97 19.32 14.21
CA LEU A 56 34.61 18.29 13.42
C LEU A 56 33.69 17.12 13.14
N MET A 57 32.40 17.25 13.45
CA MET A 57 31.39 16.24 13.19
C MET A 57 31.73 14.92 13.89
N THR A 58 31.92 15.01 15.21
CA THR A 58 32.00 13.79 15.99
C THR A 58 30.71 13.00 15.87
N ILE A 59 30.84 11.67 16.01
CA ILE A 59 29.69 10.76 15.96
C ILE A 59 29.09 10.53 17.35
N ARG A 60 29.68 11.12 18.38
CA ARG A 60 29.32 10.89 19.77
C ARG A 60 27.93 11.41 20.11
N GLY A 61 27.33 10.82 21.14
CA GLY A 61 26.17 11.37 21.80
C GLY A 61 26.53 12.04 23.12
N CYS A 62 25.53 12.17 23.99
CA CYS A 62 25.69 12.88 25.25
C CYS A 62 25.46 11.94 26.43
N ALA A 63 25.60 12.48 27.65
CA ALA A 63 25.41 11.68 28.84
C ALA A 63 23.95 11.26 29.03
N TYR A 64 22.99 12.02 28.48
CA TYR A 64 21.59 11.60 28.59
C TYR A 64 21.32 10.38 27.72
N ALA A 65 21.98 10.31 26.55
CA ALA A 65 21.88 9.08 25.76
C ALA A 65 22.47 7.91 26.54
N GLY A 66 23.66 8.12 27.11
CA GLY A 66 24.32 7.04 27.86
C GLY A 66 23.53 6.57 29.08
N SER A 67 22.75 7.46 29.71
CA SER A 67 22.00 7.10 30.91
C SER A 67 20.54 6.72 30.61
N LYS A 68 19.80 7.56 29.87
CA LYS A 68 18.40 7.23 29.54
C LYS A 68 18.31 6.30 28.35
N GLY A 69 19.00 6.63 27.25
CA GLY A 69 18.90 5.79 26.07
C GLY A 69 19.50 4.41 26.30
N VAL A 70 20.58 4.33 27.07
CA VAL A 70 21.34 3.10 27.18
C VAL A 70 20.99 2.33 28.45
N VAL A 71 21.23 2.89 29.63
CA VAL A 71 21.15 2.12 30.88
C VAL A 71 19.73 2.11 31.46
N TRP A 72 19.10 3.26 31.66
CA TRP A 72 17.86 3.27 32.44
C TRP A 72 16.66 2.83 31.59
N GLY A 73 16.57 3.32 30.35
CA GLY A 73 15.41 3.09 29.50
C GLY A 73 15.00 1.65 29.33
N PRO A 74 15.94 0.71 29.19
CA PRO A 74 15.54 -0.69 29.04
C PRO A 74 14.77 -1.26 30.23
N ILE A 75 14.84 -0.65 31.43
CA ILE A 75 14.15 -1.27 32.55
C ILE A 75 12.66 -1.12 32.36
N LYS A 76 11.96 -2.24 32.29
CA LYS A 76 10.68 -2.29 31.61
C LYS A 76 9.50 -1.93 32.50
N ASP A 77 9.54 -2.22 33.80
CA ASP A 77 8.37 -1.97 34.63
C ASP A 77 8.48 -0.67 35.41
N MET A 78 9.53 0.11 35.17
CA MET A 78 9.61 1.48 35.63
C MET A 78 9.19 2.44 34.52
N ILE A 79 8.89 3.67 34.92
CA ILE A 79 8.58 4.75 34.00
C ILE A 79 9.72 5.77 34.07
N HIS A 80 10.22 6.17 32.92
CA HIS A 80 11.38 7.06 32.86
C HIS A 80 10.95 8.38 32.26
N ILE A 81 11.20 9.45 33.00
CA ILE A 81 10.75 10.79 32.62
C ILE A 81 11.92 11.49 31.95
N SER A 82 11.79 11.77 30.66
CA SER A 82 12.75 12.67 30.01
C SER A 82 12.43 14.08 30.46
N HIS A 83 13.28 14.67 31.32
CA HIS A 83 12.90 15.86 32.07
C HIS A 83 13.61 17.05 31.43
N GLY A 84 12.82 17.97 30.87
CA GLY A 84 13.33 19.06 30.07
C GLY A 84 12.50 19.26 28.82
N PRO A 85 13.02 19.97 27.80
CA PRO A 85 12.19 20.25 26.62
C PRO A 85 11.98 18.98 25.82
N VAL A 86 11.23 19.08 24.71
CA VAL A 86 10.60 17.90 24.11
C VAL A 86 11.51 17.11 23.18
N GLY A 87 12.76 17.55 22.96
CA GLY A 87 13.60 16.90 21.96
C GLY A 87 14.21 15.55 22.33
N CYS A 88 15.02 15.54 23.39
CA CYS A 88 15.80 14.36 23.79
C CYS A 88 14.91 13.13 23.85
N GLY A 89 13.68 13.30 24.34
CA GLY A 89 12.81 12.18 24.61
C GLY A 89 12.18 11.64 23.34
N GLN A 90 12.00 12.51 22.35
CA GLN A 90 11.40 12.13 21.08
C GLN A 90 12.41 11.47 20.17
N TYR A 91 13.58 12.09 20.00
CA TYR A 91 14.60 11.47 19.15
C TYR A 91 15.03 10.11 19.71
N SER A 92 14.90 9.90 21.02
CA SER A 92 15.34 8.66 21.64
C SER A 92 14.19 7.74 21.99
N ARG A 93 12.98 8.05 21.54
CA ARG A 93 11.86 7.12 21.69
C ARG A 93 11.99 5.94 20.73
N ALA A 94 12.13 4.74 21.29
CA ALA A 94 12.11 3.48 20.54
C ALA A 94 13.14 3.45 19.41
N GLY A 95 14.30 4.07 19.61
CA GLY A 95 15.35 4.02 18.60
C GLY A 95 16.32 2.89 18.83
N ARG A 96 16.42 2.45 20.07
CA ARG A 96 17.32 1.39 20.47
C ARG A 96 16.54 0.12 20.73
N ARG A 97 16.95 -0.98 20.11
CA ARG A 97 16.17 -2.21 20.14
C ARG A 97 16.45 -3.04 21.40
N ASN A 98 16.30 -2.43 22.57
CA ASN A 98 16.47 -3.14 23.84
C ASN A 98 15.16 -3.88 24.12
N TYR A 99 15.13 -5.14 23.71
CA TYR A 99 13.88 -5.89 23.61
C TYR A 99 13.40 -6.32 25.00
N TYR A 100 12.11 -6.66 25.07
CA TYR A 100 11.49 -7.00 26.35
C TYR A 100 10.16 -7.69 26.13
N ILE A 101 9.68 -8.32 27.20
CA ILE A 101 8.34 -8.91 27.27
C ILE A 101 7.51 -8.08 28.25
N GLY A 102 6.39 -7.54 27.78
CA GLY A 102 5.49 -6.84 28.67
C GLY A 102 4.28 -6.36 27.92
N THR A 103 3.39 -5.68 28.64
CA THR A 103 2.20 -5.06 28.07
C THR A 103 2.42 -3.55 28.12
N THR A 104 2.97 -3.02 27.03
CA THR A 104 3.38 -1.63 26.95
C THR A 104 2.20 -0.70 27.13
N GLY A 105 2.38 0.31 27.98
CA GLY A 105 1.29 1.15 28.44
C GLY A 105 0.58 0.64 29.68
N VAL A 106 0.81 -0.61 30.07
CA VAL A 106 0.05 -1.23 31.15
C VAL A 106 0.98 -1.57 32.30
N ASN A 107 1.85 -2.57 32.12
CA ASN A 107 2.90 -2.87 33.10
C ASN A 107 4.31 -2.64 32.57
N ALA A 108 4.49 -2.39 31.27
CA ALA A 108 5.79 -2.01 30.71
C ALA A 108 5.65 -0.72 29.92
N PHE A 109 6.73 0.05 29.84
CA PHE A 109 6.65 1.40 29.31
C PHE A 109 7.83 1.78 28.42
N VAL A 110 8.62 0.79 27.96
CA VAL A 110 9.94 1.06 27.40
C VAL A 110 9.84 1.95 26.16
N THR A 111 9.03 1.55 25.20
CA THR A 111 8.99 2.27 23.92
C THR A 111 8.09 3.50 23.95
N MET A 112 7.71 3.97 25.14
CA MET A 112 6.89 5.16 25.31
C MET A 112 7.79 6.31 25.75
N ASN A 113 7.42 7.53 25.34
CA ASN A 113 8.19 8.73 25.69
C ASN A 113 7.36 9.58 26.68
N PHE A 114 7.69 9.48 27.96
CA PHE A 114 7.15 10.36 29.00
C PHE A 114 8.07 11.55 29.17
N THR A 115 7.49 12.75 29.22
CA THR A 115 8.33 13.93 29.22
C THR A 115 7.62 15.07 29.96
N SER A 116 8.42 16.03 30.40
CA SER A 116 7.91 17.23 31.03
C SER A 116 7.77 18.39 30.06
N ASP A 117 8.22 18.20 28.82
CA ASP A 117 7.98 19.14 27.71
C ASP A 117 8.12 20.58 28.15
N PHE A 118 9.34 20.94 28.59
CA PHE A 118 9.60 22.25 29.15
C PHE A 118 9.21 23.33 28.16
N GLN A 119 8.46 24.32 28.63
CA GLN A 119 8.29 25.59 27.94
C GLN A 119 9.08 26.66 28.70
N GLU A 120 9.09 27.89 28.15
CA GLU A 120 9.93 28.94 28.73
C GLU A 120 9.53 29.26 30.17
N LYS A 121 8.25 29.13 30.50
CA LYS A 121 7.81 29.34 31.89
C LYS A 121 8.51 28.39 32.84
N ASP A 122 8.74 27.16 32.40
CA ASP A 122 9.45 26.20 33.24
C ASP A 122 10.93 26.54 33.35
N ILE A 123 11.52 27.07 32.27
CA ILE A 123 12.94 27.44 32.33
C ILE A 123 13.12 28.67 33.21
N VAL A 124 12.21 29.64 33.07
CA VAL A 124 12.30 30.88 33.83
C VAL A 124 12.04 30.62 35.32
N PHE A 125 11.07 29.77 35.63
CA PHE A 125 10.51 29.71 36.97
C PHE A 125 10.86 28.43 37.72
N GLY A 126 11.51 27.48 37.09
CA GLY A 126 11.86 26.25 37.77
C GLY A 126 10.91 25.13 37.37
N GLY A 127 11.44 23.90 37.39
CA GLY A 127 10.66 22.75 36.95
C GLY A 127 10.17 21.85 38.06
N ASP A 128 10.51 22.19 39.32
CA ASP A 128 10.32 21.26 40.43
C ASP A 128 8.85 21.11 40.81
N LYS A 129 8.08 22.19 40.72
CA LYS A 129 6.64 22.06 40.94
C LYS A 129 6.02 21.23 39.84
N LYS A 130 6.41 21.49 38.59
CA LYS A 130 5.86 20.74 37.47
C LYS A 130 6.21 19.26 37.60
N LEU A 131 7.49 18.96 37.85
CA LEU A 131 7.91 17.59 38.11
C LEU A 131 7.06 16.91 39.17
N ALA A 132 6.72 17.68 40.22
CA ALA A 132 5.93 17.16 41.33
C ALA A 132 4.57 16.70 40.87
N LYS A 133 3.86 17.58 40.16
CA LYS A 133 2.53 17.28 39.64
C LYS A 133 2.57 16.17 38.60
N LEU A 134 3.64 16.15 37.79
CA LEU A 134 3.76 15.12 36.75
C LEU A 134 3.79 13.72 37.38
N ILE A 135 4.49 13.56 38.50
CA ILE A 135 4.57 12.25 39.13
C ILE A 135 3.19 11.79 39.62
N ASP A 136 2.37 12.74 40.11
CA ASP A 136 1.01 12.39 40.52
C ASP A 136 0.19 11.90 39.33
N GLU A 137 0.32 12.58 38.18
CA GLU A 137 -0.39 12.16 36.99
C GLU A 137 0.09 10.77 36.53
N VAL A 138 1.41 10.53 36.61
CA VAL A 138 1.94 9.20 36.25
C VAL A 138 1.30 8.13 37.12
N GLU A 139 1.30 8.35 38.44
CA GLU A 139 0.72 7.37 39.36
C GLU A 139 -0.77 7.20 39.12
N THR A 140 -1.45 8.28 38.70
CA THR A 140 -2.87 8.20 38.43
C THR A 140 -3.16 7.40 37.16
N LEU A 141 -2.44 7.70 36.09
CA LEU A 141 -2.74 7.16 34.76
C LEU A 141 -2.00 5.87 34.44
N PHE A 142 -0.99 5.50 35.21
CA PHE A 142 -0.20 4.29 34.97
C PHE A 142 0.06 3.60 36.30
N PRO A 143 -0.99 3.12 36.95
CA PRO A 143 -0.86 2.70 38.36
C PRO A 143 0.01 1.48 38.58
N LEU A 144 0.31 0.71 37.54
CA LEU A 144 1.07 -0.52 37.66
C LEU A 144 2.58 -0.32 37.53
N ASN A 145 3.05 0.90 37.38
CA ASN A 145 4.49 1.13 37.34
C ASN A 145 5.10 0.82 38.71
N LYS A 146 6.33 0.31 38.68
CA LYS A 146 7.01 -0.14 39.89
C LYS A 146 8.21 0.75 40.23
N GLY A 147 8.17 2.00 39.82
CA GLY A 147 9.25 2.94 40.06
C GLY A 147 9.34 3.95 38.93
N ILE A 148 9.79 5.15 39.28
CA ILE A 148 9.92 6.28 38.35
C ILE A 148 11.36 6.76 38.42
N SER A 149 11.98 6.96 37.26
CA SER A 149 13.27 7.64 37.19
C SER A 149 13.09 9.00 36.53
N VAL A 150 14.04 9.88 36.77
CA VAL A 150 13.97 11.25 36.29
C VAL A 150 15.25 11.53 35.53
N GLN A 151 15.15 11.54 34.21
CA GLN A 151 16.31 11.58 33.32
C GLN A 151 16.55 13.03 32.92
N SER A 152 17.49 13.68 33.59
CA SER A 152 17.69 15.11 33.43
C SER A 152 18.24 15.43 32.05
N GLU A 153 17.59 16.37 31.38
CA GLU A 153 18.10 16.92 30.14
C GLU A 153 18.87 18.20 30.45
N CYS A 154 19.66 18.68 29.47
CA CYS A 154 20.62 19.77 29.69
C CYS A 154 20.12 20.89 30.60
N PRO A 155 18.91 21.45 30.43
CA PRO A 155 18.55 22.65 31.20
C PRO A 155 18.42 22.42 32.70
N ILE A 156 18.15 21.19 33.16
CA ILE A 156 17.81 20.95 34.56
C ILE A 156 18.85 21.54 35.49
N GLY A 157 20.08 21.07 35.41
CA GLY A 157 21.14 21.60 36.28
C GLY A 157 21.59 23.00 35.93
N LEU A 158 21.24 23.51 34.76
CA LEU A 158 21.63 24.86 34.37
C LEU A 158 20.76 25.91 35.03
N ILE A 159 19.47 25.63 35.19
CA ILE A 159 18.58 26.48 35.97
C ILE A 159 18.62 26.13 37.45
N GLY A 160 19.34 25.08 37.82
CA GLY A 160 19.47 24.74 39.23
C GLY A 160 18.16 24.35 39.89
N ASP A 161 17.37 23.50 39.24
CA ASP A 161 16.23 22.96 39.96
C ASP A 161 16.73 21.88 40.92
N ASP A 162 15.86 21.50 41.87
CA ASP A 162 16.24 20.52 42.90
C ASP A 162 15.38 19.26 42.74
N ILE A 163 15.82 18.35 41.86
CA ILE A 163 15.05 17.14 41.59
C ILE A 163 15.29 16.06 42.63
N GLU A 164 16.25 16.25 43.53
CA GLU A 164 16.48 15.33 44.64
C GLU A 164 15.47 15.54 45.76
N SER A 165 15.23 16.81 46.13
CA SER A 165 14.18 17.09 47.11
C SER A 165 12.84 16.56 46.63
N VAL A 166 12.52 16.79 45.35
CA VAL A 166 11.27 16.27 44.82
C VAL A 166 11.27 14.74 44.86
N SER A 167 12.38 14.11 44.45
CA SER A 167 12.47 12.64 44.48
C SER A 167 12.45 12.10 45.90
N LYS A 168 12.92 12.88 46.87
CA LYS A 168 12.81 12.47 48.26
C LYS A 168 11.41 12.74 48.79
N VAL A 169 10.90 13.95 48.57
CA VAL A 169 9.59 14.34 49.10
C VAL A 169 8.48 13.50 48.49
N LYS A 170 8.35 13.54 47.16
CA LYS A 170 7.29 12.76 46.52
C LYS A 170 7.49 11.26 46.73
N GLY A 171 8.72 10.82 46.96
CA GLY A 171 8.98 9.39 47.17
C GLY A 171 8.44 8.90 48.50
N ALA A 172 8.69 9.65 49.58
CA ALA A 172 8.09 9.33 50.86
C ALA A 172 6.58 9.42 50.79
N GLU A 173 6.07 10.50 50.18
CA GLU A 173 4.63 10.73 50.07
C GLU A 173 3.90 9.51 49.54
N LEU A 174 4.33 9.02 48.37
CA LEU A 174 3.61 7.99 47.64
C LEU A 174 4.21 6.60 47.85
N SER A 175 5.27 6.48 48.64
CA SER A 175 5.86 5.19 48.97
C SER A 175 6.27 4.41 47.71
N LYS A 176 7.03 5.08 46.83
CA LYS A 176 7.50 4.46 45.60
C LYS A 176 8.94 4.89 45.32
N THR A 177 9.68 4.02 44.64
CA THR A 177 11.06 4.31 44.26
C THR A 177 11.07 5.35 43.15
N ILE A 178 11.66 6.51 43.41
CA ILE A 178 11.74 7.62 42.45
C ILE A 178 13.19 8.08 42.40
N VAL A 179 13.82 7.97 41.24
CA VAL A 179 15.28 8.01 41.10
C VAL A 179 15.67 9.28 40.35
N PRO A 180 16.30 10.26 41.01
CA PRO A 180 16.79 11.44 40.29
C PRO A 180 18.11 11.11 39.61
N VAL A 181 18.19 11.40 38.31
CA VAL A 181 19.36 11.05 37.49
C VAL A 181 19.92 12.34 36.88
N ARG A 182 21.11 12.75 37.32
CA ARG A 182 21.72 14.00 36.84
C ARG A 182 22.60 13.72 35.61
N CYS A 183 21.92 13.34 34.53
CA CYS A 183 22.59 12.96 33.29
C CYS A 183 22.50 14.04 32.22
N GLU A 184 22.41 15.31 32.63
CA GLU A 184 22.35 16.41 31.68
C GLU A 184 23.48 16.30 30.66
N GLY A 185 23.13 16.60 29.39
CA GLY A 185 24.03 16.36 28.28
C GLY A 185 25.32 17.16 28.32
N PHE A 186 25.34 18.29 29.02
CA PHE A 186 26.60 19.02 29.05
C PHE A 186 27.64 18.33 29.93
N ARG A 187 27.25 17.33 30.73
CA ARG A 187 28.19 16.67 31.62
C ARG A 187 29.06 15.67 30.86
N GLY A 188 30.33 15.65 31.20
CA GLY A 188 31.23 14.74 30.52
C GLY A 188 31.56 15.18 29.11
N VAL A 189 31.78 14.19 28.24
CA VAL A 189 32.27 14.41 26.88
C VAL A 189 31.60 13.44 25.91
N SER A 190 30.74 12.57 26.41
CA SER A 190 30.16 11.51 25.58
C SER A 190 29.03 10.80 26.31
N GLN A 191 28.63 9.64 25.76
CA GLN A 191 27.68 8.78 26.47
C GLN A 191 28.33 8.13 27.69
N SER A 192 29.66 8.01 27.70
CA SER A 192 30.34 7.25 28.76
C SER A 192 29.99 7.77 30.15
N LEU A 193 30.06 9.09 30.38
CA LEU A 193 29.76 9.56 31.73
C LEU A 193 28.32 9.25 32.10
N GLY A 194 27.43 9.23 31.09
CA GLY A 194 26.06 8.83 31.33
C GLY A 194 25.98 7.46 31.98
N HIS A 195 26.73 6.49 31.43
CA HIS A 195 26.90 5.17 32.04
C HIS A 195 27.16 5.25 33.53
N HIS A 196 28.23 5.98 33.86
CA HIS A 196 28.72 6.10 35.23
C HIS A 196 27.68 6.78 36.12
N ILE A 197 27.13 7.90 35.64
CA ILE A 197 26.10 8.61 36.40
C ILE A 197 24.91 7.68 36.68
N ALA A 198 24.48 6.89 35.67
CA ALA A 198 23.34 6.02 35.85
C ALA A 198 23.66 4.87 36.80
N ASN A 199 24.87 4.30 36.70
CA ASN A 199 25.31 3.29 37.65
C ASN A 199 25.23 3.79 39.09
N ASP A 200 25.78 4.97 39.36
CA ASP A 200 25.68 5.54 40.69
C ASP A 200 24.22 5.71 41.11
N ALA A 201 23.37 6.19 40.20
CA ALA A 201 21.96 6.37 40.51
C ALA A 201 21.28 5.05 40.90
N VAL A 202 21.61 3.96 40.21
CA VAL A 202 21.13 2.65 40.63
C VAL A 202 21.63 2.35 42.03
N ARG A 203 22.93 2.52 42.25
CA ARG A 203 23.53 2.20 43.53
C ARG A 203 22.89 2.99 44.67
N ASP A 204 22.73 4.30 44.48
CA ASP A 204 22.31 5.18 45.56
C ASP A 204 20.82 5.09 45.88
N TRP A 205 20.01 4.58 44.95
CA TRP A 205 18.55 4.70 45.04
C TRP A 205 17.76 3.41 44.87
N VAL A 206 18.39 2.33 44.41
CA VAL A 206 17.64 1.12 44.08
C VAL A 206 18.33 -0.13 44.64
N LEU A 207 19.63 -0.26 44.36
CA LEU A 207 20.32 -1.54 44.53
C LEU A 207 20.32 -2.01 45.98
N GLY A 208 20.36 -1.09 46.94
CA GLY A 208 20.39 -1.48 48.33
C GLY A 208 19.02 -1.61 48.98
N LYS A 209 17.95 -1.73 48.18
CA LYS A 209 16.60 -1.71 48.72
C LYS A 209 16.24 -3.00 49.46
N ARG A 210 16.99 -4.08 49.24
CA ARG A 210 16.76 -5.34 49.94
C ARG A 210 17.95 -5.74 50.80
N ASP A 211 18.77 -4.76 51.19
CA ASP A 211 19.93 -5.04 52.05
C ASP A 211 19.52 -5.71 53.36
N GLU A 212 18.31 -5.43 53.86
CA GLU A 212 17.82 -6.02 55.10
C GLU A 212 16.71 -7.01 54.79
N ASP A 213 16.99 -7.98 53.93
CA ASP A 213 16.00 -8.95 53.49
C ASP A 213 16.72 -10.25 53.22
N THR A 214 16.50 -11.24 54.09
CA THR A 214 17.15 -12.53 53.96
C THR A 214 16.25 -13.60 53.38
N THR A 215 15.13 -13.18 52.76
CA THR A 215 14.06 -14.10 52.39
C THR A 215 14.22 -14.68 50.98
N PHE A 216 15.16 -14.19 50.19
CA PHE A 216 15.40 -14.77 48.88
C PHE A 216 16.08 -16.13 49.02
N ALA A 217 15.68 -17.08 48.17
CA ALA A 217 16.24 -18.43 48.20
C ALA A 217 17.46 -18.47 47.27
N SER A 218 18.65 -18.28 47.85
CA SER A 218 19.88 -18.30 47.07
C SER A 218 20.34 -19.73 46.82
N THR A 219 20.71 -20.02 45.59
CA THR A 219 21.32 -21.27 45.19
C THR A 219 22.81 -21.08 44.93
N PRO A 220 23.58 -22.17 44.83
CA PRO A 220 25.01 -22.03 44.51
C PRO A 220 25.30 -21.56 43.09
N TYR A 221 24.30 -21.46 42.22
CA TYR A 221 24.53 -21.20 40.80
C TYR A 221 23.84 -19.92 40.34
N ASP A 222 23.61 -18.99 41.25
CA ASP A 222 22.93 -17.74 40.91
C ASP A 222 23.91 -16.76 40.28
N VAL A 223 23.59 -16.30 39.06
CA VAL A 223 24.40 -15.33 38.35
C VAL A 223 23.51 -14.16 37.95
N ALA A 224 24.15 -13.12 37.41
CA ALA A 224 23.45 -11.99 36.82
C ALA A 224 24.19 -11.59 35.56
N ILE A 225 23.46 -11.34 34.49
CA ILE A 225 24.03 -10.85 33.25
C ILE A 225 24.10 -9.34 33.37
N ILE A 226 25.33 -8.81 33.36
CA ILE A 226 25.60 -7.40 33.58
C ILE A 226 26.08 -6.78 32.26
N GLY A 227 25.36 -5.77 31.78
CA GLY A 227 25.78 -5.10 30.57
C GLY A 227 25.41 -5.84 29.30
N ASP A 228 24.19 -6.37 29.22
CA ASP A 228 23.66 -6.87 27.98
C ASP A 228 22.26 -6.27 27.91
N TYR A 229 22.06 -5.39 26.93
CA TYR A 229 20.80 -4.67 26.80
C TYR A 229 19.88 -5.32 25.78
N ASN A 230 20.15 -6.58 25.44
CA ASN A 230 19.16 -7.42 24.75
C ASN A 230 18.78 -6.82 23.40
N ILE A 231 19.77 -6.32 22.67
CA ILE A 231 19.50 -5.73 21.37
C ILE A 231 19.02 -6.84 20.45
N GLY A 232 17.80 -6.68 19.93
CA GLY A 232 17.20 -7.73 19.11
C GLY A 232 17.09 -9.08 19.79
N GLY A 233 17.18 -9.12 21.11
CA GLY A 233 17.15 -10.37 21.85
C GLY A 233 18.50 -10.96 22.20
N ASP A 234 19.57 -10.14 22.23
CA ASP A 234 20.92 -10.64 22.50
C ASP A 234 21.02 -11.34 23.85
N ALA A 235 20.40 -10.74 24.89
CA ALA A 235 20.52 -11.27 26.24
C ALA A 235 19.77 -12.59 26.39
N TRP A 236 18.69 -12.79 25.60
CA TRP A 236 17.95 -14.03 25.65
C TRP A 236 18.70 -15.15 24.95
N SER A 237 19.39 -14.83 23.84
CA SER A 237 20.27 -15.78 23.16
C SER A 237 21.48 -16.15 24.00
N SER A 238 21.78 -15.39 25.05
CA SER A 238 22.83 -15.71 25.98
C SER A 238 22.29 -16.39 27.23
N ARG A 239 21.12 -15.93 27.71
CA ARG A 239 20.56 -16.45 28.96
C ARG A 239 20.26 -17.94 28.84
N ILE A 240 19.79 -18.36 27.67
CA ILE A 240 19.43 -19.76 27.48
C ILE A 240 20.66 -20.66 27.66
N LEU A 241 21.83 -20.19 27.23
CA LEU A 241 23.01 -21.03 27.32
C LEU A 241 23.52 -21.11 28.76
N LEU A 242 23.50 -19.97 29.46
CA LEU A 242 23.89 -19.97 30.88
C LEU A 242 23.03 -20.91 31.69
N GLU A 243 21.72 -20.91 31.46
CA GLU A 243 20.82 -21.75 32.23
C GLU A 243 20.85 -23.21 31.74
N GLU A 244 21.08 -23.45 30.45
CA GLU A 244 21.29 -24.82 30.00
C GLU A 244 22.58 -25.40 30.56
N MET A 245 23.55 -24.55 30.88
CA MET A 245 24.76 -25.00 31.55
C MET A 245 24.53 -25.32 33.02
N GLY A 246 23.41 -24.89 33.59
CA GLY A 246 23.06 -25.18 34.96
C GLY A 246 23.14 -24.03 35.96
N LEU A 247 23.18 -22.79 35.48
CA LEU A 247 23.12 -21.63 36.36
C LEU A 247 21.73 -21.00 36.28
N ARG A 248 21.43 -20.15 37.27
CA ARG A 248 20.14 -19.48 37.34
C ARG A 248 20.39 -17.98 37.24
N CYS A 249 19.94 -17.38 36.14
CA CYS A 249 20.18 -15.95 35.90
C CYS A 249 19.11 -15.14 36.61
N VAL A 250 19.47 -14.62 37.79
CA VAL A 250 18.55 -13.87 38.63
C VAL A 250 18.26 -12.49 38.01
N ALA A 251 19.18 -11.95 37.23
CA ALA A 251 19.05 -10.57 36.73
C ALA A 251 19.67 -10.42 35.35
N GLN A 252 19.09 -9.50 34.57
CA GLN A 252 19.66 -9.03 33.31
C GLN A 252 19.71 -7.50 33.36
N TRP A 253 20.91 -6.92 33.29
CA TRP A 253 21.12 -5.47 33.32
C TRP A 253 21.53 -5.00 31.93
N SER A 254 20.63 -4.30 31.25
CA SER A 254 19.29 -3.99 31.74
C SER A 254 18.23 -4.36 30.69
N GLY A 255 18.65 -5.03 29.61
CA GLY A 255 17.70 -5.44 28.59
C GLY A 255 16.66 -6.39 29.15
N ASP A 256 15.39 -6.12 28.88
CA ASP A 256 14.27 -6.87 29.46
C ASP A 256 14.30 -6.86 30.99
N GLY A 257 15.06 -5.94 31.58
CA GLY A 257 15.22 -5.92 33.01
C GLY A 257 14.00 -5.39 33.75
N SER A 258 13.77 -5.98 34.92
CA SER A 258 12.74 -5.55 35.85
C SER A 258 13.40 -4.98 37.09
N ILE A 259 12.70 -4.08 37.78
CA ILE A 259 13.37 -3.42 38.90
C ILE A 259 13.63 -4.41 40.04
N SER A 260 12.74 -5.41 40.23
CA SER A 260 12.97 -6.43 41.24
C SER A 260 14.26 -7.19 40.97
N GLU A 261 14.49 -7.56 39.70
CA GLU A 261 15.75 -8.16 39.28
C GLU A 261 16.95 -7.38 39.79
N ILE A 262 16.93 -6.07 39.58
CA ILE A 262 18.03 -5.24 40.05
C ILE A 262 18.16 -5.33 41.56
N GLU A 263 17.03 -5.29 42.27
CA GLU A 263 17.07 -5.31 43.73
C GLU A 263 17.52 -6.65 44.28
N LEU A 264 17.35 -7.73 43.51
CA LEU A 264 17.80 -9.07 43.91
C LEU A 264 19.22 -9.40 43.48
N THR A 265 19.86 -8.54 42.70
CA THR A 265 21.22 -8.83 42.24
C THR A 265 22.24 -8.95 43.38
N PRO A 266 22.21 -8.14 44.44
CA PRO A 266 23.19 -8.34 45.53
C PRO A 266 23.13 -9.72 46.17
N LYS A 267 22.10 -10.52 45.87
CA LYS A 267 21.99 -11.89 46.37
C LYS A 267 22.72 -12.89 45.48
N VAL A 268 23.28 -12.44 44.36
CA VAL A 268 23.85 -13.33 43.35
C VAL A 268 25.27 -13.73 43.77
N LYS A 269 25.72 -14.90 43.30
CA LYS A 269 27.05 -15.39 43.62
C LYS A 269 28.11 -15.03 42.58
N LEU A 270 27.73 -14.66 41.35
CA LEU A 270 28.72 -14.28 40.34
C LEU A 270 28.10 -13.34 39.32
N ASN A 271 28.79 -12.23 39.05
CA ASN A 271 28.31 -11.21 38.12
C ASN A 271 29.00 -11.39 36.78
N LEU A 272 28.22 -11.72 35.75
CA LEU A 272 28.76 -11.94 34.41
C LEU A 272 28.65 -10.63 33.64
N VAL A 273 29.80 -10.03 33.33
CA VAL A 273 29.88 -8.69 32.76
C VAL A 273 30.17 -8.80 31.27
N HIS A 274 29.20 -8.47 30.41
CA HIS A 274 29.46 -8.42 28.97
C HIS A 274 29.97 -7.05 28.54
N CYS A 275 29.15 -6.01 28.71
CA CYS A 275 29.61 -4.65 28.43
C CYS A 275 30.44 -4.12 29.59
N TYR A 276 31.78 -4.22 29.47
CA TYR A 276 32.65 -3.68 30.50
C TYR A 276 32.49 -2.17 30.63
N ARG A 277 32.37 -1.46 29.51
CA ARG A 277 32.41 0.00 29.55
C ARG A 277 31.27 0.57 30.38
N SER A 278 30.04 0.12 30.12
CA SER A 278 28.89 0.79 30.70
C SER A 278 28.58 0.37 32.13
N MET A 279 29.00 -0.82 32.58
CA MET A 279 28.59 -1.26 33.91
C MET A 279 29.73 -1.83 34.76
N ASN A 280 30.99 -1.63 34.39
CA ASN A 280 32.04 -2.09 35.28
C ASN A 280 32.04 -1.33 36.59
N TYR A 281 31.40 -0.15 36.64
CA TYR A 281 31.37 0.62 37.88
C TYR A 281 30.51 -0.09 38.93
N ILE A 282 29.33 -0.56 38.53
CA ILE A 282 28.49 -1.21 39.52
C ILE A 282 28.99 -2.61 39.85
N SER A 283 29.72 -3.24 38.93
CA SER A 283 30.33 -4.53 39.22
C SER A 283 31.35 -4.39 40.34
N ARG A 284 32.22 -3.39 40.24
CA ARG A 284 33.21 -3.11 41.28
C ARG A 284 32.55 -2.76 42.62
N HIS A 285 31.45 -2.02 42.56
CA HIS A 285 30.72 -1.68 43.78
C HIS A 285 30.14 -2.93 44.44
N MET A 286 29.53 -3.82 43.67
CA MET A 286 28.93 -5.00 44.30
C MET A 286 30.01 -5.91 44.90
N GLU A 287 31.18 -5.97 44.26
CA GLU A 287 32.31 -6.67 44.85
C GLU A 287 32.74 -6.04 46.16
N GLU A 288 32.55 -4.73 46.29
CA GLU A 288 33.00 -4.03 47.50
C GLU A 288 31.96 -4.11 48.61
N LYS A 289 30.72 -3.66 48.33
CA LYS A 289 29.67 -3.66 49.35
C LYS A 289 29.27 -5.08 49.73
N TYR A 290 29.01 -5.93 48.73
CA TYR A 290 28.49 -7.28 48.97
C TYR A 290 29.49 -8.40 48.69
N GLY A 291 30.71 -8.09 48.25
CA GLY A 291 31.69 -9.13 48.02
C GLY A 291 31.41 -10.07 46.87
N ILE A 292 30.63 -9.64 45.88
CA ILE A 292 30.25 -10.48 44.75
C ILE A 292 31.34 -10.38 43.69
N PRO A 293 32.00 -11.48 43.32
CA PRO A 293 33.03 -11.40 42.28
C PRO A 293 32.42 -11.16 40.91
N TRP A 294 33.25 -10.67 39.98
CA TRP A 294 32.78 -10.42 38.63
C TRP A 294 33.87 -10.72 37.61
N MET A 295 33.44 -11.18 36.43
CA MET A 295 34.33 -11.56 35.34
C MET A 295 33.75 -11.06 34.02
N GLU A 296 34.65 -10.69 33.09
CA GLU A 296 34.23 -10.29 31.75
C GLU A 296 34.08 -11.51 30.85
N TYR A 297 33.12 -11.42 29.92
CA TYR A 297 32.94 -12.49 28.95
C TYR A 297 32.52 -11.89 27.61
N ASN A 298 32.31 -12.77 26.64
CA ASN A 298 32.15 -12.40 25.23
C ASN A 298 31.37 -13.52 24.55
N PHE A 299 30.14 -13.22 24.11
CA PHE A 299 29.29 -14.18 23.42
C PHE A 299 29.15 -13.85 21.94
N PHE A 300 30.18 -13.27 21.32
CA PHE A 300 30.19 -13.04 19.89
C PHE A 300 30.96 -14.18 19.21
N GLY A 301 30.24 -15.01 18.45
CA GLY A 301 30.85 -16.10 17.71
C GLY A 301 31.18 -17.30 18.57
N PRO A 302 31.37 -18.47 17.97
CA PRO A 302 31.53 -19.67 18.81
C PRO A 302 32.88 -19.72 19.51
N THR A 303 33.94 -19.22 18.88
CA THR A 303 35.25 -19.27 19.50
C THR A 303 35.21 -18.59 20.87
N LYS A 304 34.62 -17.38 20.95
CA LYS A 304 34.55 -16.66 22.21
C LYS A 304 33.46 -17.21 23.13
N THR A 305 32.34 -17.67 22.57
CA THR A 305 31.28 -18.22 23.42
C THR A 305 31.77 -19.46 24.16
N ILE A 306 32.46 -20.35 23.44
CA ILE A 306 32.99 -21.57 24.04
C ILE A 306 34.00 -21.22 25.13
N GLU A 307 34.87 -20.25 24.85
CA GLU A 307 35.85 -19.82 25.84
C GLU A 307 35.16 -19.33 27.10
N SER A 308 34.15 -18.45 26.94
CA SER A 308 33.44 -17.89 28.08
C SER A 308 32.62 -18.93 28.82
N LEU A 309 31.88 -19.78 28.09
CA LEU A 309 31.08 -20.83 28.73
C LEU A 309 31.94 -21.66 29.68
N ARG A 310 33.18 -21.97 29.28
CA ARG A 310 34.08 -22.80 30.10
C ARG A 310 34.75 -21.98 31.20
N ALA A 311 35.09 -20.73 30.90
CA ALA A 311 35.57 -19.83 31.93
C ALA A 311 34.52 -19.61 33.01
N ILE A 312 33.25 -19.51 32.64
CA ILE A 312 32.22 -19.30 33.63
C ILE A 312 31.96 -20.59 34.41
N ALA A 313 31.89 -21.72 33.70
CA ALA A 313 31.73 -23.02 34.36
C ALA A 313 32.85 -23.26 35.38
N ALA A 314 34.07 -22.79 35.09
CA ALA A 314 35.20 -23.05 35.97
C ALA A 314 35.02 -22.41 37.34
N LYS A 315 34.30 -21.30 37.41
CA LYS A 315 34.11 -20.65 38.70
C LYS A 315 33.13 -21.41 39.59
N PHE A 316 32.41 -22.40 39.06
CA PHE A 316 31.51 -23.22 39.85
C PHE A 316 32.11 -24.61 40.05
N ASP A 317 31.31 -25.66 40.04
CA ASP A 317 31.80 -26.98 40.38
C ASP A 317 31.84 -27.89 39.14
N GLU A 318 32.01 -29.18 39.39
CA GLU A 318 32.12 -30.14 38.30
C GLU A 318 30.79 -30.39 37.62
N SER A 319 29.68 -30.33 38.37
CA SER A 319 28.37 -30.51 37.75
C SER A 319 28.08 -29.41 36.74
N ILE A 320 28.58 -28.20 36.99
CA ILE A 320 28.43 -27.12 36.03
C ILE A 320 29.42 -27.28 34.88
N GLN A 321 30.65 -27.69 35.20
CA GLN A 321 31.62 -27.97 34.14
C GLN A 321 31.13 -29.09 33.23
N LYS A 322 30.37 -30.05 33.78
CA LYS A 322 29.89 -31.18 32.99
C LYS A 322 28.74 -30.78 32.07
N LYS A 323 27.75 -30.04 32.59
CA LYS A 323 26.70 -29.54 31.72
C LYS A 323 27.26 -28.56 30.70
N CYS A 324 28.36 -27.88 31.05
CA CYS A 324 29.04 -26.99 30.11
C CYS A 324 29.45 -27.74 28.85
N GLU A 325 30.23 -28.81 29.02
CA GLU A 325 30.65 -29.62 27.87
C GLU A 325 29.45 -30.23 27.16
N GLU A 326 28.37 -30.54 27.89
CA GLU A 326 27.18 -31.03 27.23
C GLU A 326 26.49 -29.93 26.42
N VAL A 327 26.72 -28.65 26.77
CA VAL A 327 26.21 -27.57 25.94
C VAL A 327 27.13 -27.33 24.74
N ILE A 328 28.45 -27.35 24.94
CA ILE A 328 29.35 -27.19 23.81
C ILE A 328 29.18 -28.34 22.82
N ALA A 329 28.99 -29.55 23.34
CA ALA A 329 28.67 -30.67 22.46
C ALA A 329 27.32 -30.49 21.79
N LYS A 330 26.34 -29.89 22.49
CA LYS A 330 25.00 -29.74 21.91
C LYS A 330 25.01 -28.85 20.68
N TYR A 331 25.82 -27.79 20.70
CA TYR A 331 25.74 -26.77 19.68
C TYR A 331 26.77 -26.91 18.57
N LYS A 332 27.81 -27.73 18.78
CA LYS A 332 28.89 -27.88 17.81
C LYS A 332 28.38 -28.13 16.38
N PRO A 333 27.48 -29.09 16.13
CA PRO A 333 27.01 -29.22 14.74
C PRO A 333 26.28 -27.98 14.25
N GLU A 334 25.60 -27.28 15.16
CA GLU A 334 24.81 -26.12 14.74
C GLU A 334 25.72 -25.00 14.25
N TRP A 335 26.78 -24.67 15.01
CA TRP A 335 27.64 -23.60 14.51
C TRP A 335 28.61 -24.10 13.44
N GLU A 336 29.00 -25.38 13.47
CA GLU A 336 29.90 -25.86 12.43
C GLU A 336 29.23 -25.82 11.07
N ALA A 337 27.91 -25.97 11.04
CA ALA A 337 27.21 -25.89 9.77
C ALA A 337 27.06 -24.44 9.31
N VAL A 338 27.02 -23.50 10.24
CA VAL A 338 27.00 -22.09 9.84
C VAL A 338 28.33 -21.72 9.21
N VAL A 339 29.44 -21.99 9.90
CA VAL A 339 30.77 -21.82 9.32
C VAL A 339 30.80 -22.45 7.92
N ALA A 340 30.39 -23.71 7.81
CA ALA A 340 30.49 -24.40 6.53
C ALA A 340 29.72 -23.66 5.44
N LYS A 341 28.53 -23.14 5.77
CA LYS A 341 27.74 -22.44 4.77
C LYS A 341 28.35 -21.09 4.40
N TYR A 342 28.80 -20.31 5.40
CA TYR A 342 29.07 -18.89 5.17
C TYR A 342 30.53 -18.48 5.21
N ARG A 343 31.41 -19.22 5.89
CA ARG A 343 32.82 -18.86 5.82
C ARG A 343 33.38 -18.94 4.41
N PRO A 344 32.99 -19.90 3.56
CA PRO A 344 33.46 -19.86 2.15
C PRO A 344 33.02 -18.63 1.39
N ARG A 345 31.94 -17.97 1.82
CA ARG A 345 31.45 -16.78 1.15
C ARG A 345 32.13 -15.52 1.65
N LEU A 346 32.86 -15.62 2.75
CA LEU A 346 33.39 -14.44 3.41
C LEU A 346 34.88 -14.47 3.67
N GLU A 347 35.55 -15.61 3.47
CA GLU A 347 36.96 -15.73 3.91
C GLU A 347 37.86 -14.74 3.19
N GLY A 348 38.77 -14.12 3.95
CA GLY A 348 39.66 -13.12 3.41
C GLY A 348 39.06 -11.75 3.19
N LYS A 349 37.77 -11.57 3.43
CA LYS A 349 37.18 -10.26 3.24
C LYS A 349 37.52 -9.35 4.41
N ARG A 350 37.77 -8.08 4.10
CA ARG A 350 38.26 -7.12 5.08
C ARG A 350 37.12 -6.20 5.54
N VAL A 351 37.10 -5.93 6.85
CA VAL A 351 36.05 -5.15 7.50
C VAL A 351 36.68 -4.04 8.33
N MET A 352 36.03 -2.89 8.37
CA MET A 352 36.38 -1.80 9.27
C MET A 352 35.19 -1.51 10.18
N LEU A 353 35.49 -1.23 11.44
CA LEU A 353 34.47 -1.03 12.47
C LEU A 353 34.53 0.37 13.06
N TYR A 354 33.38 0.86 13.53
CA TYR A 354 33.36 2.03 14.41
C TYR A 354 32.05 1.99 15.19
N ILE A 355 32.15 1.82 16.51
CA ILE A 355 30.95 1.74 17.35
C ILE A 355 31.24 2.48 18.65
N GLY A 356 30.53 2.14 19.73
CA GLY A 356 30.62 2.93 20.95
C GLY A 356 31.70 2.60 21.97
N GLY A 357 31.59 1.46 22.65
CA GLY A 357 32.50 1.18 23.77
C GLY A 357 32.78 -0.27 24.09
N LEU A 358 32.26 -1.21 23.30
CA LEU A 358 32.50 -2.63 23.55
C LEU A 358 32.62 -3.40 22.25
N ARG A 359 31.59 -3.29 21.41
CA ARG A 359 31.58 -4.10 20.20
C ARG A 359 32.75 -3.88 19.25
N PRO A 360 33.44 -2.73 19.20
CA PRO A 360 34.60 -2.64 18.29
C PRO A 360 35.77 -3.57 18.66
N ARG A 361 35.84 -4.10 19.89
CA ARG A 361 36.73 -5.25 20.09
C ARG A 361 36.00 -6.58 20.18
N HIS A 362 34.78 -6.62 20.74
CA HIS A 362 34.19 -7.92 21.09
C HIS A 362 33.73 -8.73 19.89
N VAL A 363 33.50 -8.10 18.74
CA VAL A 363 33.03 -8.84 17.58
C VAL A 363 34.16 -9.34 16.70
N ILE A 364 35.41 -8.95 17.00
CA ILE A 364 36.55 -9.39 16.19
C ILE A 364 36.53 -10.91 16.01
N GLY A 365 36.39 -11.64 17.13
CA GLY A 365 36.43 -13.09 17.08
C GLY A 365 35.37 -13.69 16.18
N ALA A 366 34.15 -13.15 16.24
CA ALA A 366 33.08 -13.65 15.38
C ALA A 366 33.44 -13.46 13.90
N TYR A 367 34.07 -12.34 13.57
CA TYR A 367 34.52 -12.14 12.19
C TYR A 367 35.61 -13.14 11.83
N GLU A 368 36.54 -13.38 12.74
CA GLU A 368 37.56 -14.36 12.43
C GLU A 368 36.97 -15.76 12.31
N ASP A 369 35.87 -16.05 13.02
CA ASP A 369 35.24 -17.36 12.85
C ASP A 369 34.61 -17.54 11.47
N LEU A 370 34.46 -16.47 10.69
CA LEU A 370 34.00 -16.56 9.32
C LEU A 370 35.12 -16.23 8.33
N GLY A 371 36.36 -16.13 8.80
CA GLY A 371 37.47 -15.92 7.90
C GLY A 371 37.70 -14.50 7.42
N MET A 372 37.10 -13.51 8.05
CA MET A 372 37.36 -12.10 7.74
C MET A 372 38.31 -11.46 8.76
N GLU A 373 39.00 -10.42 8.32
CA GLU A 373 39.92 -9.69 9.18
C GLU A 373 39.44 -8.27 9.39
N VAL A 374 39.55 -7.80 10.63
CA VAL A 374 39.25 -6.40 10.96
C VAL A 374 40.54 -5.62 10.78
N VAL A 375 40.57 -4.74 9.79
CA VAL A 375 41.77 -3.98 9.48
C VAL A 375 41.74 -2.59 10.06
N GLY A 376 40.64 -2.23 10.73
CA GLY A 376 40.44 -0.91 11.27
C GLY A 376 39.30 -0.97 12.25
N THR A 377 39.54 -0.49 13.47
CA THR A 377 38.47 -0.42 14.46
C THR A 377 38.63 0.84 15.30
N GLY A 378 37.55 1.22 15.97
CA GLY A 378 37.59 2.41 16.79
C GLY A 378 36.30 2.60 17.56
N TYR A 379 36.38 3.42 18.60
CA TYR A 379 35.29 3.69 19.53
C TYR A 379 34.95 5.17 19.58
N GLU A 380 33.65 5.43 19.78
CA GLU A 380 33.16 6.78 20.07
C GLU A 380 33.65 7.29 21.42
N PHE A 381 33.62 6.43 22.47
CA PHE A 381 33.77 6.94 23.83
C PHE A 381 34.48 5.99 24.79
N ALA A 382 35.22 4.99 24.29
CA ALA A 382 35.97 4.07 25.14
C ALA A 382 37.02 4.81 25.96
N HIS A 383 37.50 4.14 27.01
CA HIS A 383 38.59 4.64 27.84
C HIS A 383 39.85 3.84 27.54
N ASN A 384 40.93 4.16 28.25
CA ASN A 384 42.18 3.45 27.96
C ASN A 384 42.13 2.00 28.36
N ASP A 385 41.37 1.66 29.41
CA ASP A 385 41.28 0.25 29.75
C ASP A 385 40.54 -0.54 28.66
N ASP A 386 39.64 0.12 27.90
CA ASP A 386 39.09 -0.52 26.70
C ASP A 386 40.16 -0.75 25.63
N TYR A 387 41.02 0.26 25.38
CA TYR A 387 42.00 0.13 24.30
C TYR A 387 43.10 -0.85 24.67
N ASP A 388 43.50 -0.86 25.95
CA ASP A 388 44.26 -1.99 26.49
C ASP A 388 43.79 -3.33 25.94
N ARG A 389 42.48 -3.57 26.06
CA ARG A 389 41.86 -4.82 25.63
C ARG A 389 41.83 -4.94 24.11
N THR A 390 41.72 -3.82 23.41
CA THR A 390 41.59 -3.83 21.95
C THR A 390 42.90 -4.21 21.29
N MET A 391 44.00 -3.58 21.71
CA MET A 391 45.26 -3.79 21.01
C MET A 391 45.63 -5.26 20.94
N LYS A 392 45.31 -6.02 21.99
CA LYS A 392 45.59 -7.45 21.99
C LYS A 392 44.75 -8.18 20.97
N GLU A 393 43.53 -7.69 20.72
CA GLU A 393 42.56 -8.37 19.88
C GLU A 393 42.66 -7.98 18.41
N MET A 394 43.39 -6.93 18.07
CA MET A 394 43.56 -6.53 16.68
C MET A 394 44.93 -6.95 16.18
N GLY A 395 45.01 -7.27 14.89
CA GLY A 395 46.29 -7.56 14.28
C GLY A 395 47.23 -6.37 14.35
N ASP A 396 48.53 -6.66 14.25
CA ASP A 396 49.54 -5.60 14.25
C ASP A 396 49.45 -4.76 12.98
N SER A 397 49.77 -3.47 13.10
CA SER A 397 49.73 -2.51 12.01
C SER A 397 48.31 -2.26 11.48
N THR A 398 47.28 -2.62 12.25
CA THR A 398 45.92 -2.16 11.94
C THR A 398 45.68 -0.76 12.52
N LEU A 399 44.61 -0.13 12.06
CA LEU A 399 44.35 1.27 12.36
C LEU A 399 43.35 1.40 13.51
N LEU A 400 43.70 2.21 14.51
CA LEU A 400 42.84 2.51 15.65
C LEU A 400 42.47 3.99 15.65
N TYR A 401 41.17 4.28 15.83
CA TYR A 401 40.73 5.66 15.78
C TYR A 401 39.75 5.89 16.91
N ASP A 402 40.07 6.87 17.77
CA ASP A 402 39.24 7.22 18.91
C ASP A 402 38.50 8.51 18.60
N ASP A 403 37.19 8.50 18.84
CA ASP A 403 36.33 9.65 18.56
C ASP A 403 36.62 10.18 17.16
N VAL A 404 36.48 9.29 16.18
CA VAL A 404 36.84 9.63 14.81
C VAL A 404 35.91 10.72 14.29
N THR A 405 36.46 11.64 13.51
CA THR A 405 35.63 12.62 12.83
C THR A 405 35.07 12.01 11.56
N GLY A 406 33.94 12.56 11.10
CA GLY A 406 33.41 12.14 9.81
C GLY A 406 34.47 12.20 8.73
N TYR A 407 35.29 13.24 8.74
CA TYR A 407 36.25 13.43 7.67
C TYR A 407 37.31 12.33 7.69
N GLU A 408 37.91 12.08 8.86
CA GLU A 408 38.94 11.03 8.95
C GLU A 408 38.40 9.68 8.47
N PHE A 409 37.23 9.29 8.97
CA PHE A 409 36.69 7.96 8.66
C PHE A 409 36.47 7.79 7.16
N GLU A 410 35.90 8.82 6.50
CA GLU A 410 35.73 8.76 5.05
C GLU A 410 37.08 8.63 4.35
N GLU A 411 38.08 9.34 4.85
CA GLU A 411 39.42 9.28 4.25
C GLU A 411 40.11 7.95 4.49
N PHE A 412 39.98 7.41 5.71
CA PHE A 412 40.54 6.09 5.98
C PHE A 412 39.90 5.03 5.09
N VAL A 413 38.57 5.05 4.99
CA VAL A 413 37.89 4.05 4.18
C VAL A 413 38.27 4.20 2.72
N LYS A 414 38.44 5.43 2.24
CA LYS A 414 38.76 5.63 0.83
C LYS A 414 40.13 5.05 0.49
N ARG A 415 41.11 5.19 1.38
CA ARG A 415 42.42 4.62 1.09
C ARG A 415 42.45 3.12 1.38
N ILE A 416 41.82 2.70 2.47
CA ILE A 416 41.90 1.30 2.88
C ILE A 416 41.02 0.41 2.00
N LYS A 417 39.88 0.94 1.57
CA LYS A 417 38.92 0.22 0.73
C LYS A 417 38.50 -1.13 1.33
N PRO A 418 37.85 -1.13 2.49
CA PRO A 418 37.41 -2.40 3.08
C PRO A 418 36.34 -3.04 2.21
N ASP A 419 36.04 -4.30 2.52
CA ASP A 419 34.94 -5.01 1.86
C ASP A 419 33.60 -4.82 2.59
N LEU A 420 33.63 -4.50 3.88
CA LEU A 420 32.43 -4.21 4.65
C LEU A 420 32.77 -3.23 5.77
N ILE A 421 31.80 -2.38 6.10
CA ILE A 421 31.92 -1.43 7.20
C ILE A 421 30.80 -1.73 8.19
N GLY A 422 31.15 -1.86 9.45
CA GLY A 422 30.20 -2.05 10.52
C GLY A 422 30.17 -0.82 11.42
N SER A 423 29.13 0.01 11.34
CA SER A 423 29.04 1.18 12.20
C SER A 423 27.56 1.51 12.43
N GLY A 424 27.21 2.80 12.54
CA GLY A 424 25.88 3.21 12.94
C GLY A 424 25.07 3.90 11.86
N ILE A 425 23.89 4.40 12.28
CA ILE A 425 22.90 4.95 11.34
C ILE A 425 23.45 6.18 10.64
N LYS A 426 24.21 7.03 11.37
CA LYS A 426 24.73 8.26 10.78
C LYS A 426 25.83 8.00 9.77
N GLU A 427 26.42 6.81 9.80
CA GLU A 427 27.45 6.39 8.87
C GLU A 427 26.90 5.59 7.70
N LYS A 428 25.85 4.80 7.97
CA LYS A 428 25.37 3.81 7.00
C LYS A 428 25.23 4.36 5.58
N PHE A 429 24.43 5.43 5.43
CA PHE A 429 24.09 5.86 4.09
C PHE A 429 25.23 6.57 3.37
N ILE A 430 26.23 7.05 4.10
CA ILE A 430 27.42 7.59 3.43
C ILE A 430 28.11 6.51 2.62
N PHE A 431 28.42 5.36 3.24
CA PHE A 431 29.32 4.42 2.60
C PHE A 431 28.63 3.55 1.56
N GLN A 432 27.32 3.38 1.68
CA GLN A 432 26.57 2.75 0.60
C GLN A 432 26.71 3.56 -0.69
N LYS A 433 26.63 4.89 -0.58
CA LYS A 433 26.86 5.77 -1.74
C LYS A 433 28.15 5.37 -2.46
N MET A 434 29.21 5.16 -1.68
CA MET A 434 30.51 4.82 -2.24
C MET A 434 30.57 3.38 -2.75
N GLY A 435 29.52 2.60 -2.54
CA GLY A 435 29.52 1.23 -3.00
C GLY A 435 30.21 0.29 -2.06
N ILE A 436 30.21 0.60 -0.77
CA ILE A 436 30.83 -0.27 0.21
C ILE A 436 29.72 -0.91 1.04
N PRO A 437 29.56 -2.22 0.99
CA PRO A 437 28.57 -2.88 1.86
C PRO A 437 28.76 -2.43 3.30
N PHE A 438 27.62 -2.20 3.97
CA PHE A 438 27.56 -1.67 5.31
C PHE A 438 26.55 -2.45 6.13
N ARG A 439 26.95 -2.84 7.34
CA ARG A 439 26.05 -3.39 8.36
C ARG A 439 26.02 -2.47 9.58
N GLU A 440 24.81 -2.13 10.04
CA GLU A 440 24.67 -1.42 11.31
C GLU A 440 25.08 -2.36 12.45
N MET A 441 26.10 -1.96 13.22
CA MET A 441 26.54 -2.77 14.34
C MET A 441 26.14 -2.20 15.70
N HIS A 442 25.16 -1.28 15.74
CA HIS A 442 24.38 -1.02 16.96
C HIS A 442 22.99 -1.64 16.89
N SER A 443 22.19 -1.26 15.89
CA SER A 443 20.84 -1.80 15.75
C SER A 443 20.81 -3.17 15.11
N TRP A 444 21.97 -3.74 14.75
CA TRP A 444 22.00 -4.99 14.00
C TRP A 444 21.26 -4.89 12.67
N ASP A 445 20.97 -3.68 12.19
CA ASP A 445 20.17 -3.50 10.95
C ASP A 445 18.80 -4.19 11.06
N TYR A 446 18.22 -4.09 12.25
CA TYR A 446 16.85 -4.54 12.52
C TYR A 446 16.74 -6.06 12.44
N SER A 447 17.90 -6.73 12.53
CA SER A 447 18.06 -8.17 12.51
C SER A 447 18.54 -8.65 13.88
N GLY A 448 19.24 -9.78 13.90
CA GLY A 448 19.72 -10.36 15.13
C GLY A 448 18.70 -11.25 15.80
N PRO A 449 19.05 -11.79 16.99
CA PRO A 449 20.23 -11.43 17.80
C PRO A 449 21.57 -11.89 17.21
N TYR A 450 22.68 -11.36 17.73
CA TYR A 450 24.02 -11.78 17.36
C TYR A 450 24.78 -12.42 18.51
N HIS A 451 24.21 -12.47 19.72
CA HIS A 451 24.89 -13.12 20.83
C HIS A 451 24.65 -14.64 20.78
N GLY A 452 25.67 -15.40 21.16
CA GLY A 452 25.52 -16.82 21.38
C GLY A 452 25.47 -17.62 20.10
N PHE A 453 25.14 -18.91 20.27
CA PHE A 453 25.15 -19.82 19.13
C PHE A 453 24.03 -19.49 18.15
N ASP A 454 22.84 -19.18 18.66
CA ASP A 454 21.75 -18.79 17.77
C ASP A 454 22.03 -17.45 17.10
N GLY A 455 22.69 -16.52 17.81
CA GLY A 455 23.01 -15.24 17.22
C GLY A 455 24.06 -15.32 16.12
N PHE A 456 25.05 -16.21 16.28
CA PHE A 456 26.09 -16.37 15.26
C PHE A 456 25.50 -16.77 13.90
N ALA A 457 24.54 -17.69 13.89
CA ALA A 457 23.90 -18.06 12.63
C ALA A 457 23.29 -16.83 11.95
N ILE A 458 22.65 -15.97 12.72
CA ILE A 458 22.03 -14.77 12.16
C ILE A 458 23.09 -13.77 11.71
N PHE A 459 24.18 -13.63 12.49
CA PHE A 459 25.27 -12.75 12.10
C PHE A 459 25.90 -13.20 10.78
N ALA A 460 26.27 -14.49 10.69
CA ALA A 460 26.86 -14.98 9.45
C ALA A 460 25.94 -14.74 8.28
N ARG A 461 24.65 -15.07 8.45
CA ARG A 461 23.63 -14.75 7.46
C ARG A 461 23.66 -13.28 7.06
N ASP A 462 23.76 -12.38 8.05
CA ASP A 462 23.64 -10.95 7.78
C ASP A 462 24.89 -10.36 7.12
N MET A 463 26.09 -10.79 7.52
CA MET A 463 27.29 -10.33 6.83
C MET A 463 27.28 -10.78 5.37
N ASP A 464 26.94 -12.05 5.12
CA ASP A 464 26.93 -12.57 3.75
C ASP A 464 25.87 -11.90 2.89
N MET A 465 24.65 -11.77 3.43
CA MET A 465 23.56 -11.15 2.69
C MET A 465 23.95 -9.80 2.11
N THR A 466 24.66 -8.98 2.89
CA THR A 466 25.03 -7.65 2.46
C THR A 466 26.38 -7.62 1.71
N LEU A 467 27.43 -8.27 2.22
CA LEU A 467 28.70 -8.26 1.48
C LEU A 467 28.51 -8.73 0.04
N ASN A 468 27.84 -9.87 -0.15
CA ASN A 468 27.74 -10.48 -1.47
C ASN A 468 26.45 -10.13 -2.19
N ASN A 469 25.76 -9.05 -1.75
CA ASN A 469 24.46 -8.74 -2.36
C ASN A 469 24.67 -8.29 -3.81
N PRO A 470 23.74 -8.64 -4.70
CA PRO A 470 23.93 -8.28 -6.12
C PRO A 470 23.91 -6.78 -6.36
N CYS A 471 23.26 -5.99 -5.49
CA CYS A 471 23.22 -4.54 -5.69
C CYS A 471 24.62 -3.93 -5.82
N TRP A 472 25.63 -4.49 -5.14
CA TRP A 472 26.92 -3.81 -5.10
C TRP A 472 27.71 -3.93 -6.40
N LYS A 473 27.16 -4.61 -7.38
CA LYS A 473 27.86 -4.73 -8.65
C LYS A 473 27.37 -3.71 -9.65
N LYS A 474 26.34 -2.94 -9.31
CA LYS A 474 25.61 -2.15 -10.30
C LYS A 474 25.71 -0.66 -10.03
N LEU A 475 26.75 -0.21 -9.32
CA LEU A 475 26.84 1.19 -8.96
C LEU A 475 27.26 2.08 -10.12
N GLN A 476 28.12 1.60 -11.02
CA GLN A 476 28.52 2.41 -12.17
C GLN A 476 27.62 2.07 -13.36
N ALA A 477 27.11 3.10 -14.03
CA ALA A 477 26.31 2.85 -15.23
C ALA A 477 27.18 2.22 -16.31
N PRO A 478 26.64 1.30 -17.10
CA PRO A 478 27.40 0.73 -18.22
C PRO A 478 27.80 1.73 -19.30
N TRP A 479 27.51 3.01 -19.10
CA TRP A 479 27.94 4.04 -20.05
C TRP A 479 28.72 5.16 -19.38
N GLU A 480 29.17 4.98 -18.13
CA GLU A 480 29.83 6.02 -17.33
C GLU A 480 28.91 7.22 -17.07
N SER B 2 18.14 -22.92 19.44
CA SER B 2 18.59 -23.76 18.34
C SER B 2 18.32 -23.11 16.98
N GLN B 3 19.13 -23.44 15.98
CA GLN B 3 18.90 -22.94 14.63
C GLN B 3 19.03 -24.09 13.63
N GLN B 4 18.25 -24.01 12.58
CA GLN B 4 18.42 -24.87 11.41
C GLN B 4 19.13 -24.05 10.34
N VAL B 5 20.30 -24.52 9.91
CA VAL B 5 21.18 -23.72 9.07
C VAL B 5 20.46 -23.30 7.79
N ASP B 6 19.61 -24.16 7.26
CA ASP B 6 18.89 -23.87 6.03
C ASP B 6 17.86 -22.77 6.22
N LYS B 7 17.23 -22.68 7.40
CA LYS B 7 16.14 -21.72 7.66
C LYS B 7 16.36 -20.97 8.98
N ILE B 8 17.30 -20.01 8.96
CA ILE B 8 17.66 -19.26 10.16
C ILE B 8 16.52 -18.33 10.56
N LYS B 9 16.19 -18.32 11.83
CA LYS B 9 15.15 -17.44 12.37
C LYS B 9 15.81 -16.28 13.12
N ALA B 10 15.54 -15.06 12.68
CA ALA B 10 15.79 -13.86 13.47
C ALA B 10 14.84 -13.82 14.66
N SER B 11 14.95 -12.74 15.46
CA SER B 11 14.27 -12.64 16.76
C SER B 11 12.80 -13.04 16.68
N TYR B 12 12.10 -12.52 15.69
CA TYR B 12 10.86 -13.14 15.28
C TYR B 12 11.15 -14.04 14.09
N PRO B 13 10.82 -15.35 14.16
CA PRO B 13 10.06 -16.01 15.21
C PRO B 13 10.90 -16.89 16.16
N LEU B 14 12.22 -16.67 16.20
CA LEU B 14 13.10 -17.54 16.98
C LEU B 14 12.63 -17.65 18.42
N PHE B 15 12.34 -16.52 19.06
CA PHE B 15 11.99 -16.53 20.47
C PHE B 15 10.60 -17.11 20.74
N LEU B 16 9.86 -17.54 19.72
CA LEU B 16 8.66 -18.35 19.89
C LEU B 16 8.97 -19.84 19.99
N ASP B 17 10.22 -20.25 19.84
CA ASP B 17 10.57 -21.63 20.11
C ASP B 17 10.19 -21.98 21.54
N GLN B 18 9.80 -23.24 21.75
CA GLN B 18 9.34 -23.66 23.08
C GLN B 18 10.40 -23.40 24.15
N ASP B 19 11.66 -23.72 23.86
CA ASP B 19 12.69 -23.62 24.90
C ASP B 19 12.98 -22.17 25.28
N TYR B 20 12.83 -21.23 24.34
CA TYR B 20 12.92 -19.81 24.69
C TYR B 20 11.68 -19.38 25.47
N LYS B 21 10.51 -19.84 25.04
CA LYS B 21 9.26 -19.50 25.72
C LYS B 21 9.30 -19.94 27.18
N ASP B 22 9.72 -21.19 27.42
CA ASP B 22 9.82 -21.69 28.79
C ASP B 22 10.80 -20.84 29.59
N MET B 23 11.96 -20.52 29.00
CA MET B 23 12.96 -19.76 29.71
C MET B 23 12.43 -18.38 30.11
N LEU B 24 11.65 -17.76 29.21
CA LEU B 24 11.09 -16.44 29.51
C LEU B 24 10.01 -16.53 30.59
N ALA B 25 9.24 -17.61 30.60
CA ALA B 25 8.26 -17.80 31.66
C ALA B 25 8.96 -17.93 33.01
N LYS B 26 10.05 -18.70 33.09
CA LYS B 26 10.73 -18.87 34.37
C LYS B 26 11.40 -17.58 34.83
N LYS B 27 11.77 -16.70 33.91
CA LYS B 27 12.37 -15.42 34.31
C LYS B 27 11.32 -14.52 34.94
N ARG B 28 10.15 -14.45 34.33
CA ARG B 28 9.05 -13.65 34.85
C ARG B 28 8.64 -14.13 36.25
N ASP B 29 8.39 -15.43 36.39
CA ASP B 29 7.97 -15.98 37.67
C ASP B 29 9.12 -16.03 38.67
N GLY B 30 10.35 -16.24 38.19
CA GLY B 30 11.48 -16.36 39.10
C GLY B 30 11.85 -15.04 39.77
N PHE B 31 11.93 -13.96 38.99
CA PHE B 31 12.60 -12.76 39.46
C PHE B 31 11.95 -11.44 39.08
N GLU B 32 10.92 -11.44 38.23
CA GLU B 32 10.36 -10.20 37.70
C GLU B 32 9.22 -9.65 38.56
N GLU B 33 8.65 -10.46 39.46
CA GLU B 33 7.63 -10.01 40.40
C GLU B 33 6.52 -9.27 39.68
N LYS B 34 6.05 -9.87 38.59
CA LYS B 34 5.12 -9.24 37.67
C LYS B 34 3.71 -9.21 38.24
N TYR B 35 2.98 -8.14 37.93
CA TYR B 35 1.56 -8.09 38.26
C TYR B 35 0.83 -9.26 37.62
N PRO B 36 -0.22 -9.78 38.26
CA PRO B 36 -0.99 -10.88 37.67
C PRO B 36 -1.58 -10.51 36.33
N GLN B 37 -1.64 -11.49 35.43
CA GLN B 37 -2.21 -11.24 34.11
C GLN B 37 -3.63 -10.69 34.23
N ASP B 38 -4.41 -11.21 35.20
CA ASP B 38 -5.76 -10.70 35.43
C ASP B 38 -5.74 -9.21 35.77
N LYS B 39 -4.77 -8.78 36.58
CA LYS B 39 -4.68 -7.36 36.90
C LYS B 39 -4.19 -6.55 35.71
N ILE B 40 -3.29 -7.12 34.91
CA ILE B 40 -2.84 -6.44 33.69
C ILE B 40 -4.01 -6.23 32.74
N ASP B 41 -4.79 -7.30 32.49
CA ASP B 41 -5.98 -7.16 31.64
C ASP B 41 -6.95 -6.13 32.22
N GLU B 42 -7.18 -6.17 33.52
CA GLU B 42 -8.10 -5.22 34.16
C GLU B 42 -7.63 -3.78 33.96
N VAL B 43 -6.34 -3.52 34.17
CA VAL B 43 -5.83 -2.16 33.98
C VAL B 43 -5.92 -1.75 32.51
N PHE B 44 -5.63 -2.67 31.59
CA PHE B 44 -5.71 -2.34 30.16
C PHE B 44 -7.13 -1.93 29.78
N GLN B 45 -8.12 -2.76 30.13
CA GLN B 45 -9.50 -2.43 29.83
C GLN B 45 -9.84 -1.04 30.36
N TRP B 46 -9.41 -0.73 31.58
CA TRP B 46 -9.68 0.58 32.17
C TRP B 46 -9.09 1.71 31.34
N THR B 47 -7.83 1.56 30.87
CA THR B 47 -7.23 2.61 30.05
C THR B 47 -7.99 2.87 28.75
N THR B 48 -8.94 2.01 28.39
CA THR B 48 -9.75 2.22 27.19
C THR B 48 -11.09 2.87 27.49
N THR B 49 -11.37 3.22 28.75
CA THR B 49 -12.70 3.72 29.10
C THR B 49 -12.79 5.23 28.97
N LYS B 50 -14.03 5.71 29.06
CA LYS B 50 -14.26 7.15 29.04
C LYS B 50 -13.90 7.79 30.39
N GLU B 51 -13.99 7.02 31.48
CA GLU B 51 -13.53 7.51 32.78
C GLU B 51 -12.02 7.77 32.74
N TYR B 52 -11.26 6.82 32.20
CA TYR B 52 -9.83 7.06 32.04
C TYR B 52 -9.60 8.26 31.12
N GLN B 53 -10.36 8.35 30.02
CA GLN B 53 -10.18 9.45 29.08
C GLN B 53 -10.27 10.81 29.78
N GLU B 54 -11.29 10.99 30.64
CA GLU B 54 -11.47 12.27 31.31
C GLU B 54 -10.31 12.58 32.27
N LEU B 55 -9.87 11.57 33.04
CA LEU B 55 -8.66 11.75 33.83
C LEU B 55 -7.48 12.09 32.93
N ASN B 56 -7.37 11.41 31.79
CA ASN B 56 -6.20 11.57 30.90
C ASN B 56 -6.15 12.97 30.31
N PHE B 57 -7.32 13.54 30.02
CA PHE B 57 -7.41 14.89 29.47
C PHE B 57 -7.32 15.96 30.53
N GLN B 58 -7.13 15.56 31.79
CA GLN B 58 -6.89 16.50 32.86
C GLN B 58 -5.41 16.65 33.20
N ARG B 59 -4.50 16.07 32.42
CA ARG B 59 -3.08 16.29 32.67
C ARG B 59 -2.70 17.74 32.43
N GLU B 60 -1.93 18.30 33.35
CA GLU B 60 -1.38 19.64 33.17
C GLU B 60 0.13 19.65 33.14
N ALA B 61 0.77 18.60 33.64
CA ALA B 61 2.21 18.51 33.80
C ALA B 61 2.83 17.45 32.90
N LEU B 62 2.21 16.30 32.78
CA LEU B 62 2.79 15.17 32.09
C LEU B 62 2.38 15.19 30.62
N THR B 63 3.36 15.02 29.74
CA THR B 63 3.14 14.75 28.33
C THR B 63 3.57 13.32 28.03
N VAL B 64 2.79 12.61 27.22
CA VAL B 64 3.06 11.21 26.89
C VAL B 64 2.94 11.04 25.37
N ASN B 65 3.98 10.47 24.75
CA ASN B 65 4.03 10.27 23.31
C ASN B 65 3.74 11.59 22.58
N PRO B 66 4.62 12.58 22.65
CA PRO B 66 4.32 13.86 21.98
C PRO B 66 4.24 13.67 20.47
N ALA B 67 3.54 14.61 19.83
CA ALA B 67 3.52 14.69 18.37
C ALA B 67 4.22 15.97 17.92
N LYS B 68 5.41 16.22 18.46
CA LYS B 68 6.23 17.35 18.02
C LYS B 68 7.68 17.05 18.35
N ALA B 69 8.56 17.85 17.76
CA ALA B 69 9.98 17.79 18.11
C ALA B 69 10.43 19.20 18.49
N CYS B 70 11.73 19.43 18.55
CA CYS B 70 12.25 20.68 19.10
C CYS B 70 12.92 21.52 18.01
N GLN B 71 13.05 22.81 18.29
CA GLN B 71 13.36 23.84 17.30
C GLN B 71 14.56 23.52 16.42
N PRO B 72 15.74 23.22 16.95
CA PRO B 72 16.90 23.12 16.06
C PRO B 72 16.79 21.98 15.06
N LEU B 73 15.89 21.03 15.26
CA LEU B 73 15.62 20.07 14.19
C LEU B 73 15.14 20.79 12.93
N GLY B 74 14.19 21.72 13.09
CA GLY B 74 13.74 22.52 11.98
C GLY B 74 14.83 23.39 11.38
N ALA B 75 15.65 24.03 12.23
CA ALA B 75 16.71 24.87 11.71
C ALA B 75 17.68 24.06 10.84
N VAL B 76 18.04 22.85 11.28
CA VAL B 76 18.95 22.01 10.51
C VAL B 76 18.36 21.69 9.13
N LEU B 77 17.07 21.36 9.08
CA LEU B 77 16.42 21.03 7.81
C LEU B 77 16.42 22.25 6.89
N CYS B 78 16.07 23.42 7.44
CA CYS B 78 16.08 24.65 6.64
C CYS B 78 17.46 24.91 6.06
N ALA B 79 18.50 24.87 6.89
CA ALA B 79 19.87 25.13 6.44
C ALA B 79 20.30 24.17 5.33
N LEU B 80 19.87 22.89 5.40
CA LEU B 80 20.29 21.92 4.39
C LEU B 80 19.83 22.29 2.98
N GLY B 81 18.80 23.15 2.86
CA GLY B 81 18.31 23.59 1.57
C GLY B 81 19.12 24.67 0.89
N PHE B 82 20.27 25.10 1.45
CA PHE B 82 21.10 26.12 0.84
C PHE B 82 22.39 25.51 0.33
N GLU B 83 22.83 25.97 -0.85
CA GLU B 83 23.95 25.35 -1.56
C GLU B 83 25.21 25.34 -0.68
N LYS B 84 25.89 24.19 -0.67
CA LYS B 84 27.17 24.03 0.01
C LYS B 84 27.12 24.55 1.45
N THR B 85 26.00 24.37 2.12
CA THR B 85 25.81 24.93 3.46
C THR B 85 25.91 23.84 4.53
N MET B 86 26.73 24.09 5.57
CA MET B 86 26.87 23.17 6.69
C MET B 86 25.97 23.61 7.84
N PRO B 87 24.91 22.88 8.17
CA PRO B 87 24.19 23.17 9.42
C PRO B 87 25.13 23.02 10.61
N TYR B 88 25.00 23.92 11.57
CA TYR B 88 25.94 24.06 12.67
C TYR B 88 25.14 24.45 13.91
N VAL B 89 25.11 23.60 14.92
CA VAL B 89 24.26 23.85 16.09
C VAL B 89 25.20 24.19 17.25
N HIS B 90 25.31 25.46 17.53
CA HIS B 90 26.10 25.92 18.68
C HIS B 90 25.46 25.39 19.95
N GLY B 91 26.14 24.50 20.65
CA GLY B 91 25.55 23.88 21.83
C GLY B 91 26.16 22.50 22.07
N SER B 92 25.38 21.64 22.72
CA SER B 92 25.91 20.33 23.11
C SER B 92 25.72 19.30 22.00
N GLN B 93 26.71 18.39 21.90
CA GLN B 93 26.82 17.47 20.76
C GLN B 93 25.68 16.44 20.74
N GLY B 94 25.21 16.00 21.91
CA GLY B 94 24.15 14.99 21.96
C GLY B 94 23.00 15.31 21.04
N CYS B 95 22.65 16.59 20.93
CA CYS B 95 21.51 17.02 20.14
C CYS B 95 21.70 16.72 18.67
N VAL B 96 22.87 17.09 18.14
CA VAL B 96 23.17 16.94 16.73
C VAL B 96 23.21 15.47 16.34
N ALA B 97 23.78 14.62 17.19
CA ALA B 97 23.67 13.18 16.98
C ALA B 97 22.22 12.76 16.79
N TYR B 98 21.32 13.29 17.62
CA TYR B 98 19.92 12.93 17.51
C TYR B 98 19.29 13.53 16.25
N PHE B 99 19.58 14.81 15.97
CA PHE B 99 19.02 15.41 14.76
C PHE B 99 19.36 14.58 13.53
N ARG B 100 20.64 14.26 13.38
CA ARG B 100 21.12 13.51 12.23
C ARG B 100 20.44 12.14 12.13
N SER B 101 20.41 11.40 13.24
CA SER B 101 19.84 10.06 13.17
C SER B 101 18.34 10.10 12.95
N TYR B 102 17.67 11.10 13.54
CA TYR B 102 16.24 11.29 13.27
C TYR B 102 15.98 11.37 11.76
N PHE B 103 16.67 12.31 11.10
CA PHE B 103 16.56 12.48 9.66
C PHE B 103 17.14 11.29 8.89
N ASN B 104 18.24 10.66 9.37
CA ASN B 104 18.78 9.48 8.66
C ASN B 104 17.70 8.41 8.46
N ARG B 105 16.89 8.19 9.49
CA ARG B 105 15.95 7.07 9.46
C ARG B 105 14.71 7.40 8.64
N HIS B 106 14.36 8.68 8.52
CA HIS B 106 13.22 9.06 7.70
C HIS B 106 13.58 9.09 6.23
N PHE B 107 14.71 9.74 5.88
CA PHE B 107 15.05 9.89 4.48
C PHE B 107 15.90 8.74 3.93
N ARG B 108 16.50 7.94 4.80
CA ARG B 108 17.47 6.92 4.38
C ARG B 108 18.58 7.55 3.53
N GLU B 109 19.13 8.64 4.05
CA GLU B 109 20.19 9.42 3.42
C GLU B 109 21.17 9.90 4.48
N PRO B 110 22.38 10.28 4.07
CA PRO B 110 23.27 10.98 5.00
C PRO B 110 22.70 12.34 5.34
N VAL B 111 22.95 12.77 6.57
CA VAL B 111 22.54 14.09 7.02
C VAL B 111 23.75 14.69 7.71
N SER B 112 24.32 15.74 7.10
CA SER B 112 25.53 16.36 7.61
C SER B 112 25.17 17.56 8.48
N CYS B 113 25.82 17.65 9.64
CA CYS B 113 25.53 18.67 10.63
C CYS B 113 26.61 18.58 11.70
N VAL B 114 27.16 19.71 12.10
CA VAL B 114 28.17 19.67 13.15
C VAL B 114 27.67 20.37 14.39
N SER B 115 28.39 20.11 15.47
CA SER B 115 28.21 20.69 16.78
C SER B 115 29.48 21.48 17.08
N ASP B 116 29.45 22.36 18.09
CA ASP B 116 30.73 22.83 18.63
C ASP B 116 30.93 22.33 20.05
N SER B 117 30.15 21.32 20.44
CA SER B 117 30.45 20.43 21.55
C SER B 117 30.75 21.21 22.84
N MET B 118 29.79 22.02 23.26
CA MET B 118 29.93 22.69 24.54
C MET B 118 29.75 21.67 25.67
N THR B 119 30.66 21.68 26.64
CA THR B 119 30.65 20.73 27.75
C THR B 119 30.51 21.47 29.07
N GLU B 120 30.81 20.80 30.18
CA GLU B 120 30.66 21.45 31.48
C GLU B 120 31.48 22.73 31.55
N ASP B 121 32.65 22.74 30.89
CA ASP B 121 33.53 23.92 30.86
C ASP B 121 32.81 25.12 30.26
N ALA B 122 32.11 24.92 29.14
CA ALA B 122 31.35 26.00 28.51
C ALA B 122 30.09 26.34 29.30
N ALA B 123 29.58 25.40 30.09
CA ALA B 123 28.43 25.71 30.91
C ALA B 123 28.78 26.69 32.01
N VAL B 124 30.05 26.79 32.38
CA VAL B 124 30.46 27.71 33.45
C VAL B 124 30.89 29.06 32.89
N PHE B 125 31.67 29.06 31.81
CA PHE B 125 32.25 30.28 31.27
C PHE B 125 31.71 30.66 29.89
N GLY B 126 30.75 29.93 29.34
CA GLY B 126 30.17 30.29 28.06
C GLY B 126 30.92 29.64 26.90
N GLY B 127 30.20 29.43 25.79
CA GLY B 127 30.77 28.70 24.66
C GLY B 127 31.52 29.52 23.64
N GLN B 128 32.16 30.63 24.07
CA GLN B 128 32.80 31.55 23.12
C GLN B 128 33.93 30.86 22.36
N GLN B 129 34.79 30.14 23.08
CA GLN B 129 35.91 29.46 22.45
C GLN B 129 35.43 28.31 21.58
N ASN B 130 34.28 27.73 21.90
CA ASN B 130 33.72 26.66 21.07
C ASN B 130 33.34 27.18 19.70
N MET B 131 32.73 28.37 19.65
CA MET B 131 32.33 28.95 18.38
C MET B 131 33.52 29.37 17.54
N LYS B 132 34.57 29.90 18.18
CA LYS B 132 35.73 30.34 17.43
C LYS B 132 36.45 29.15 16.79
N ASP B 133 36.73 28.12 17.59
CA ASP B 133 37.43 26.95 17.07
C ASP B 133 36.51 26.09 16.19
N GLY B 134 35.22 26.01 16.55
CA GLY B 134 34.28 25.23 15.75
C GLY B 134 34.11 25.78 14.35
N LEU B 135 33.89 27.08 14.23
CA LEU B 135 33.75 27.70 12.92
C LEU B 135 35.01 27.51 12.07
N GLN B 136 36.20 27.67 12.66
CA GLN B 136 37.42 27.47 11.90
C GLN B 136 37.61 26.01 11.52
N ASN B 137 37.36 25.09 12.45
CA ASN B 137 37.50 23.67 12.15
C ASN B 137 36.52 23.25 11.05
N CYS B 138 35.26 23.68 11.18
CA CYS B 138 34.22 23.27 10.25
C CYS B 138 34.55 23.72 8.83
N LYS B 139 34.87 25.01 8.67
CA LYS B 139 35.17 25.53 7.34
C LYS B 139 36.36 24.82 6.71
N ALA B 140 37.40 24.56 7.51
CA ALA B 140 38.60 23.95 6.94
C ALA B 140 38.35 22.49 6.59
N THR B 141 37.63 21.76 7.44
CA THR B 141 37.53 20.31 7.29
C THR B 141 36.51 19.90 6.24
N TYR B 142 35.34 20.52 6.26
CA TYR B 142 34.22 20.14 5.39
C TYR B 142 33.97 21.15 4.28
N LYS B 143 34.69 22.26 4.29
CA LYS B 143 34.70 23.25 3.20
C LYS B 143 33.33 23.71 2.70
N PRO B 144 32.42 24.13 3.59
CA PRO B 144 31.15 24.68 3.14
C PRO B 144 31.30 26.10 2.61
N ASP B 145 30.41 26.48 1.69
CA ASP B 145 30.30 27.86 1.25
C ASP B 145 29.63 28.75 2.28
N MET B 146 28.96 28.15 3.27
CA MET B 146 28.25 28.92 4.28
C MET B 146 28.00 28.01 5.47
N ILE B 147 27.98 28.59 6.65
CA ILE B 147 27.73 27.86 7.89
C ILE B 147 26.53 28.51 8.56
N ALA B 148 25.41 27.75 8.66
CA ALA B 148 24.17 28.25 9.26
C ALA B 148 24.06 27.77 10.71
N VAL B 149 23.98 28.71 11.66
CA VAL B 149 24.15 28.44 13.09
C VAL B 149 22.80 28.45 13.82
N SER B 150 22.56 27.42 14.63
CA SER B 150 21.40 27.23 15.51
C SER B 150 21.91 27.00 16.93
N THR B 151 20.97 26.82 17.86
CA THR B 151 21.35 26.63 19.25
C THR B 151 20.56 25.52 19.90
N THR B 152 21.21 24.84 20.84
CA THR B 152 20.54 23.89 21.73
C THR B 152 20.15 24.57 23.04
N CYS B 153 19.33 23.87 23.84
CA CYS B 153 18.75 24.55 24.99
C CYS B 153 19.82 24.98 25.99
N MET B 154 20.95 24.27 26.09
CA MET B 154 22.04 24.72 26.97
C MET B 154 22.52 26.12 26.58
N ALA B 155 22.78 26.34 25.29
CA ALA B 155 23.28 27.63 24.84
C ALA B 155 22.28 28.74 25.15
N GLU B 156 20.99 28.47 24.99
CA GLU B 156 19.98 29.49 25.27
C GLU B 156 19.93 29.82 26.75
N VAL B 157 19.93 28.80 27.61
CA VAL B 157 19.77 29.03 29.04
C VAL B 157 20.91 29.88 29.58
N ILE B 158 22.15 29.50 29.28
CA ILE B 158 23.29 30.30 29.72
C ILE B 158 23.45 31.57 28.91
N GLY B 159 22.73 31.73 27.82
CA GLY B 159 22.68 32.97 27.09
C GLY B 159 23.93 33.40 26.35
N ASP B 160 24.49 32.53 25.51
CA ASP B 160 25.59 32.95 24.65
C ASP B 160 25.09 33.99 23.65
N ASP B 161 25.88 35.05 23.45
CA ASP B 161 25.62 36.04 22.40
C ASP B 161 26.21 35.52 21.10
N LEU B 162 25.34 34.96 20.24
CA LEU B 162 25.82 34.40 18.98
C LEU B 162 26.41 35.46 18.07
N ASN B 163 25.73 36.60 17.94
CA ASN B 163 26.26 37.68 17.10
C ASN B 163 27.67 38.07 17.55
N ALA B 164 27.85 38.23 18.86
CA ALA B 164 29.15 38.67 19.38
C ALA B 164 30.21 37.58 19.20
N PHE B 165 29.87 36.32 19.48
CA PHE B 165 30.80 35.20 19.27
C PHE B 165 31.21 35.09 17.80
N ILE B 166 30.26 35.24 16.88
CA ILE B 166 30.59 35.08 15.47
C ILE B 166 31.42 36.28 14.99
N ASN B 167 30.98 37.50 15.33
CA ASN B 167 31.72 38.69 14.90
C ASN B 167 33.14 38.66 15.44
N ASN B 168 33.31 38.23 16.70
CA ASN B 168 34.64 38.08 17.27
C ASN B 168 35.46 37.05 16.53
N SER B 169 34.83 35.94 16.11
CA SER B 169 35.53 34.94 15.33
C SER B 169 36.10 35.53 14.04
N LYS B 170 35.35 36.40 13.37
CA LYS B 170 35.91 37.09 12.21
C LYS B 170 36.99 38.08 12.64
N LYS B 171 36.75 38.82 13.72
CA LYS B 171 37.69 39.85 14.17
C LYS B 171 39.03 39.24 14.53
N GLU B 172 39.02 38.16 15.32
CA GLU B 172 40.26 37.50 15.72
C GLU B 172 40.78 36.51 14.70
N GLY B 173 40.17 36.44 13.50
CA GLY B 173 40.74 35.74 12.38
C GLY B 173 40.49 34.26 12.28
N PHE B 174 39.48 33.72 12.97
CA PHE B 174 39.24 32.29 12.89
C PHE B 174 38.59 31.89 11.56
N ILE B 175 37.88 32.84 10.94
CA ILE B 175 37.29 32.64 9.62
C ILE B 175 37.33 33.99 8.89
N PRO B 176 37.26 34.02 7.55
CA PRO B 176 37.32 35.31 6.85
C PRO B 176 36.12 36.20 7.17
N ASP B 177 36.35 37.52 7.09
CA ASP B 177 35.27 38.46 7.36
C ASP B 177 34.08 38.23 6.42
N GLU B 178 34.35 38.01 5.13
CA GLU B 178 33.27 37.91 4.15
C GLU B 178 32.58 36.55 4.13
N PHE B 179 33.08 35.58 4.89
CA PHE B 179 32.48 34.25 4.88
C PHE B 179 31.10 34.31 5.53
N PRO B 180 30.05 33.77 4.88
CA PRO B 180 28.68 33.96 5.38
C PRO B 180 28.38 33.04 6.56
N VAL B 181 28.02 33.64 7.69
CA VAL B 181 27.64 32.87 8.88
C VAL B 181 26.31 33.41 9.39
N PRO B 182 25.19 33.16 8.70
CA PRO B 182 23.89 33.50 9.28
C PRO B 182 23.65 32.68 10.54
N PHE B 183 22.78 33.20 11.41
CA PHE B 183 22.46 32.49 12.65
C PHE B 183 21.04 32.80 13.09
N ALA B 184 20.59 32.04 14.08
CA ALA B 184 19.31 32.26 14.73
C ALA B 184 19.31 31.57 16.09
N HIS B 185 18.61 32.17 17.05
CA HIS B 185 18.33 31.49 18.31
C HIS B 185 17.18 30.51 18.12
N THR B 186 17.38 29.26 18.54
CA THR B 186 16.40 28.19 18.33
C THR B 186 16.13 27.40 19.61
N PRO B 187 15.58 28.06 20.64
CA PRO B 187 15.30 27.39 21.93
C PRO B 187 14.24 26.30 21.83
N SER B 188 14.64 25.07 22.21
CA SER B 188 13.73 23.93 22.12
C SER B 188 12.50 24.08 23.02
N PHE B 189 12.59 24.91 24.07
CA PHE B 189 11.50 25.10 25.00
C PHE B 189 10.52 26.16 24.54
N VAL B 190 10.69 26.70 23.33
CA VAL B 190 9.73 27.59 22.69
C VAL B 190 9.25 26.90 21.41
N GLY B 191 7.95 26.79 21.27
CA GLY B 191 7.42 26.19 20.04
C GLY B 191 7.84 24.76 19.82
N SER B 192 8.12 24.44 18.55
CA SER B 192 8.43 23.08 18.13
C SER B 192 9.49 23.14 17.03
N HIS B 193 9.80 21.97 16.45
CA HIS B 193 10.70 21.91 15.29
C HIS B 193 10.32 22.87 14.17
N VAL B 194 9.04 23.11 13.94
CA VAL B 194 8.69 24.00 12.83
C VAL B 194 9.07 25.43 13.15
N THR B 195 9.12 25.79 14.45
CA THR B 195 9.55 27.13 14.86
C THR B 195 11.04 27.35 14.61
N GLY B 196 11.85 26.29 14.74
CA GLY B 196 13.25 26.41 14.40
C GLY B 196 13.48 26.63 12.91
N TRP B 197 12.61 26.06 12.06
CA TRP B 197 12.70 26.29 10.63
C TRP B 197 12.46 27.76 10.29
N ASP B 198 11.39 28.33 10.86
CA ASP B 198 11.06 29.75 10.69
C ASP B 198 12.21 30.65 11.16
N ASN B 199 12.70 30.43 12.38
CA ASN B 199 13.79 31.27 12.90
C ASN B 199 15.05 31.16 12.05
N MET B 200 15.37 29.95 11.59
CA MET B 200 16.55 29.78 10.75
C MET B 200 16.37 30.49 9.42
N PHE B 201 15.23 30.31 8.77
CA PHE B 201 15.01 30.97 7.48
C PHE B 201 15.04 32.49 7.63
N GLU B 202 14.30 33.03 8.61
CA GLU B 202 14.35 34.47 8.85
C GLU B 202 15.79 34.96 9.09
N GLY B 203 16.60 34.16 9.79
CA GLY B 203 17.98 34.57 10.03
C GLY B 203 18.80 34.63 8.75
N ILE B 204 18.70 33.58 7.93
CA ILE B 204 19.43 33.55 6.65
C ILE B 204 18.93 34.65 5.72
N ALA B 205 17.60 34.88 5.69
CA ALA B 205 17.03 35.96 4.89
C ALA B 205 17.58 37.33 5.33
N ARG B 206 17.64 37.57 6.65
CA ARG B 206 18.19 38.83 7.16
C ARG B 206 19.66 38.99 6.77
N TYR B 207 20.44 37.91 6.83
CA TYR B 207 21.88 38.00 6.61
C TYR B 207 22.19 38.59 5.23
N PHE B 208 21.44 38.21 4.21
CA PHE B 208 21.77 38.59 2.85
C PHE B 208 20.99 39.80 2.33
N THR B 209 20.07 40.34 3.11
CA THR B 209 19.22 41.41 2.58
C THR B 209 19.02 42.58 3.53
N LEU B 210 19.23 42.42 4.84
CA LEU B 210 18.75 43.41 5.80
C LEU B 210 19.46 44.74 5.63
N LYS B 211 20.75 44.71 5.28
CA LYS B 211 21.54 45.92 5.12
C LYS B 211 21.81 46.25 3.66
N SER B 212 21.13 45.57 2.73
CA SER B 212 21.36 45.74 1.30
C SER B 212 20.13 46.26 0.56
N MET B 213 19.11 46.74 1.27
CA MET B 213 17.83 47.02 0.64
C MET B 213 17.84 48.22 -0.29
N ASP B 214 18.86 49.07 -0.23
CA ASP B 214 18.81 50.36 -0.91
C ASP B 214 18.57 50.19 -2.41
N ASP B 215 19.31 49.27 -3.06
CA ASP B 215 19.24 49.15 -4.52
C ASP B 215 18.13 48.22 -5.01
N LYS B 216 17.43 47.53 -4.12
CA LYS B 216 16.43 46.58 -4.54
C LYS B 216 15.07 47.25 -4.69
N VAL B 217 14.29 46.79 -5.67
CA VAL B 217 12.89 47.16 -5.78
C VAL B 217 12.07 45.94 -6.18
N VAL B 218 10.80 45.97 -5.78
CA VAL B 218 9.93 44.82 -5.94
C VAL B 218 9.65 44.57 -7.42
N GLY B 219 9.76 43.32 -7.83
CA GLY B 219 9.36 42.89 -9.15
C GLY B 219 10.40 43.02 -10.23
N SER B 220 11.62 43.46 -9.88
CA SER B 220 12.64 43.72 -10.89
C SER B 220 13.12 42.44 -11.57
N ASN B 221 13.07 41.30 -10.89
CA ASN B 221 13.61 40.07 -11.44
C ASN B 221 12.55 39.19 -12.10
N LYS B 222 11.29 39.59 -12.07
CA LYS B 222 10.14 38.89 -12.64
C LYS B 222 9.83 37.57 -11.93
N LYS B 223 10.53 37.24 -10.85
CA LYS B 223 10.35 35.95 -10.18
C LYS B 223 9.26 36.04 -9.11
N ILE B 224 8.87 34.87 -8.63
CA ILE B 224 8.05 34.72 -7.43
C ILE B 224 8.83 33.87 -6.43
N ASN B 225 9.09 34.41 -5.25
CA ASN B 225 9.74 33.61 -4.22
C ASN B 225 8.77 32.59 -3.65
N ILE B 226 9.27 31.38 -3.40
CA ILE B 226 8.50 30.31 -2.78
C ILE B 226 9.24 29.88 -1.53
N VAL B 227 8.55 29.88 -0.39
CA VAL B 227 9.15 29.42 0.84
C VAL B 227 8.41 28.17 1.30
N PRO B 228 9.06 26.99 1.33
CA PRO B 228 8.32 25.74 1.58
C PRO B 228 8.05 25.47 3.05
N GLY B 229 8.89 26.00 3.95
CA GLY B 229 8.79 25.66 5.36
C GLY B 229 9.30 24.24 5.61
N PHE B 230 8.95 23.69 6.77
CA PHE B 230 9.43 22.38 7.20
C PHE B 230 8.77 21.31 6.34
N GLU B 231 9.52 20.71 5.42
CA GLU B 231 8.94 19.83 4.42
C GLU B 231 9.78 18.56 4.31
N THR B 232 9.13 17.39 4.41
CA THR B 232 9.87 16.14 4.51
C THR B 232 9.46 15.12 3.46
N TYR B 233 8.73 15.55 2.42
CA TYR B 233 8.40 14.74 1.25
C TYR B 233 9.17 15.32 0.08
N LEU B 234 9.98 14.51 -0.58
CA LEU B 234 10.73 15.03 -1.72
C LEU B 234 9.77 15.48 -2.82
N GLY B 235 8.69 14.73 -3.01
CA GLY B 235 7.71 15.04 -4.04
C GLY B 235 7.05 16.39 -3.87
N ASN B 236 7.11 16.96 -2.66
CA ASN B 236 6.51 18.27 -2.45
C ASN B 236 7.38 19.40 -2.98
N PHE B 237 8.71 19.35 -2.77
CA PHE B 237 9.59 20.28 -3.46
C PHE B 237 9.47 20.10 -4.97
N ARG B 238 9.40 18.86 -5.42
CA ARG B 238 9.38 18.59 -6.86
C ARG B 238 8.08 19.04 -7.52
N VAL B 239 6.93 18.79 -6.90
CA VAL B 239 5.67 19.13 -7.57
C VAL B 239 5.49 20.64 -7.65
N ILE B 240 5.99 21.39 -6.67
CA ILE B 240 5.91 22.85 -6.74
C ILE B 240 6.78 23.36 -7.88
N LYS B 241 8.01 22.82 -8.01
CA LYS B 241 8.88 23.27 -9.08
C LYS B 241 8.36 22.82 -10.44
N ARG B 242 7.67 21.69 -10.47
CA ARG B 242 7.12 21.19 -11.71
C ARG B 242 5.96 22.06 -12.20
N MET B 243 5.02 22.37 -11.31
CA MET B 243 3.85 23.12 -11.76
C MET B 243 4.22 24.52 -12.23
N LEU B 244 5.15 25.18 -11.52
CA LEU B 244 5.58 26.51 -11.92
C LEU B 244 6.34 26.50 -13.24
N SER B 245 7.22 25.53 -13.45
CA SER B 245 7.93 25.44 -14.73
C SER B 245 6.94 25.14 -15.85
N GLU B 246 5.98 24.26 -15.57
CA GLU B 246 4.90 23.97 -16.50
C GLU B 246 4.09 25.23 -16.82
N MET B 247 4.00 26.18 -15.88
CA MET B 247 3.29 27.42 -16.13
C MET B 247 4.15 28.47 -16.81
N GLY B 248 5.45 28.20 -16.98
CA GLY B 248 6.35 29.25 -17.41
C GLY B 248 6.59 30.32 -16.37
N VAL B 249 6.30 30.05 -15.10
CA VAL B 249 6.51 31.05 -14.06
C VAL B 249 7.98 31.05 -13.64
N GLY B 250 8.58 32.23 -13.63
CA GLY B 250 9.89 32.36 -13.03
C GLY B 250 9.76 32.35 -11.51
N TYR B 251 10.56 31.51 -10.85
CA TYR B 251 10.44 31.32 -9.42
C TYR B 251 11.82 31.16 -8.79
N SER B 252 11.86 31.26 -7.48
CA SER B 252 13.04 30.92 -6.69
C SER B 252 12.54 30.23 -5.43
N LEU B 253 13.01 29.00 -5.19
CA LEU B 253 12.61 28.20 -4.05
C LEU B 253 13.65 28.39 -2.96
N LEU B 254 13.28 29.14 -1.92
CA LEU B 254 14.20 29.53 -0.85
C LEU B 254 14.20 28.43 0.21
N SER B 255 15.32 27.71 0.31
CA SER B 255 15.51 26.46 1.05
C SER B 255 14.98 25.29 0.21
N ASP B 256 15.89 24.61 -0.50
CA ASP B 256 15.55 23.55 -1.45
C ASP B 256 16.48 22.38 -1.21
N PRO B 257 16.15 21.49 -0.28
CA PRO B 257 17.03 20.36 0.05
C PRO B 257 16.81 19.12 -0.79
N GLU B 258 16.03 19.20 -1.87
CA GLU B 258 15.62 17.97 -2.53
C GLU B 258 16.82 17.24 -3.12
N GLU B 259 17.84 17.98 -3.55
CA GLU B 259 18.99 17.35 -4.20
C GLU B 259 19.90 16.67 -3.18
N VAL B 260 20.24 17.35 -2.09
CA VAL B 260 21.14 16.78 -1.08
C VAL B 260 20.46 15.67 -0.30
N LEU B 261 19.13 15.57 -0.36
CA LEU B 261 18.39 14.50 0.28
C LEU B 261 18.05 13.35 -0.65
N ASP B 262 18.62 13.32 -1.85
CA ASP B 262 18.32 12.26 -2.82
C ASP B 262 19.49 12.09 -3.79
N THR B 263 20.71 12.03 -3.25
CA THR B 263 21.82 11.86 -4.18
C THR B 263 21.88 10.42 -4.68
N PRO B 264 22.43 10.20 -5.87
CA PRO B 264 22.47 8.83 -6.41
C PRO B 264 23.54 8.01 -5.73
N ALA B 265 23.38 6.69 -5.84
CA ALA B 265 24.40 5.73 -5.40
C ALA B 265 25.19 5.36 -6.65
N ASP B 266 26.26 6.12 -6.91
CA ASP B 266 27.07 5.96 -8.11
C ASP B 266 28.55 5.80 -7.78
N GLY B 267 28.86 5.46 -6.53
CA GLY B 267 30.24 5.27 -6.10
C GLY B 267 30.87 6.45 -5.39
N GLN B 268 30.16 7.58 -5.29
CA GLN B 268 30.72 8.80 -4.72
C GLN B 268 29.77 9.38 -3.68
N PHE B 269 30.30 9.65 -2.49
CA PHE B 269 29.53 10.33 -1.44
C PHE B 269 29.61 11.84 -1.68
N ARG B 270 28.46 12.49 -1.81
CA ARG B 270 28.37 13.94 -1.98
C ARG B 270 27.84 14.57 -0.70
N MET B 271 28.70 15.25 0.06
CA MET B 271 28.22 15.94 1.26
C MET B 271 27.19 17.01 0.91
N TYR B 272 27.40 17.70 -0.22
CA TYR B 272 26.58 18.81 -0.67
C TYR B 272 26.07 18.51 -2.06
N ALA B 273 24.83 18.93 -2.33
CA ALA B 273 24.26 18.84 -3.66
C ALA B 273 23.10 19.81 -3.76
N GLY B 274 23.04 20.56 -4.85
CA GLY B 274 21.94 21.45 -5.15
C GLY B 274 21.80 22.55 -4.13
N GLY B 275 20.56 22.96 -3.90
CA GLY B 275 20.29 23.93 -2.86
C GLY B 275 20.15 25.35 -3.40
N THR B 276 19.39 26.15 -2.67
CA THR B 276 19.28 27.58 -2.96
C THR B 276 20.63 28.26 -2.84
N THR B 277 21.00 29.08 -3.83
CA THR B 277 22.27 29.76 -3.78
C THR B 277 22.18 31.06 -3.00
N GLN B 278 23.34 31.51 -2.53
CA GLN B 278 23.38 32.79 -1.82
C GLN B 278 22.92 33.92 -2.74
N GLU B 279 23.29 33.85 -4.02
CA GLU B 279 22.83 34.85 -4.97
C GLU B 279 21.31 34.89 -5.04
N GLU B 280 20.65 33.73 -4.94
CA GLU B 280 19.19 33.74 -4.94
C GLU B 280 18.62 34.41 -3.70
N MET B 281 19.30 34.25 -2.55
CA MET B 281 18.83 34.92 -1.34
C MET B 281 19.13 36.41 -1.40
N LYS B 282 20.32 36.77 -1.88
CA LYS B 282 20.66 38.18 -2.01
C LYS B 282 19.71 38.89 -2.96
N ASP B 283 19.22 38.18 -3.98
CA ASP B 283 18.38 38.78 -5.01
C ASP B 283 16.90 38.64 -4.71
N ALA B 284 16.54 37.86 -3.69
CA ALA B 284 15.13 37.61 -3.37
C ALA B 284 14.27 38.86 -3.23
N PRO B 285 14.73 39.99 -2.67
CA PRO B 285 13.83 41.14 -2.56
C PRO B 285 13.38 41.71 -3.89
N ASN B 286 14.10 41.43 -4.98
CA ASN B 286 13.71 41.89 -6.30
C ASN B 286 12.58 41.08 -6.93
N ALA B 287 11.96 40.16 -6.19
CA ALA B 287 10.88 39.37 -6.77
C ALA B 287 9.57 40.16 -6.76
N LEU B 288 8.64 39.73 -7.62
CA LEU B 288 7.30 40.32 -7.61
C LEU B 288 6.67 40.21 -6.23
N ASN B 289 6.89 39.10 -5.54
CA ASN B 289 6.19 38.76 -4.31
C ASN B 289 6.80 37.47 -3.77
N THR B 290 6.30 37.04 -2.61
CA THR B 290 6.78 35.84 -1.94
C THR B 290 5.58 35.07 -1.42
N VAL B 291 5.43 33.81 -1.83
CA VAL B 291 4.36 32.94 -1.35
C VAL B 291 4.96 32.00 -0.31
N LEU B 292 4.28 31.84 0.82
CA LEU B 292 4.65 30.89 1.85
C LEU B 292 3.73 29.65 1.72
N LEU B 293 4.33 28.49 1.41
CA LEU B 293 3.52 27.29 1.23
C LEU B 293 2.91 26.83 2.54
N GLN B 294 3.49 27.22 3.68
CA GLN B 294 3.05 26.71 4.99
C GLN B 294 3.06 27.88 5.96
N PRO B 295 2.07 28.78 5.82
CA PRO B 295 2.14 30.06 6.53
C PRO B 295 2.00 29.95 8.04
N TRP B 296 1.41 28.87 8.56
CA TRP B 296 1.18 28.79 9.99
C TRP B 296 2.45 28.51 10.79
N HIS B 297 3.57 28.13 10.17
CA HIS B 297 4.85 28.15 10.89
C HIS B 297 5.91 29.00 10.18
N LEU B 298 5.46 30.02 9.45
CA LEU B 298 6.36 30.98 8.82
C LEU B 298 6.01 32.39 9.23
N GLU B 299 5.48 32.54 10.45
CA GLU B 299 5.02 33.86 10.93
C GLU B 299 6.17 34.87 10.97
N LYS B 300 7.31 34.48 11.53
CA LYS B 300 8.41 35.42 11.63
C LYS B 300 8.97 35.76 10.26
N THR B 301 9.14 34.76 9.41
CA THR B 301 9.55 34.98 8.02
C THR B 301 8.62 35.96 7.33
N LYS B 302 7.31 35.84 7.60
CA LYS B 302 6.32 36.72 6.99
C LYS B 302 6.55 38.16 7.40
N LYS B 303 6.63 38.42 8.70
CA LYS B 303 6.86 39.77 9.19
C LYS B 303 8.08 40.41 8.52
N PHE B 304 9.15 39.64 8.31
CA PHE B 304 10.36 40.21 7.73
C PHE B 304 10.21 40.43 6.23
N VAL B 305 9.57 39.49 5.53
CA VAL B 305 9.42 39.62 4.08
C VAL B 305 8.48 40.77 3.74
N GLU B 306 7.45 40.98 4.58
CA GLU B 306 6.56 42.13 4.44
C GLU B 306 7.24 43.40 4.94
N GLY B 307 7.80 43.35 6.15
CA GLY B 307 8.33 44.57 6.75
C GLY B 307 9.54 45.14 6.05
N THR B 308 10.33 44.30 5.39
CA THR B 308 11.61 44.72 4.82
C THR B 308 11.64 44.63 3.30
N TRP B 309 11.25 43.50 2.71
CA TRP B 309 11.13 43.42 1.26
C TRP B 309 9.89 44.15 0.75
N LYS B 310 8.97 44.47 1.65
CA LYS B 310 7.69 45.10 1.29
C LYS B 310 6.96 44.29 0.22
N HIS B 311 7.04 42.96 0.33
CA HIS B 311 6.20 42.08 -0.47
C HIS B 311 4.86 41.90 0.23
N GLU B 312 3.79 41.91 -0.57
CA GLU B 312 2.41 41.80 -0.07
C GLU B 312 2.00 40.32 -0.05
N VAL B 313 2.63 39.58 0.87
CA VAL B 313 2.50 38.13 1.00
C VAL B 313 1.06 37.67 0.82
N PRO B 314 0.76 36.84 -0.20
CA PRO B 314 -0.64 36.44 -0.42
C PRO B 314 -1.18 35.62 0.73
N LYS B 315 -2.48 35.80 1.01
CA LYS B 315 -3.21 34.95 1.94
C LYS B 315 -3.51 33.67 1.19
N LEU B 316 -2.67 32.67 1.35
CA LEU B 316 -2.90 31.39 0.72
C LEU B 316 -2.80 30.29 1.77
N ASN B 317 -3.76 29.39 1.76
CA ASN B 317 -3.63 28.16 2.51
C ASN B 317 -2.55 27.28 1.88
N ILE B 318 -2.19 26.23 2.60
CA ILE B 318 -1.25 25.26 2.04
C ILE B 318 -1.87 24.65 0.78
N PRO B 319 -1.12 24.49 -0.29
CA PRO B 319 -1.76 23.96 -1.52
C PRO B 319 -1.91 22.45 -1.45
N MET B 320 -2.91 22.02 -0.69
CA MET B 320 -3.34 20.63 -0.62
C MET B 320 -4.81 20.55 -1.00
N GLY B 321 -5.19 19.43 -1.60
CA GLY B 321 -6.56 19.26 -2.01
C GLY B 321 -6.86 20.00 -3.31
N LEU B 322 -8.13 19.96 -3.72
CA LEU B 322 -8.50 20.53 -4.99
C LEU B 322 -8.67 22.04 -4.89
N ASP B 323 -9.42 22.51 -3.89
CA ASP B 323 -9.71 23.93 -3.76
C ASP B 323 -8.45 24.75 -3.53
N TRP B 324 -7.56 24.27 -2.67
CA TRP B 324 -6.40 25.12 -2.34
C TRP B 324 -5.26 25.00 -3.35
N THR B 325 -5.20 23.90 -4.12
CA THR B 325 -4.29 23.91 -5.26
C THR B 325 -4.83 24.83 -6.35
N ASP B 326 -6.15 24.81 -6.57
CA ASP B 326 -6.81 25.78 -7.44
C ASP B 326 -6.40 27.21 -7.08
N GLU B 327 -6.60 27.59 -5.82
CA GLU B 327 -6.34 28.98 -5.40
C GLU B 327 -4.86 29.32 -5.51
N PHE B 328 -4.00 28.34 -5.23
CA PHE B 328 -2.56 28.57 -5.37
C PHE B 328 -2.22 28.90 -6.81
N LEU B 329 -2.70 28.08 -7.76
CA LEU B 329 -2.39 28.30 -9.16
C LEU B 329 -2.97 29.62 -9.67
N MET B 330 -4.19 29.96 -9.25
CA MET B 330 -4.80 31.20 -9.69
C MET B 330 -4.01 32.41 -9.18
N LYS B 331 -3.59 32.38 -7.92
CA LYS B 331 -2.85 33.52 -7.41
C LYS B 331 -1.48 33.62 -8.06
N VAL B 332 -0.79 32.49 -8.21
CA VAL B 332 0.49 32.49 -8.93
C VAL B 332 0.30 33.06 -10.33
N SER B 333 -0.76 32.62 -11.02
CA SER B 333 -1.05 33.13 -12.35
C SER B 333 -1.33 34.63 -12.32
N GLU B 334 -2.10 35.09 -11.33
CA GLU B 334 -2.40 36.51 -11.21
C GLU B 334 -1.11 37.32 -11.02
N ILE B 335 -0.27 36.90 -10.07
CA ILE B 335 0.93 37.67 -9.75
C ILE B 335 1.91 37.66 -10.93
N SER B 336 2.04 36.52 -11.61
CA SER B 336 3.04 36.39 -12.64
C SER B 336 2.57 36.86 -14.02
N GLY B 337 1.26 36.97 -14.24
CA GLY B 337 0.77 37.20 -15.58
C GLY B 337 0.77 35.98 -16.46
N GLN B 338 1.20 34.83 -15.95
CA GLN B 338 1.16 33.62 -16.77
C GLN B 338 -0.21 32.96 -16.66
N PRO B 339 -0.79 32.47 -17.75
CA PRO B 339 -2.03 31.70 -17.63
C PRO B 339 -1.73 30.28 -17.17
N ILE B 340 -2.77 29.63 -16.64
CA ILE B 340 -2.62 28.24 -16.24
C ILE B 340 -2.76 27.39 -17.51
N PRO B 341 -1.75 26.60 -17.85
CA PRO B 341 -1.77 25.91 -19.14
C PRO B 341 -2.77 24.77 -19.16
N ALA B 342 -3.06 24.32 -20.38
CA ALA B 342 -4.01 23.22 -20.56
C ALA B 342 -3.56 21.96 -19.84
N SER B 343 -2.26 21.73 -19.73
CA SER B 343 -1.78 20.52 -19.06
C SER B 343 -2.11 20.49 -17.58
N LEU B 344 -2.13 21.66 -16.91
CA LEU B 344 -2.54 21.69 -15.51
C LEU B 344 -4.06 21.59 -15.37
N THR B 345 -4.80 22.19 -16.30
CA THR B 345 -6.25 22.04 -16.28
C THR B 345 -6.65 20.58 -16.48
N LYS B 346 -5.93 19.86 -17.34
CA LYS B 346 -6.25 18.45 -17.52
C LYS B 346 -5.93 17.64 -16.28
N GLU B 347 -4.78 17.92 -15.65
CA GLU B 347 -4.40 17.19 -14.45
C GLU B 347 -5.44 17.38 -13.34
N ARG B 348 -5.98 18.60 -13.22
CA ARG B 348 -7.01 18.85 -12.23
C ARG B 348 -8.23 18.00 -12.52
N GLY B 349 -8.58 17.83 -13.80
CA GLY B 349 -9.76 17.07 -14.16
C GLY B 349 -9.58 15.57 -13.99
N ARG B 350 -8.33 15.09 -14.06
CA ARG B 350 -8.08 13.68 -13.76
C ARG B 350 -8.20 13.40 -12.27
N LEU B 351 -7.91 14.41 -11.44
CA LEU B 351 -8.13 14.29 -9.99
C LEU B 351 -9.62 14.26 -9.66
N VAL B 352 -10.40 15.16 -10.27
CA VAL B 352 -11.85 15.14 -10.04
C VAL B 352 -12.42 13.82 -10.57
N ASP B 353 -11.94 13.37 -11.73
CA ASP B 353 -12.39 12.07 -12.22
C ASP B 353 -12.12 10.99 -11.18
N MET B 354 -10.96 11.04 -10.54
CA MET B 354 -10.64 10.02 -9.53
C MET B 354 -11.56 10.14 -8.32
N MET B 355 -11.94 11.37 -7.97
CA MET B 355 -12.91 11.57 -6.90
C MET B 355 -14.25 10.95 -7.28
N THR B 356 -14.70 11.15 -8.52
CA THR B 356 -15.96 10.52 -8.93
C THR B 356 -15.85 9.00 -8.89
N ASP B 357 -14.72 8.43 -9.36
CA ASP B 357 -14.55 6.97 -9.38
C ASP B 357 -14.60 6.38 -7.97
N SER B 358 -14.12 7.12 -6.96
CA SER B 358 -13.84 6.52 -5.66
C SER B 358 -14.74 7.00 -4.55
N HIS B 359 -15.66 7.94 -4.83
CA HIS B 359 -16.43 8.61 -3.78
C HIS B 359 -17.34 7.68 -2.98
N THR B 360 -17.81 6.55 -3.57
CA THR B 360 -18.76 5.71 -2.83
C THR B 360 -18.10 4.90 -1.72
N TRP B 361 -16.80 4.58 -1.86
CA TRP B 361 -16.04 3.92 -0.80
C TRP B 361 -15.48 4.90 0.23
N LEU B 362 -15.13 6.12 -0.18
CA LEU B 362 -14.72 7.15 0.77
C LEU B 362 -15.90 7.79 1.54
N HIS B 363 -17.13 7.68 1.05
CA HIS B 363 -18.19 8.48 1.65
C HIS B 363 -18.38 8.16 3.14
N GLY B 364 -18.27 9.16 4.00
CA GLY B 364 -18.60 8.92 5.38
C GLY B 364 -17.54 8.24 6.21
N LYS B 365 -16.37 7.93 5.64
CA LYS B 365 -15.32 7.27 6.42
C LYS B 365 -14.74 8.21 7.48
N ARG B 366 -14.45 7.66 8.65
CA ARG B 366 -14.11 8.45 9.83
C ARG B 366 -12.62 8.30 10.14
N PHE B 367 -11.94 9.43 10.35
CA PHE B 367 -10.49 9.48 10.46
C PHE B 367 -10.05 10.23 11.72
N ALA B 368 -9.03 9.67 12.37
CA ALA B 368 -8.21 10.37 13.35
C ALA B 368 -6.88 10.71 12.69
N LEU B 369 -6.30 11.86 13.04
CA LEU B 369 -5.15 12.32 12.29
C LEU B 369 -4.41 13.35 13.13
N TRP B 370 -3.10 13.41 12.90
CA TRP B 370 -2.22 14.39 13.56
C TRP B 370 -1.05 14.74 12.66
N GLY B 371 -0.30 15.77 13.04
CA GLY B 371 0.84 16.26 12.29
C GLY B 371 1.05 17.73 12.57
N ASP B 372 1.77 18.41 11.68
CA ASP B 372 2.01 19.85 11.82
C ASP B 372 0.80 20.66 11.37
N PRO B 373 0.68 21.91 11.82
CA PRO B 373 -0.61 22.63 11.60
C PRO B 373 -1.01 22.81 10.13
N ASP B 374 -0.07 23.13 9.23
CA ASP B 374 -0.46 23.31 7.83
C ASP B 374 -0.76 21.96 7.17
N PHE B 375 0.13 20.98 7.37
CA PHE B 375 -0.19 19.63 6.93
C PHE B 375 -1.57 19.22 7.39
N VAL B 376 -1.85 19.36 8.68
CA VAL B 376 -3.10 18.85 9.20
C VAL B 376 -4.31 19.58 8.61
N MET B 377 -4.22 20.90 8.46
CA MET B 377 -5.34 21.64 7.92
C MET B 377 -5.61 21.27 6.47
N GLY B 378 -4.55 20.99 5.71
CA GLY B 378 -4.74 20.56 4.34
C GLY B 378 -5.29 19.16 4.23
N LEU B 379 -4.90 18.27 5.15
CA LEU B 379 -5.55 16.96 5.21
C LEU B 379 -7.05 17.10 5.49
N VAL B 380 -7.41 17.94 6.47
CA VAL B 380 -8.81 18.17 6.82
C VAL B 380 -9.60 18.66 5.61
N LYS B 381 -9.10 19.70 4.95
CA LYS B 381 -9.81 20.24 3.79
C LYS B 381 -10.02 19.17 2.72
N PHE B 382 -8.95 18.45 2.33
CA PHE B 382 -9.11 17.42 1.29
C PHE B 382 -10.04 16.31 1.75
N LEU B 383 -9.93 15.89 3.01
CA LEU B 383 -10.88 14.88 3.52
C LEU B 383 -12.32 15.36 3.37
N LEU B 384 -12.59 16.62 3.71
CA LEU B 384 -13.93 17.16 3.51
C LEU B 384 -14.30 17.20 2.04
N GLU B 385 -13.30 17.41 1.16
CA GLU B 385 -13.61 17.45 -0.26
C GLU B 385 -13.96 16.05 -0.78
N LEU B 386 -13.46 15.02 -0.11
CA LEU B 386 -13.73 13.63 -0.49
C LEU B 386 -15.02 13.10 0.11
N GLY B 387 -15.69 13.88 0.95
CA GLY B 387 -16.85 13.37 1.65
C GLY B 387 -16.52 12.42 2.77
N CYS B 388 -15.35 12.59 3.38
CA CYS B 388 -14.91 11.86 4.57
C CYS B 388 -15.15 12.70 5.82
N GLU B 389 -15.23 12.03 6.96
CA GLU B 389 -15.46 12.74 8.21
C GLU B 389 -14.22 12.73 9.09
N PRO B 390 -13.50 13.84 9.21
CA PRO B 390 -12.33 13.86 10.08
C PRO B 390 -12.67 14.16 11.53
N VAL B 391 -12.94 13.13 12.33
CA VAL B 391 -13.55 13.33 13.63
C VAL B 391 -12.53 13.75 14.70
N HIS B 392 -11.32 13.17 14.70
CA HIS B 392 -10.30 13.50 15.70
C HIS B 392 -9.11 14.12 14.99
N ILE B 393 -8.90 15.41 15.25
CA ILE B 393 -7.88 16.20 14.56
C ILE B 393 -6.93 16.70 15.62
N LEU B 394 -5.69 16.19 15.62
CA LEU B 394 -4.74 16.51 16.67
C LEU B 394 -3.53 17.24 16.11
N CYS B 395 -3.18 18.37 16.72
CA CYS B 395 -1.96 19.06 16.30
C CYS B 395 -1.33 19.54 17.59
N HIS B 396 -0.38 18.75 18.09
CA HIS B 396 0.29 19.03 19.35
C HIS B 396 0.82 20.47 19.39
N ASN B 397 1.40 20.94 18.28
CA ASN B 397 2.02 22.27 18.22
C ASN B 397 1.11 23.32 17.58
N GLY B 398 -0.20 23.17 17.72
CA GLY B 398 -1.13 24.11 17.10
C GLY B 398 -1.52 25.22 18.06
N ASN B 399 -1.79 26.40 17.53
CA ASN B 399 -2.19 27.52 18.36
C ASN B 399 -3.69 27.75 18.26
N LYS B 400 -4.18 28.63 19.14
CA LYS B 400 -5.62 28.88 19.25
C LYS B 400 -6.17 29.58 18.01
N ARG B 401 -5.39 30.50 17.43
CA ARG B 401 -5.78 31.09 16.14
C ARG B 401 -5.89 30.02 15.05
N TRP B 402 -4.95 29.07 14.99
CA TRP B 402 -5.03 27.99 14.00
C TRP B 402 -6.23 27.11 14.26
N LYS B 403 -6.41 26.70 15.52
CA LYS B 403 -7.60 25.92 15.89
C LYS B 403 -8.90 26.59 15.42
N LYS B 404 -9.05 27.90 15.68
CA LYS B 404 -10.25 28.61 15.25
C LYS B 404 -10.44 28.55 13.73
N ALA B 405 -9.34 28.68 12.98
CA ALA B 405 -9.42 28.65 11.52
C ALA B 405 -9.84 27.28 11.01
N VAL B 406 -9.28 26.21 11.59
CA VAL B 406 -9.73 24.87 11.21
C VAL B 406 -11.17 24.67 11.62
N ASP B 407 -11.56 25.20 12.80
CA ASP B 407 -12.97 25.18 13.19
C ASP B 407 -13.83 25.82 12.12
N ALA B 408 -13.40 26.97 11.60
CA ALA B 408 -14.15 27.65 10.54
C ALA B 408 -14.34 26.74 9.32
N ILE B 409 -13.28 26.03 8.93
CA ILE B 409 -13.35 25.15 7.77
C ILE B 409 -14.34 24.02 7.99
N LEU B 410 -14.34 23.47 9.20
CA LEU B 410 -15.18 22.31 9.47
C LEU B 410 -16.66 22.69 9.48
N ALA B 411 -16.98 23.84 10.07
CA ALA B 411 -18.34 24.40 10.09
C ALA B 411 -18.85 24.75 8.70
N ALA B 412 -17.96 24.78 7.69
CA ALA B 412 -18.30 25.08 6.31
C ALA B 412 -18.79 23.89 5.51
N SER B 413 -18.76 22.69 6.09
CA SER B 413 -19.20 21.49 5.38
C SER B 413 -19.92 20.58 6.36
N PRO B 414 -20.91 19.82 5.90
CA PRO B 414 -21.61 18.91 6.81
C PRO B 414 -20.75 17.75 7.28
N TYR B 415 -19.71 17.40 6.51
CA TYR B 415 -18.77 16.37 6.92
C TYR B 415 -17.92 16.78 8.11
N GLY B 416 -17.92 18.06 8.47
CA GLY B 416 -17.23 18.45 9.67
C GLY B 416 -18.07 18.43 10.91
N LYS B 417 -19.33 18.00 10.82
CA LYS B 417 -20.25 18.13 11.94
C LYS B 417 -19.81 17.34 13.16
N ASN B 418 -19.00 16.28 12.98
CA ASN B 418 -18.60 15.39 14.06
C ASN B 418 -17.13 15.54 14.42
N ALA B 419 -16.46 16.55 13.89
CA ALA B 419 -15.03 16.75 14.06
C ALA B 419 -14.72 17.61 15.27
N THR B 420 -13.56 17.36 15.88
CA THR B 420 -13.09 18.20 16.97
C THR B 420 -11.58 18.38 16.86
N VAL B 421 -11.14 19.63 17.05
CA VAL B 421 -9.74 20.02 16.92
C VAL B 421 -9.10 20.04 18.31
N TYR B 422 -7.97 19.34 18.45
CA TYR B 422 -7.18 19.33 19.69
C TYR B 422 -5.82 19.96 19.44
N ILE B 423 -5.41 20.90 20.34
CA ILE B 423 -4.09 21.49 20.34
C ILE B 423 -3.47 21.23 21.69
N GLY B 424 -2.15 21.15 21.72
CA GLY B 424 -1.41 20.82 22.92
C GLY B 424 -1.64 19.42 23.45
N LYS B 425 -2.36 18.60 22.69
CA LYS B 425 -2.64 17.22 23.07
C LYS B 425 -1.66 16.29 22.35
N ASP B 426 -1.44 15.13 22.94
CA ASP B 426 -0.41 14.23 22.46
C ASP B 426 -1.05 12.89 22.07
N LEU B 427 -0.20 11.95 21.69
CA LEU B 427 -0.72 10.69 21.17
C LEU B 427 -1.32 9.83 22.27
N TRP B 428 -1.03 10.12 23.54
CA TRP B 428 -1.73 9.37 24.58
C TRP B 428 -3.15 9.88 24.77
N HIS B 429 -3.34 11.21 24.71
CA HIS B 429 -4.67 11.78 24.54
C HIS B 429 -5.41 11.13 23.37
N LEU B 430 -4.74 11.09 22.21
CA LEU B 430 -5.42 10.60 21.01
C LEU B 430 -5.80 9.13 21.16
N ARG B 431 -4.91 8.33 21.75
CA ARG B 431 -5.19 6.92 22.01
C ARG B 431 -6.53 6.72 22.70
N SER B 432 -6.87 7.56 23.69
CA SER B 432 -8.16 7.39 24.34
C SER B 432 -9.32 7.69 23.38
N LEU B 433 -9.20 8.76 22.60
CA LEU B 433 -10.24 9.14 21.64
C LEU B 433 -10.58 8.01 20.67
N VAL B 434 -9.57 7.34 20.13
CA VAL B 434 -9.87 6.28 19.15
C VAL B 434 -10.46 5.04 19.80
N PHE B 435 -10.36 4.93 21.12
CA PHE B 435 -11.06 3.90 21.89
C PHE B 435 -12.48 4.31 22.22
N THR B 436 -12.67 5.53 22.76
CA THR B 436 -13.99 5.95 23.23
C THR B 436 -14.90 6.44 22.11
N ASP B 437 -14.33 6.95 21.03
CA ASP B 437 -15.08 7.40 19.86
C ASP B 437 -14.38 6.88 18.59
N LYS B 438 -14.47 5.56 18.37
CA LYS B 438 -13.64 4.87 17.39
C LYS B 438 -13.83 5.37 15.95
N PRO B 439 -12.78 5.85 15.29
CA PRO B 439 -12.86 6.13 13.85
C PRO B 439 -12.62 4.87 13.03
N ASP B 440 -12.60 5.06 11.71
CA ASP B 440 -12.27 3.94 10.82
C ASP B 440 -10.76 3.79 10.66
N PHE B 441 -10.04 4.91 10.54
CA PHE B 441 -8.60 4.85 10.35
C PHE B 441 -7.94 6.00 11.08
N MET B 442 -6.63 5.84 11.28
CA MET B 442 -5.71 6.89 11.68
C MET B 442 -4.88 7.29 10.46
N ILE B 443 -4.66 8.59 10.29
CA ILE B 443 -3.67 9.09 9.34
C ILE B 443 -2.61 9.84 10.15
N GLY B 444 -1.38 9.34 10.13
CA GLY B 444 -0.36 9.92 11.00
C GLY B 444 0.99 9.29 10.74
N ASN B 445 1.95 9.64 11.60
CA ASN B 445 3.33 9.19 11.47
C ASN B 445 3.50 7.82 12.17
N SER B 446 4.73 7.26 12.17
CA SER B 446 4.92 5.88 12.61
C SER B 446 4.62 5.66 14.09
N TYR B 447 4.67 6.72 14.92
CA TYR B 447 4.27 6.55 16.31
C TYR B 447 2.83 6.08 16.43
N GLY B 448 2.02 6.23 15.38
CA GLY B 448 0.65 5.73 15.42
C GLY B 448 0.55 4.21 15.39
N LYS B 449 1.63 3.52 15.01
CA LYS B 449 1.59 2.05 14.99
C LYS B 449 1.35 1.50 16.38
N PHE B 450 1.79 2.25 17.42
CA PHE B 450 1.58 1.74 18.76
C PHE B 450 0.16 1.96 19.23
N ILE B 451 -0.53 2.98 18.71
CA ILE B 451 -1.98 3.08 18.95
C ILE B 451 -2.72 1.94 18.27
N GLN B 452 -2.34 1.59 17.04
CA GLN B 452 -3.01 0.48 16.37
C GLN B 452 -2.82 -0.80 17.17
N ARG B 453 -1.58 -1.06 17.60
CA ARG B 453 -1.29 -2.21 18.44
C ARG B 453 -2.18 -2.24 19.68
N ASP B 454 -2.40 -1.06 20.30
CA ASP B 454 -3.27 -0.99 21.48
C ASP B 454 -4.73 -1.28 21.12
N THR B 455 -5.23 -0.70 20.04
CA THR B 455 -6.64 -0.93 19.70
C THR B 455 -6.91 -2.40 19.38
N LEU B 456 -5.97 -3.06 18.67
CA LEU B 456 -6.14 -4.48 18.37
C LEU B 456 -6.18 -5.32 19.63
N HIS B 457 -5.44 -4.93 20.67
CA HIS B 457 -5.40 -5.73 21.89
C HIS B 457 -6.77 -5.77 22.56
N LYS B 458 -7.61 -4.74 22.35
CA LYS B 458 -8.98 -4.81 22.84
C LYS B 458 -9.82 -5.81 22.03
N GLY B 459 -9.45 -6.06 20.77
CA GLY B 459 -10.16 -6.97 19.88
C GLY B 459 -10.06 -6.53 18.44
N LYS B 460 -10.14 -7.50 17.52
CA LYS B 460 -10.08 -7.18 16.09
C LYS B 460 -11.15 -6.16 15.69
N GLU B 461 -12.32 -6.26 16.32
CA GLU B 461 -13.44 -5.34 16.10
C GLU B 461 -13.10 -3.90 16.49
N PHE B 462 -12.11 -3.69 17.36
CA PHE B 462 -11.75 -2.36 17.82
C PHE B 462 -10.50 -1.82 17.13
N GLU B 463 -9.86 -2.61 16.26
CA GLU B 463 -8.61 -2.18 15.63
C GLU B 463 -8.83 -0.94 14.77
N VAL B 464 -7.92 0.02 14.88
CA VAL B 464 -7.89 1.20 14.04
C VAL B 464 -6.60 1.19 13.24
N PRO B 465 -6.64 0.71 11.98
CA PRO B 465 -5.40 0.67 11.16
C PRO B 465 -4.85 2.05 10.92
N LEU B 466 -3.50 2.13 10.87
CA LEU B 466 -2.80 3.38 10.60
C LEU B 466 -2.50 3.53 9.11
N ILE B 467 -2.74 4.72 8.59
CA ILE B 467 -2.35 5.09 7.22
C ILE B 467 -1.25 6.12 7.38
N ARG B 468 -0.02 5.76 6.99
CA ARG B 468 1.18 6.53 7.32
C ARG B 468 1.31 7.71 6.36
N ILE B 469 0.91 8.91 6.80
CA ILE B 469 1.17 10.15 6.08
C ILE B 469 1.65 11.13 7.13
N GLY B 470 2.78 11.79 6.89
CA GLY B 470 3.35 12.68 7.89
C GLY B 470 4.84 12.50 8.15
N PHE B 471 5.31 12.86 9.35
CA PHE B 471 6.73 12.72 9.68
C PHE B 471 6.92 12.49 11.17
N PRO B 472 7.82 11.59 11.59
CA PRO B 472 8.65 10.76 10.71
C PRO B 472 7.96 9.47 10.38
N ILE B 473 8.27 8.93 9.22
CA ILE B 473 7.85 7.58 8.86
C ILE B 473 9.11 6.73 8.86
N PHE B 474 9.28 5.89 9.89
CA PHE B 474 10.50 5.13 10.09
C PHE B 474 10.37 3.65 9.76
N ASP B 475 9.15 3.08 9.75
CA ASP B 475 9.00 1.63 9.60
C ASP B 475 8.50 1.20 8.24
N ARG B 476 8.56 2.08 7.25
CA ARG B 476 8.38 1.71 5.85
C ARG B 476 9.50 2.35 5.06
N HIS B 477 9.73 1.90 3.83
CA HIS B 477 10.86 2.39 3.04
C HIS B 477 10.35 3.31 1.92
N HIS B 478 10.96 4.48 1.80
CA HIS B 478 10.88 5.36 0.63
C HIS B 478 9.55 6.09 0.50
N LEU B 479 8.69 6.06 1.51
CA LEU B 479 7.51 6.92 1.46
C LEU B 479 7.89 8.40 1.40
N HIS B 480 9.07 8.77 1.92
CA HIS B 480 9.51 10.15 1.80
C HIS B 480 9.65 10.61 0.35
N ARG B 481 9.66 9.70 -0.63
CA ARG B 481 9.71 10.15 -2.02
C ARG B 481 8.37 10.63 -2.54
N SER B 482 7.31 10.50 -1.76
CA SER B 482 5.97 10.66 -2.31
C SER B 482 5.52 12.12 -2.20
N THR B 483 4.26 12.40 -2.57
CA THR B 483 3.76 13.75 -2.73
C THR B 483 2.44 13.91 -2.00
N THR B 484 2.27 15.05 -1.30
CA THR B 484 0.99 15.43 -0.70
C THR B 484 0.45 16.78 -1.19
N LEU B 485 1.28 17.64 -1.78
CA LEU B 485 0.80 18.91 -2.29
C LEU B 485 0.27 18.77 -3.71
N GLY B 486 -0.53 19.75 -4.12
CA GLY B 486 -0.94 19.88 -5.50
C GLY B 486 -1.95 18.82 -5.90
N TYR B 487 -2.28 18.81 -7.19
CA TYR B 487 -3.21 17.76 -7.65
C TYR B 487 -2.55 16.39 -7.57
N GLU B 488 -1.24 16.34 -7.82
CA GLU B 488 -0.52 15.06 -7.74
C GLU B 488 -0.51 14.53 -6.33
N GLY B 489 -0.28 15.39 -5.34
CA GLY B 489 -0.39 14.93 -3.97
C GLY B 489 -1.81 14.51 -3.62
N ALA B 490 -2.80 15.20 -4.19
CA ALA B 490 -4.18 14.80 -3.92
C ALA B 490 -4.49 13.44 -4.51
N MET B 491 -4.00 13.15 -5.72
CA MET B 491 -4.28 11.84 -6.32
C MET B 491 -3.66 10.72 -5.50
N GLN B 492 -2.48 10.98 -4.94
CA GLN B 492 -1.78 9.97 -4.14
C GLN B 492 -2.48 9.75 -2.81
N ILE B 493 -2.88 10.82 -2.15
CA ILE B 493 -3.63 10.66 -0.91
C ILE B 493 -4.94 9.94 -1.19
N LEU B 494 -5.61 10.31 -2.28
CA LEU B 494 -6.88 9.64 -2.61
C LEU B 494 -6.68 8.15 -2.82
N THR B 495 -5.71 7.79 -3.65
CA THR B 495 -5.49 6.38 -3.95
C THR B 495 -5.13 5.61 -2.68
N THR B 496 -4.26 6.16 -1.84
CA THR B 496 -3.91 5.48 -0.57
C THR B 496 -5.13 5.32 0.34
N LEU B 497 -5.93 6.38 0.50
CA LEU B 497 -7.10 6.27 1.38
C LEU B 497 -8.10 5.23 0.88
N VAL B 498 -8.44 5.27 -0.41
CA VAL B 498 -9.48 4.34 -0.85
C VAL B 498 -8.95 2.90 -0.84
N ASN B 499 -7.68 2.70 -1.19
CA ASN B 499 -7.16 1.34 -1.16
C ASN B 499 -6.91 0.84 0.26
N SER B 500 -6.68 1.75 1.22
CA SER B 500 -6.64 1.32 2.62
C SER B 500 -7.99 0.80 3.07
N ILE B 501 -9.07 1.51 2.71
CA ILE B 501 -10.43 1.05 3.00
C ILE B 501 -10.67 -0.33 2.39
N LEU B 502 -10.23 -0.52 1.14
CA LEU B 502 -10.51 -1.78 0.43
C LEU B 502 -9.62 -2.93 0.90
N GLU B 503 -8.35 -2.65 1.22
CA GLU B 503 -7.50 -3.67 1.86
C GLU B 503 -8.12 -4.16 3.17
N ARG B 504 -8.65 -3.25 3.99
CA ARG B 504 -9.25 -3.65 5.25
C ARG B 504 -10.57 -4.39 5.03
N LEU B 505 -11.34 -4.00 4.01
CA LEU B 505 -12.59 -4.71 3.73
C LEU B 505 -12.30 -6.13 3.25
N ASP B 506 -11.23 -6.32 2.47
CA ASP B 506 -10.83 -7.66 2.06
C ASP B 506 -10.42 -8.47 3.28
N GLU B 507 -9.58 -7.90 4.14
CA GLU B 507 -9.19 -8.59 5.36
C GLU B 507 -10.42 -9.06 6.13
N GLU B 508 -11.40 -8.16 6.30
CA GLU B 508 -12.62 -8.46 7.04
C GLU B 508 -13.49 -9.49 6.33
N THR B 509 -13.34 -9.66 5.02
CA THR B 509 -14.22 -10.58 4.29
C THR B 509 -13.49 -11.82 3.78
N ARG B 510 -12.29 -12.10 4.28
CA ARG B 510 -11.49 -13.21 3.76
C ARG B 510 -11.85 -14.53 4.41
N GLY B 511 -12.66 -14.54 5.47
CA GLY B 511 -12.95 -15.78 6.17
C GLY B 511 -13.93 -16.66 5.39
N MET B 512 -13.50 -17.87 5.04
CA MET B 512 -14.30 -18.73 4.16
C MET B 512 -15.59 -19.20 4.84
N GLN B 513 -16.72 -18.99 4.15
CA GLN B 513 -18.02 -19.43 4.62
C GLN B 513 -18.50 -18.62 5.84
N ALA B 514 -17.63 -17.77 6.37
CA ALA B 514 -18.02 -16.86 7.44
C ALA B 514 -18.39 -15.49 6.88
N THR B 515 -17.42 -14.79 6.31
CA THR B 515 -17.67 -13.46 5.79
C THR B 515 -17.32 -13.30 4.32
N ASP B 516 -16.90 -14.37 3.63
CA ASP B 516 -16.40 -14.19 2.27
C ASP B 516 -17.51 -14.12 1.21
N TYR B 517 -18.79 -14.16 1.61
CA TYR B 517 -19.86 -13.81 0.68
C TYR B 517 -19.65 -12.41 0.05
N ASN B 518 -19.00 -11.50 0.78
CA ASN B 518 -18.71 -10.12 0.35
C ASN B 518 -17.26 -9.95 -0.10
N HIS B 519 -16.56 -11.06 -0.36
CA HIS B 519 -15.16 -11.00 -0.80
C HIS B 519 -15.11 -10.78 -2.32
N ASP B 520 -15.64 -9.62 -2.74
CA ASP B 520 -15.87 -9.37 -4.15
C ASP B 520 -14.57 -9.34 -4.94
N LEU B 521 -14.64 -9.85 -6.17
CA LEU B 521 -13.54 -9.66 -7.12
C LEU B 521 -13.46 -8.21 -7.61
N VAL B 522 -14.61 -7.56 -7.77
CA VAL B 522 -14.69 -6.22 -8.36
C VAL B 522 -15.13 -5.25 -7.27
N ARG B 523 -14.39 -4.14 -7.13
CA ARG B 523 -14.80 -3.09 -6.21
C ARG B 523 -14.79 -1.73 -6.89
N SER C 5 -42.46 18.13 -22.23
CA SER C 5 -43.81 17.90 -22.75
C SER C 5 -43.77 16.76 -23.75
N ARG C 6 -44.95 16.22 -24.09
CA ARG C 6 -45.02 15.06 -24.99
C ARG C 6 -44.42 15.38 -26.35
N GLU C 7 -44.99 16.34 -27.08
CA GLU C 7 -44.46 16.72 -28.40
C GLU C 7 -43.01 17.19 -28.31
N GLU C 8 -42.58 17.71 -27.15
CA GLU C 8 -41.18 18.01 -26.97
C GLU C 8 -40.33 16.74 -26.98
N VAL C 9 -40.80 15.67 -26.31
CA VAL C 9 -40.06 14.42 -26.35
C VAL C 9 -40.10 13.81 -27.75
N GLU C 10 -41.24 13.92 -28.44
CA GLU C 10 -41.33 13.36 -29.78
C GLU C 10 -40.32 14.03 -30.71
N SER C 11 -40.14 15.34 -30.60
CA SER C 11 -39.13 15.99 -31.41
C SER C 11 -37.72 15.63 -30.98
N LEU C 12 -37.52 15.32 -29.69
CA LEU C 12 -36.19 14.86 -29.27
C LEU C 12 -35.87 13.53 -29.94
N ILE C 13 -36.84 12.62 -29.98
CA ILE C 13 -36.62 11.34 -30.64
C ILE C 13 -36.23 11.56 -32.10
N GLN C 14 -36.98 12.39 -32.81
CA GLN C 14 -36.73 12.53 -34.24
C GLN C 14 -35.40 13.24 -34.52
N GLU C 15 -35.01 14.21 -33.68
CA GLU C 15 -33.72 14.85 -33.89
C GLU C 15 -32.57 13.88 -33.61
N VAL C 16 -32.69 13.06 -32.57
CA VAL C 16 -31.68 12.02 -32.32
C VAL C 16 -31.60 11.09 -33.52
N LEU C 17 -32.75 10.66 -34.05
CA LEU C 17 -32.77 9.70 -35.15
C LEU C 17 -32.16 10.24 -36.43
N GLU C 18 -32.03 11.57 -36.57
CA GLU C 18 -31.52 12.17 -37.81
C GLU C 18 -30.13 11.65 -38.22
N VAL C 19 -29.33 11.16 -37.28
CA VAL C 19 -27.95 10.79 -37.60
C VAL C 19 -27.87 9.50 -38.40
N TYR C 20 -28.86 8.64 -38.29
CA TYR C 20 -28.75 7.26 -38.74
C TYR C 20 -28.85 7.14 -40.26
N PRO C 21 -28.24 6.11 -40.84
CA PRO C 21 -28.67 5.66 -42.18
C PRO C 21 -30.14 5.27 -42.16
N GLU C 22 -30.70 5.21 -43.38
CA GLU C 22 -32.13 4.97 -43.55
C GLU C 22 -32.59 3.70 -42.82
N LYS C 23 -31.93 2.57 -43.11
CA LYS C 23 -32.36 1.29 -42.53
C LYS C 23 -32.42 1.36 -41.00
N ALA C 24 -31.37 1.93 -40.38
CA ALA C 24 -31.28 2.00 -38.93
C ALA C 24 -32.31 2.97 -38.34
N ARG C 25 -32.51 4.13 -38.98
CA ARG C 25 -33.44 5.11 -38.45
C ARG C 25 -34.86 4.54 -38.41
N LYS C 26 -35.28 3.91 -39.52
CA LYS C 26 -36.61 3.33 -39.58
C LYS C 26 -36.78 2.26 -38.51
N ASP C 27 -35.72 1.51 -38.20
CA ASP C 27 -35.83 0.51 -37.14
C ASP C 27 -35.80 1.13 -35.75
N ARG C 28 -34.90 2.10 -35.51
CA ARG C 28 -34.79 2.61 -34.14
C ARG C 28 -36.06 3.34 -33.67
N ASN C 29 -36.83 3.94 -34.60
CA ASN C 29 -38.09 4.63 -34.27
C ASN C 29 -39.15 3.70 -33.66
N LYS C 30 -39.07 2.41 -34.01
CA LYS C 30 -40.04 1.48 -33.44
C LYS C 30 -39.75 1.22 -31.96
N HIS C 31 -38.49 1.42 -31.58
CA HIS C 31 -37.95 1.11 -30.26
C HIS C 31 -37.88 2.33 -29.35
N LEU C 32 -38.35 3.48 -29.83
CA LEU C 32 -38.44 4.69 -29.01
C LEU C 32 -39.89 5.18 -28.97
N ALA C 33 -40.26 5.72 -27.81
CA ALA C 33 -41.64 6.06 -27.54
C ALA C 33 -41.77 6.99 -26.33
N VAL C 34 -42.81 7.83 -26.36
CA VAL C 34 -43.24 8.61 -25.22
C VAL C 34 -44.27 7.79 -24.46
N ASN C 35 -44.16 7.74 -23.14
CA ASN C 35 -45.05 6.85 -22.43
C ASN C 35 -46.50 7.31 -22.59
N ASP C 36 -47.42 6.37 -22.55
CA ASP C 36 -48.84 6.69 -22.42
C ASP C 36 -49.46 5.56 -21.64
N PRO C 37 -49.70 5.78 -20.35
CA PRO C 37 -50.22 4.71 -19.49
C PRO C 37 -51.61 4.19 -19.89
N ALA C 38 -52.37 4.96 -20.66
CA ALA C 38 -53.73 4.52 -21.00
C ALA C 38 -53.77 3.44 -22.08
N VAL C 39 -52.66 3.26 -22.81
CA VAL C 39 -52.63 2.28 -23.89
C VAL C 39 -52.62 0.86 -23.32
N THR C 40 -53.50 0.01 -23.83
CA THR C 40 -53.71 -1.31 -23.27
C THR C 40 -52.65 -2.33 -23.69
N GLN C 41 -52.09 -2.21 -24.90
CA GLN C 41 -51.04 -3.14 -25.37
C GLN C 41 -49.81 -2.35 -25.78
N SER C 42 -48.69 -2.62 -25.11
CA SER C 42 -47.54 -1.76 -25.36
C SER C 42 -47.02 -1.92 -26.77
N LYS C 43 -47.25 -3.07 -27.42
CA LYS C 43 -46.67 -3.26 -28.75
C LYS C 43 -47.19 -2.22 -29.74
N LYS C 44 -48.30 -1.54 -29.44
CA LYS C 44 -48.80 -0.43 -30.25
C LYS C 44 -47.99 0.88 -30.10
N CYS C 45 -47.00 0.97 -29.18
CA CYS C 45 -46.22 2.20 -28.95
C CYS C 45 -44.71 2.01 -29.13
N ILE C 46 -44.23 0.83 -28.72
CA ILE C 46 -42.79 0.52 -28.68
C ILE C 46 -42.62 -0.96 -28.99
N ILE C 47 -41.62 -1.27 -29.81
CA ILE C 47 -41.32 -2.63 -30.29
C ILE C 47 -40.13 -3.13 -29.49
N SER C 48 -40.05 -4.44 -29.27
CA SER C 48 -39.00 -4.95 -28.41
C SER C 48 -38.63 -6.38 -28.79
N ASN C 49 -37.52 -6.83 -28.18
CA ASN C 49 -37.04 -8.19 -28.35
C ASN C 49 -36.84 -8.51 -29.84
N LYS C 50 -36.23 -7.57 -30.57
CA LYS C 50 -35.79 -7.78 -31.94
C LYS C 50 -34.26 -7.73 -32.00
N LYS C 51 -33.69 -8.18 -33.13
CA LYS C 51 -32.25 -8.11 -33.32
C LYS C 51 -31.77 -6.67 -33.14
N SER C 52 -30.54 -6.53 -32.66
CA SER C 52 -29.89 -5.23 -32.56
C SER C 52 -29.43 -4.79 -33.94
N GLN C 53 -29.45 -3.48 -34.20
CA GLN C 53 -28.87 -2.97 -35.44
C GLN C 53 -27.34 -3.04 -35.38
N PRO C 54 -26.69 -3.49 -36.45
CA PRO C 54 -25.24 -3.65 -36.43
C PRO C 54 -24.52 -2.32 -36.27
N GLY C 55 -23.45 -2.33 -35.47
CA GLY C 55 -22.55 -1.21 -35.41
C GLY C 55 -23.00 -0.02 -34.57
N LEU C 56 -24.14 -0.10 -33.88
CA LEU C 56 -24.70 1.04 -33.15
C LEU C 56 -24.35 1.05 -31.67
N MET C 57 -23.50 0.13 -31.20
CA MET C 57 -23.12 0.03 -29.80
C MET C 57 -24.33 -0.26 -28.92
N THR C 58 -24.92 -1.41 -29.16
CA THR C 58 -25.84 -1.97 -28.20
C THR C 58 -25.10 -2.25 -26.89
N ILE C 59 -25.88 -2.26 -25.81
CA ILE C 59 -25.38 -2.55 -24.47
C ILE C 59 -25.67 -4.00 -24.10
N ARG C 60 -26.42 -4.72 -24.95
CA ARG C 60 -26.80 -6.09 -24.70
C ARG C 60 -25.60 -7.04 -24.64
N GLY C 61 -25.74 -8.10 -23.85
CA GLY C 61 -24.91 -9.29 -23.94
C GLY C 61 -25.58 -10.39 -24.74
N CYS C 62 -25.28 -11.64 -24.40
CA CYS C 62 -25.68 -12.75 -25.27
C CYS C 62 -26.36 -13.86 -24.47
N ALA C 63 -26.78 -14.90 -25.20
CA ALA C 63 -27.56 -15.96 -24.58
C ALA C 63 -26.77 -16.71 -23.52
N TYR C 64 -25.46 -16.77 -23.67
CA TYR C 64 -24.62 -17.44 -22.67
C TYR C 64 -24.59 -16.63 -21.37
N ALA C 65 -24.50 -15.30 -21.49
CA ALA C 65 -24.63 -14.41 -20.33
C ALA C 65 -25.97 -14.65 -19.64
N GLY C 66 -27.03 -14.83 -20.43
CA GLY C 66 -28.35 -15.06 -19.87
C GLY C 66 -28.47 -16.40 -19.19
N SER C 67 -27.73 -17.41 -19.65
CA SER C 67 -27.84 -18.73 -19.08
C SER C 67 -26.75 -19.00 -18.03
N LYS C 68 -25.49 -18.95 -18.44
CA LYS C 68 -24.39 -19.13 -17.49
C LYS C 68 -24.29 -17.95 -16.53
N GLY C 69 -24.14 -16.73 -17.08
CA GLY C 69 -24.01 -15.56 -16.24
C GLY C 69 -25.12 -15.40 -15.22
N VAL C 70 -26.36 -15.63 -15.64
CA VAL C 70 -27.51 -15.16 -14.90
C VAL C 70 -28.24 -16.29 -14.18
N VAL C 71 -28.65 -17.33 -14.92
CA VAL C 71 -29.51 -18.32 -14.31
C VAL C 71 -28.73 -19.46 -13.66
N TRP C 72 -27.76 -20.07 -14.37
CA TRP C 72 -27.11 -21.28 -13.86
C TRP C 72 -25.97 -20.96 -12.91
N GLY C 73 -25.13 -20.01 -13.30
CA GLY C 73 -23.95 -19.62 -12.55
C GLY C 73 -24.08 -19.49 -11.04
N PRO C 74 -25.22 -18.95 -10.56
CA PRO C 74 -25.38 -18.79 -9.10
C PRO C 74 -25.64 -20.08 -8.34
N ILE C 75 -26.04 -21.16 -9.01
CA ILE C 75 -26.30 -22.42 -8.33
C ILE C 75 -25.00 -22.92 -7.70
N LYS C 76 -24.96 -22.94 -6.37
CA LYS C 76 -23.67 -22.88 -5.69
C LYS C 76 -22.98 -24.23 -5.56
N ASP C 77 -23.73 -25.32 -5.44
CA ASP C 77 -23.13 -26.64 -5.23
C ASP C 77 -22.94 -27.44 -6.52
N MET C 78 -23.17 -26.82 -7.68
CA MET C 78 -22.90 -27.46 -8.96
C MET C 78 -21.65 -26.84 -9.57
N ILE C 79 -21.01 -27.56 -10.49
CA ILE C 79 -19.89 -27.04 -11.24
C ILE C 79 -20.36 -26.73 -12.66
N HIS C 80 -20.16 -25.50 -13.10
CA HIS C 80 -20.62 -25.04 -14.41
C HIS C 80 -19.42 -24.89 -15.36
N ILE C 81 -19.42 -25.67 -16.43
CA ILE C 81 -18.35 -25.61 -17.42
C ILE C 81 -18.69 -24.57 -18.48
N SER C 82 -17.82 -23.60 -18.67
CA SER C 82 -17.85 -22.71 -19.83
C SER C 82 -17.10 -23.43 -20.96
N HIS C 83 -17.84 -23.88 -21.97
CA HIS C 83 -17.40 -24.88 -22.94
C HIS C 83 -17.14 -24.20 -24.28
N GLY C 84 -15.86 -24.12 -24.66
CA GLY C 84 -15.43 -23.36 -25.80
C GLY C 84 -14.16 -22.63 -25.45
N PRO C 85 -13.83 -21.58 -26.21
CA PRO C 85 -12.55 -20.92 -25.97
C PRO C 85 -12.56 -20.14 -24.66
N VAL C 86 -11.42 -19.58 -24.30
CA VAL C 86 -11.24 -19.12 -22.91
C VAL C 86 -11.94 -17.79 -22.57
N GLY C 87 -12.23 -16.95 -23.55
CA GLY C 87 -12.86 -15.66 -23.26
C GLY C 87 -14.07 -15.65 -22.35
N CYS C 88 -15.14 -16.37 -22.71
CA CYS C 88 -16.42 -16.10 -22.09
C CYS C 88 -16.37 -16.37 -20.60
N GLY C 89 -15.79 -17.51 -20.22
CA GLY C 89 -15.70 -17.85 -18.81
C GLY C 89 -14.82 -16.88 -18.03
N GLN C 90 -13.83 -16.27 -18.67
CA GLN C 90 -12.94 -15.36 -17.94
C GLN C 90 -13.58 -13.99 -17.74
N TYR C 91 -14.23 -13.43 -18.77
CA TYR C 91 -14.86 -12.12 -18.61
C TYR C 91 -16.00 -12.17 -17.59
N SER C 92 -16.73 -13.29 -17.53
CA SER C 92 -17.87 -13.41 -16.63
C SER C 92 -17.49 -14.05 -15.29
N ARG C 93 -16.19 -14.25 -15.01
CA ARG C 93 -15.77 -14.77 -13.71
C ARG C 93 -16.00 -13.72 -12.63
N ALA C 94 -16.97 -13.98 -11.75
CA ALA C 94 -17.16 -13.21 -10.54
C ALA C 94 -17.49 -11.76 -10.84
N GLY C 95 -18.11 -11.50 -12.00
CA GLY C 95 -18.49 -10.14 -12.36
C GLY C 95 -19.84 -9.76 -11.78
N ARG C 96 -20.70 -10.76 -11.57
CA ARG C 96 -22.03 -10.56 -11.02
C ARG C 96 -22.08 -11.03 -9.57
N ARG C 97 -22.70 -10.22 -8.72
CA ARG C 97 -22.60 -10.41 -7.27
C ARG C 97 -23.74 -11.28 -6.73
N ASN C 98 -23.94 -12.46 -7.32
CA ASN C 98 -24.96 -13.41 -6.88
C ASN C 98 -24.47 -14.12 -5.61
N TYR C 99 -24.77 -13.56 -4.45
CA TYR C 99 -24.09 -13.93 -3.22
C TYR C 99 -24.52 -15.33 -2.76
N TYR C 100 -23.60 -16.03 -2.08
CA TYR C 100 -23.90 -17.38 -1.62
C TYR C 100 -23.11 -17.70 -0.35
N ILE C 101 -23.59 -18.69 0.38
CA ILE C 101 -22.87 -19.23 1.54
C ILE C 101 -22.29 -20.58 1.15
N GLY C 102 -20.97 -20.71 1.25
CA GLY C 102 -20.33 -21.99 0.93
C GLY C 102 -18.84 -21.90 1.10
N THR C 103 -18.19 -23.06 0.97
CA THR C 103 -16.73 -23.17 1.07
C THR C 103 -16.17 -23.34 -0.35
N THR C 104 -15.63 -22.28 -0.92
CA THR C 104 -15.42 -22.24 -2.36
C THR C 104 -14.21 -23.06 -2.80
N GLY C 105 -14.43 -23.90 -3.82
CA GLY C 105 -13.46 -24.88 -4.26
C GLY C 105 -13.61 -26.23 -3.61
N VAL C 106 -14.51 -26.35 -2.63
CA VAL C 106 -14.72 -27.59 -1.89
C VAL C 106 -16.15 -28.05 -2.10
N ASN C 107 -17.11 -27.33 -1.51
CA ASN C 107 -18.52 -27.68 -1.71
C ASN C 107 -19.32 -26.64 -2.48
N ALA C 108 -18.74 -25.47 -2.79
CA ALA C 108 -19.40 -24.44 -3.59
C ALA C 108 -18.39 -23.92 -4.60
N PHE C 109 -18.89 -23.40 -5.73
CA PHE C 109 -17.98 -23.14 -6.85
C PHE C 109 -18.31 -21.88 -7.64
N VAL C 110 -19.05 -20.93 -7.08
CA VAL C 110 -19.66 -19.88 -7.89
C VAL C 110 -18.61 -18.98 -8.53
N THR C 111 -17.56 -18.63 -7.77
CA THR C 111 -16.63 -17.62 -8.27
C THR C 111 -15.49 -18.22 -9.08
N MET C 112 -15.41 -19.54 -9.20
CA MET C 112 -14.37 -20.21 -9.98
C MET C 112 -14.72 -20.15 -11.47
N ASN C 113 -13.68 -20.28 -12.32
CA ASN C 113 -13.89 -20.40 -13.77
C ASN C 113 -13.43 -21.78 -14.25
N PHE C 114 -14.41 -22.68 -14.48
CA PHE C 114 -14.19 -23.96 -15.14
C PHE C 114 -14.44 -23.79 -16.62
N THR C 115 -13.51 -24.25 -17.45
CA THR C 115 -13.61 -24.08 -18.90
C THR C 115 -12.89 -25.22 -19.60
N SER C 116 -13.34 -25.56 -20.81
CA SER C 116 -12.64 -26.53 -21.63
C SER C 116 -11.57 -25.90 -22.53
N ASP C 117 -11.45 -24.57 -22.51
CA ASP C 117 -10.35 -23.82 -23.13
C ASP C 117 -10.03 -24.29 -24.55
N PHE C 118 -11.02 -24.16 -25.42
CA PHE C 118 -10.91 -24.69 -26.77
C PHE C 118 -9.71 -24.10 -27.49
N GLN C 119 -8.86 -25.00 -28.01
CA GLN C 119 -7.77 -24.65 -28.91
C GLN C 119 -8.18 -25.04 -30.32
N GLU C 120 -7.32 -24.74 -31.31
CA GLU C 120 -7.69 -24.99 -32.71
C GLU C 120 -8.07 -26.46 -32.93
N LYS C 121 -7.31 -27.39 -32.34
CA LYS C 121 -7.56 -28.80 -32.63
C LYS C 121 -8.91 -29.24 -32.10
N ASP C 122 -9.42 -28.58 -31.07
CA ASP C 122 -10.75 -28.87 -30.58
C ASP C 122 -11.82 -28.28 -31.49
N ILE C 123 -11.55 -27.16 -32.16
CA ILE C 123 -12.48 -26.62 -33.15
C ILE C 123 -12.57 -27.53 -34.36
N VAL C 124 -11.41 -27.94 -34.87
CA VAL C 124 -11.36 -28.76 -36.08
C VAL C 124 -12.01 -30.11 -35.82
N PHE C 125 -11.59 -30.78 -34.75
CA PHE C 125 -12.06 -32.14 -34.48
C PHE C 125 -13.23 -32.22 -33.50
N GLY C 126 -13.59 -31.13 -32.84
CA GLY C 126 -14.67 -31.30 -31.86
C GLY C 126 -14.17 -31.56 -30.46
N GLY C 127 -14.96 -31.14 -29.48
CA GLY C 127 -14.57 -31.19 -28.07
C GLY C 127 -15.33 -32.18 -27.22
N ASP C 128 -16.11 -33.08 -27.81
CA ASP C 128 -16.85 -34.08 -27.04
C ASP C 128 -15.90 -34.98 -26.25
N LYS C 129 -14.82 -35.41 -26.88
CA LYS C 129 -13.86 -36.25 -26.17
C LYS C 129 -13.24 -35.46 -25.04
N LYS C 130 -12.88 -34.20 -25.33
CA LYS C 130 -12.33 -33.31 -24.29
C LYS C 130 -13.33 -33.10 -23.17
N LEU C 131 -14.60 -32.92 -23.52
CA LEU C 131 -15.62 -32.74 -22.49
C LEU C 131 -15.75 -33.98 -21.59
N ALA C 132 -15.69 -35.19 -22.18
CA ALA C 132 -15.81 -36.39 -21.34
C ALA C 132 -14.61 -36.54 -20.40
N LYS C 133 -13.38 -36.34 -20.92
CA LYS C 133 -12.22 -36.36 -20.04
C LYS C 133 -12.33 -35.25 -18.98
N LEU C 134 -12.60 -34.03 -19.42
CA LEU C 134 -12.83 -32.93 -18.48
C LEU C 134 -13.82 -33.31 -17.40
N ILE C 135 -14.86 -34.06 -17.73
CA ILE C 135 -15.82 -34.44 -16.71
C ILE C 135 -15.19 -35.38 -15.69
N ASP C 136 -14.41 -36.36 -16.16
CA ASP C 136 -13.72 -37.24 -15.22
C ASP C 136 -12.82 -36.44 -14.30
N GLU C 137 -12.04 -35.51 -14.87
CA GLU C 137 -11.11 -34.72 -14.08
C GLU C 137 -11.84 -33.90 -13.04
N VAL C 138 -13.01 -33.35 -13.41
CA VAL C 138 -13.85 -32.61 -12.47
C VAL C 138 -14.23 -33.50 -11.29
N GLU C 139 -14.67 -34.73 -11.57
CA GLU C 139 -15.09 -35.64 -10.51
C GLU C 139 -13.94 -35.98 -9.58
N THR C 140 -12.74 -36.09 -10.13
CA THR C 140 -11.57 -36.40 -9.32
C THR C 140 -11.20 -35.25 -8.40
N LEU C 141 -11.11 -34.03 -8.94
CA LEU C 141 -10.52 -32.93 -8.17
C LEU C 141 -11.54 -32.12 -7.37
N PHE C 142 -12.83 -32.33 -7.63
CA PHE C 142 -13.91 -31.70 -6.87
C PHE C 142 -14.96 -32.75 -6.56
N PRO C 143 -14.66 -33.67 -5.64
CA PRO C 143 -15.58 -34.79 -5.39
C PRO C 143 -16.88 -34.39 -4.71
N LEU C 144 -16.95 -33.21 -4.09
CA LEU C 144 -18.17 -32.83 -3.39
C LEU C 144 -19.17 -32.09 -4.28
N ASN C 145 -18.81 -31.77 -5.52
CA ASN C 145 -19.76 -31.15 -6.42
C ASN C 145 -20.99 -32.03 -6.54
N LYS C 146 -22.18 -31.42 -6.58
CA LYS C 146 -23.43 -32.18 -6.64
C LYS C 146 -24.04 -32.20 -8.03
N GLY C 147 -23.27 -31.94 -9.06
CA GLY C 147 -23.76 -32.00 -10.42
C GLY C 147 -22.99 -31.02 -11.28
N ILE C 148 -23.12 -31.19 -12.59
CA ILE C 148 -22.34 -30.39 -13.55
C ILE C 148 -23.29 -29.84 -14.61
N SER C 149 -23.08 -28.58 -15.00
CA SER C 149 -23.72 -28.07 -16.20
C SER C 149 -22.66 -27.73 -17.24
N VAL C 150 -23.04 -27.88 -18.51
CA VAL C 150 -22.18 -27.58 -19.66
C VAL C 150 -22.79 -26.37 -20.37
N GLN C 151 -22.13 -25.22 -20.26
CA GLN C 151 -22.64 -23.96 -20.81
C GLN C 151 -21.98 -23.72 -22.16
N SER C 152 -22.74 -23.92 -23.25
CA SER C 152 -22.19 -23.85 -24.59
C SER C 152 -21.87 -22.43 -25.02
N GLU C 153 -20.63 -22.21 -25.46
CA GLU C 153 -20.26 -20.94 -26.08
C GLU C 153 -20.38 -21.06 -27.58
N CYS C 154 -20.22 -19.93 -28.27
CA CYS C 154 -20.52 -19.87 -29.71
C CYS C 154 -20.07 -21.08 -30.54
N PRO C 155 -18.81 -21.55 -30.48
CA PRO C 155 -18.41 -22.63 -31.41
C PRO C 155 -19.19 -23.94 -31.29
N ILE C 156 -19.79 -24.25 -30.13
CA ILE C 156 -20.25 -25.63 -29.92
C ILE C 156 -21.31 -26.03 -30.95
N GLY C 157 -22.37 -25.24 -31.08
CA GLY C 157 -23.36 -25.62 -32.09
C GLY C 157 -22.92 -25.37 -33.51
N LEU C 158 -21.86 -24.58 -33.72
CA LEU C 158 -21.41 -24.32 -35.08
C LEU C 158 -20.59 -25.47 -35.63
N ILE C 159 -19.82 -26.16 -34.78
CA ILE C 159 -18.93 -27.24 -35.20
C ILE C 159 -19.61 -28.60 -35.07
N GLY C 160 -20.89 -28.60 -34.71
CA GLY C 160 -21.66 -29.83 -34.69
C GLY C 160 -21.43 -30.75 -33.50
N ASP C 161 -20.82 -30.28 -32.41
CA ASP C 161 -20.66 -31.11 -31.21
C ASP C 161 -22.00 -31.56 -30.64
N ASP C 162 -21.99 -32.67 -29.91
CA ASP C 162 -23.20 -33.28 -29.36
C ASP C 162 -23.05 -33.38 -27.84
N ILE C 163 -23.17 -32.25 -27.14
CA ILE C 163 -22.92 -32.33 -25.71
C ILE C 163 -24.02 -33.11 -25.00
N GLU C 164 -25.19 -33.22 -25.62
CA GLU C 164 -26.29 -33.95 -25.00
C GLU C 164 -25.93 -35.43 -24.85
N SER C 165 -25.47 -36.05 -25.94
CA SER C 165 -25.02 -37.43 -25.86
C SER C 165 -23.91 -37.60 -24.83
N VAL C 166 -22.93 -36.68 -24.81
CA VAL C 166 -21.86 -36.75 -23.80
C VAL C 166 -22.45 -36.74 -22.39
N SER C 167 -23.40 -35.83 -22.13
CA SER C 167 -23.97 -35.73 -20.79
C SER C 167 -24.74 -36.99 -20.40
N LYS C 168 -25.50 -37.58 -21.33
CA LYS C 168 -26.27 -38.78 -21.00
C LYS C 168 -25.37 -39.96 -20.73
N VAL C 169 -24.34 -40.15 -21.57
CA VAL C 169 -23.43 -41.28 -21.43
C VAL C 169 -22.60 -41.12 -20.16
N LYS C 170 -22.01 -39.95 -19.98
CA LYS C 170 -21.20 -39.70 -18.78
C LYS C 170 -22.07 -39.72 -17.52
N GLY C 171 -23.24 -39.07 -17.58
CA GLY C 171 -24.15 -39.04 -16.45
C GLY C 171 -24.57 -40.43 -16.00
N ALA C 172 -24.84 -41.33 -16.94
CA ALA C 172 -25.21 -42.69 -16.56
C ALA C 172 -23.99 -43.48 -16.10
N GLU C 173 -22.84 -43.25 -16.74
CA GLU C 173 -21.61 -43.93 -16.35
C GLU C 173 -21.10 -43.45 -14.98
N LEU C 174 -21.46 -42.23 -14.56
CA LEU C 174 -20.99 -41.71 -13.29
C LEU C 174 -22.10 -41.55 -12.27
N SER C 175 -23.33 -41.94 -12.60
CA SER C 175 -24.49 -41.76 -11.73
C SER C 175 -24.58 -40.32 -11.21
N LYS C 176 -24.48 -39.37 -12.13
CA LYS C 176 -24.41 -37.97 -11.79
C LYS C 176 -25.38 -37.17 -12.66
N THR C 177 -25.87 -36.06 -12.10
CA THR C 177 -26.61 -35.08 -12.88
C THR C 177 -25.62 -34.25 -13.68
N ILE C 178 -25.70 -34.33 -15.00
CA ILE C 178 -24.92 -33.49 -15.91
C ILE C 178 -25.91 -32.83 -16.88
N VAL C 179 -25.90 -31.51 -16.95
CA VAL C 179 -26.91 -30.75 -17.69
C VAL C 179 -26.24 -30.15 -18.92
N PRO C 180 -26.66 -30.50 -20.14
CA PRO C 180 -26.13 -29.80 -21.31
C PRO C 180 -27.00 -28.60 -21.66
N VAL C 181 -26.41 -27.44 -21.85
CA VAL C 181 -27.18 -26.22 -22.08
C VAL C 181 -26.72 -25.57 -23.38
N ARG C 182 -27.65 -25.41 -24.31
CA ARG C 182 -27.35 -24.85 -25.62
C ARG C 182 -27.55 -23.33 -25.64
N CYS C 183 -26.80 -22.62 -24.79
CA CYS C 183 -26.94 -21.18 -24.71
C CYS C 183 -25.88 -20.44 -25.51
N GLU C 184 -25.47 -21.00 -26.65
CA GLU C 184 -24.46 -20.35 -27.49
C GLU C 184 -24.87 -18.92 -27.82
N GLY C 185 -23.90 -18.02 -27.83
CA GLY C 185 -24.23 -16.63 -27.91
C GLY C 185 -24.72 -16.14 -29.26
N PHE C 186 -24.77 -17.00 -30.27
CA PHE C 186 -25.37 -16.61 -31.53
C PHE C 186 -26.86 -16.88 -31.57
N ARG C 187 -27.37 -17.61 -30.58
CA ARG C 187 -28.79 -17.86 -30.41
C ARG C 187 -29.50 -16.66 -29.80
N GLY C 188 -30.70 -16.37 -30.28
CA GLY C 188 -31.43 -15.22 -29.77
C GLY C 188 -30.85 -13.90 -30.28
N VAL C 189 -31.04 -12.85 -29.50
CA VAL C 189 -30.62 -11.51 -29.89
C VAL C 189 -30.06 -10.79 -28.66
N SER C 190 -30.00 -11.48 -27.53
CA SER C 190 -29.79 -10.85 -26.24
C SER C 190 -29.62 -11.91 -25.16
N GLN C 191 -29.43 -11.45 -23.91
CA GLN C 191 -29.50 -12.31 -22.74
C GLN C 191 -30.81 -13.08 -22.65
N SER C 192 -31.88 -12.57 -23.26
CA SER C 192 -33.20 -13.08 -22.92
C SER C 192 -33.38 -14.54 -23.35
N LEU C 193 -32.99 -14.90 -24.57
CA LEU C 193 -33.18 -16.30 -24.95
C LEU C 193 -32.32 -17.23 -24.08
N GLY C 194 -31.22 -16.74 -23.50
CA GLY C 194 -30.49 -17.57 -22.56
C GLY C 194 -31.29 -17.93 -21.32
N HIS C 195 -32.08 -16.98 -20.81
CA HIS C 195 -33.00 -17.30 -19.73
C HIS C 195 -33.88 -18.49 -20.11
N HIS C 196 -34.62 -18.34 -21.22
CA HIS C 196 -35.55 -19.38 -21.67
C HIS C 196 -34.83 -20.72 -21.82
N ILE C 197 -33.73 -20.73 -22.59
CA ILE C 197 -32.92 -21.93 -22.78
C ILE C 197 -32.49 -22.51 -21.42
N ALA C 198 -32.16 -21.63 -20.46
CA ALA C 198 -31.77 -22.08 -19.13
C ALA C 198 -32.93 -22.69 -18.35
N ASN C 199 -34.11 -22.04 -18.37
CA ASN C 199 -35.30 -22.65 -17.74
C ASN C 199 -35.62 -24.01 -18.35
N ASP C 200 -35.55 -24.11 -19.68
CA ASP C 200 -35.90 -25.39 -20.30
C ASP C 200 -34.94 -26.49 -19.89
N ALA C 201 -33.67 -26.12 -19.60
CA ALA C 201 -32.66 -27.09 -19.17
C ALA C 201 -32.91 -27.56 -17.75
N VAL C 202 -33.31 -26.64 -16.86
CA VAL C 202 -33.77 -27.05 -15.54
C VAL C 202 -34.94 -28.01 -15.68
N ARG C 203 -35.93 -27.58 -16.46
CA ARG C 203 -37.11 -28.41 -16.70
C ARG C 203 -36.73 -29.82 -17.17
N ASP C 204 -35.84 -29.91 -18.14
CA ASP C 204 -35.60 -31.21 -18.76
C ASP C 204 -34.60 -32.09 -18.00
N TRP C 205 -33.70 -31.53 -17.21
CA TRP C 205 -32.64 -32.35 -16.63
C TRP C 205 -32.57 -32.36 -15.11
N VAL C 206 -33.29 -31.47 -14.41
CA VAL C 206 -33.15 -31.40 -12.96
C VAL C 206 -34.49 -31.52 -12.26
N LEU C 207 -35.48 -30.77 -12.75
CA LEU C 207 -36.64 -30.41 -11.93
C LEU C 207 -37.47 -31.63 -11.56
N GLY C 208 -37.54 -32.63 -12.44
CA GLY C 208 -38.35 -33.80 -12.22
C GLY C 208 -37.70 -34.92 -11.43
N LYS C 209 -36.50 -34.72 -10.89
CA LYS C 209 -35.76 -35.83 -10.26
C LYS C 209 -36.54 -36.43 -9.09
N ARG C 210 -37.34 -35.64 -8.38
CA ARG C 210 -38.04 -36.15 -7.21
C ARG C 210 -39.55 -36.28 -7.45
N ASP C 211 -39.98 -36.39 -8.72
CA ASP C 211 -41.40 -36.50 -9.05
C ASP C 211 -42.06 -37.69 -8.34
N GLU C 212 -41.30 -38.69 -7.93
CA GLU C 212 -41.86 -39.87 -7.26
C GLU C 212 -41.24 -40.13 -5.89
N ASP C 213 -40.41 -39.22 -5.38
CA ASP C 213 -39.83 -39.35 -4.04
C ASP C 213 -40.74 -38.60 -3.07
N THR C 214 -41.59 -39.34 -2.38
CA THR C 214 -42.56 -38.76 -1.44
C THR C 214 -41.96 -38.48 -0.07
N THR C 215 -40.63 -38.41 0.03
CA THR C 215 -39.98 -38.35 1.34
C THR C 215 -40.07 -36.97 1.99
N PHE C 216 -40.26 -35.89 1.21
CA PHE C 216 -40.36 -34.54 1.74
C PHE C 216 -41.82 -34.19 2.01
N ALA C 217 -42.07 -33.57 3.16
CA ALA C 217 -43.42 -33.24 3.58
C ALA C 217 -43.63 -31.74 3.46
N SER C 218 -44.62 -31.35 2.66
CA SER C 218 -44.91 -29.94 2.47
C SER C 218 -45.86 -29.44 3.55
N THR C 219 -45.86 -28.13 3.73
CA THR C 219 -46.76 -27.45 4.66
C THR C 219 -47.59 -26.45 3.86
N PRO C 220 -48.74 -26.02 4.38
CA PRO C 220 -49.57 -25.07 3.63
C PRO C 220 -48.85 -23.76 3.33
N TYR C 221 -47.76 -23.44 4.03
CA TYR C 221 -47.05 -22.18 3.88
C TYR C 221 -45.77 -22.30 3.07
N ASP C 222 -45.56 -23.41 2.36
CA ASP C 222 -44.32 -23.60 1.60
C ASP C 222 -44.34 -22.75 0.33
N VAL C 223 -43.25 -21.99 0.11
CA VAL C 223 -43.11 -21.16 -1.08
C VAL C 223 -41.69 -21.30 -1.60
N ALA C 224 -41.52 -20.81 -2.83
CA ALA C 224 -40.20 -20.63 -3.42
C ALA C 224 -40.07 -19.21 -3.92
N ILE C 225 -38.90 -18.62 -3.71
CA ILE C 225 -38.54 -17.33 -4.29
C ILE C 225 -38.01 -17.64 -5.69
N ILE C 226 -38.74 -17.21 -6.72
CA ILE C 226 -38.38 -17.48 -8.11
C ILE C 226 -37.90 -16.18 -8.74
N GLY C 227 -36.72 -16.24 -9.33
CA GLY C 227 -36.15 -15.08 -9.99
C GLY C 227 -35.52 -14.03 -9.07
N ASP C 228 -34.74 -14.45 -8.07
CA ASP C 228 -33.95 -13.52 -7.27
C ASP C 228 -32.54 -14.07 -7.13
N TYR C 229 -31.57 -13.37 -7.70
CA TYR C 229 -30.24 -13.89 -7.82
C TYR C 229 -29.35 -13.38 -6.72
N ASN C 230 -29.95 -12.85 -5.65
CA ASN C 230 -29.24 -12.53 -4.40
C ASN C 230 -28.09 -11.55 -4.62
N ILE C 231 -28.28 -10.56 -5.50
CA ILE C 231 -27.24 -9.55 -5.70
C ILE C 231 -27.03 -8.78 -4.41
N GLY C 232 -25.78 -8.77 -3.93
CA GLY C 232 -25.52 -8.10 -2.66
C GLY C 232 -26.33 -8.64 -1.50
N GLY C 233 -26.86 -9.84 -1.60
CA GLY C 233 -27.66 -10.37 -0.51
C GLY C 233 -29.15 -10.13 -0.67
N ASP C 234 -29.58 -9.54 -1.79
CA ASP C 234 -31.00 -9.22 -2.02
C ASP C 234 -31.97 -10.32 -1.60
N ALA C 235 -31.67 -11.57 -1.97
CA ALA C 235 -32.64 -12.63 -1.73
C ALA C 235 -32.71 -12.96 -0.25
N TRP C 236 -31.63 -12.72 0.49
CA TRP C 236 -31.63 -12.98 1.92
C TRP C 236 -32.45 -11.94 2.69
N SER C 237 -32.34 -10.66 2.30
CA SER C 237 -33.16 -9.62 2.93
C SER C 237 -34.59 -9.67 2.46
N SER C 238 -34.90 -10.58 1.53
CA SER C 238 -36.25 -10.88 1.04
C SER C 238 -36.86 -12.04 1.82
N ARG C 239 -36.18 -13.18 1.77
CA ARG C 239 -36.49 -14.36 2.56
C ARG C 239 -36.81 -14.06 4.03
N ILE C 240 -36.05 -13.17 4.67
CA ILE C 240 -36.26 -12.90 6.10
C ILE C 240 -37.67 -12.39 6.35
N LEU C 241 -38.18 -11.51 5.46
CA LEU C 241 -39.54 -11.00 5.66
C LEU C 241 -40.56 -12.11 5.48
N LEU C 242 -40.35 -12.95 4.45
CA LEU C 242 -41.31 -14.03 4.17
C LEU C 242 -41.42 -14.98 5.35
N GLU C 243 -40.29 -15.30 5.97
CA GLU C 243 -40.35 -16.27 7.06
C GLU C 243 -40.78 -15.62 8.37
N GLU C 244 -40.51 -14.32 8.54
CA GLU C 244 -41.10 -13.59 9.65
C GLU C 244 -42.63 -13.59 9.55
N MET C 245 -43.13 -13.53 8.32
CA MET C 245 -44.54 -13.62 8.02
C MET C 245 -45.10 -15.04 8.22
N GLY C 246 -44.25 -16.02 8.53
CA GLY C 246 -44.72 -17.36 8.84
C GLY C 246 -44.62 -18.36 7.72
N LEU C 247 -44.11 -17.97 6.56
CA LEU C 247 -43.95 -18.90 5.46
C LEU C 247 -42.63 -19.66 5.59
N ARG C 248 -42.54 -20.75 4.83
CA ARG C 248 -41.33 -21.56 4.74
C ARG C 248 -40.78 -21.44 3.32
N CYS C 249 -39.62 -20.80 3.18
CA CYS C 249 -39.04 -20.62 1.85
C CYS C 249 -38.20 -21.85 1.50
N VAL C 250 -38.82 -22.77 0.75
CA VAL C 250 -38.15 -24.02 0.41
C VAL C 250 -36.99 -23.79 -0.55
N ALA C 251 -37.09 -22.81 -1.45
CA ALA C 251 -36.07 -22.67 -2.48
C ALA C 251 -35.86 -21.24 -2.92
N GLN C 252 -34.62 -20.94 -3.31
CA GLN C 252 -34.21 -19.69 -3.94
C GLN C 252 -33.66 -19.99 -5.33
N TRP C 253 -34.26 -19.39 -6.36
CA TRP C 253 -33.92 -19.61 -7.77
C TRP C 253 -33.38 -18.30 -8.33
N SER C 254 -32.06 -18.17 -8.43
CA SER C 254 -31.08 -19.16 -8.07
C SER C 254 -29.98 -18.56 -7.15
N GLY C 255 -30.21 -17.36 -6.63
CA GLY C 255 -29.23 -16.74 -5.75
C GLY C 255 -29.10 -17.51 -4.44
N ASP C 256 -27.86 -17.84 -4.05
CA ASP C 256 -27.58 -18.74 -2.92
C ASP C 256 -28.32 -20.08 -3.09
N GLY C 257 -28.47 -20.54 -4.32
CA GLY C 257 -29.34 -21.67 -4.63
C GLY C 257 -28.61 -22.99 -4.67
N SER C 258 -29.21 -24.01 -4.04
CA SER C 258 -28.72 -25.37 -4.10
C SER C 258 -29.51 -26.16 -5.13
N ILE C 259 -28.90 -27.23 -5.63
CA ILE C 259 -29.63 -28.07 -6.57
C ILE C 259 -30.75 -28.83 -5.86
N SER C 260 -30.53 -29.23 -4.60
CA SER C 260 -31.57 -29.93 -3.85
C SER C 260 -32.82 -29.06 -3.68
N GLU C 261 -32.63 -27.77 -3.38
CA GLU C 261 -33.81 -26.93 -3.16
C GLU C 261 -34.53 -26.64 -4.47
N ILE C 262 -33.80 -26.64 -5.60
CA ILE C 262 -34.44 -26.65 -6.92
C ILE C 262 -35.25 -27.93 -7.11
N GLU C 263 -34.66 -29.07 -6.74
CA GLU C 263 -35.36 -30.33 -6.87
C GLU C 263 -36.53 -30.43 -5.90
N LEU C 264 -36.45 -29.73 -4.77
CA LEU C 264 -37.58 -29.71 -3.83
C LEU C 264 -38.68 -28.74 -4.23
N THR C 265 -38.44 -27.86 -5.21
CA THR C 265 -39.40 -26.82 -5.52
C THR C 265 -40.76 -27.34 -6.01
N PRO C 266 -40.86 -28.44 -6.76
CA PRO C 266 -42.20 -28.96 -7.11
C PRO C 266 -43.09 -29.29 -5.90
N LYS C 267 -42.56 -29.23 -4.67
CA LYS C 267 -43.36 -29.54 -3.49
C LYS C 267 -44.02 -28.31 -2.87
N VAL C 268 -43.75 -27.10 -3.36
CA VAL C 268 -44.19 -25.91 -2.65
C VAL C 268 -45.66 -25.60 -2.99
N LYS C 269 -46.26 -24.71 -2.21
CA LYS C 269 -47.66 -24.35 -2.42
C LYS C 269 -47.82 -23.15 -3.35
N LEU C 270 -46.84 -22.25 -3.39
CA LEU C 270 -46.97 -21.05 -4.20
C LEU C 270 -45.60 -20.56 -4.62
N ASN C 271 -45.45 -20.24 -5.90
CA ASN C 271 -44.21 -19.73 -6.44
C ASN C 271 -44.30 -18.21 -6.54
N LEU C 272 -43.35 -17.53 -5.88
CA LEU C 272 -43.31 -16.08 -5.81
C LEU C 272 -42.28 -15.60 -6.81
N VAL C 273 -42.74 -14.88 -7.83
CA VAL C 273 -41.90 -14.48 -8.95
C VAL C 273 -41.51 -13.01 -8.76
N HIS C 274 -40.22 -12.78 -8.48
CA HIS C 274 -39.68 -11.43 -8.58
C HIS C 274 -39.37 -11.12 -10.04
N CYS C 275 -38.31 -11.74 -10.57
CA CYS C 275 -37.94 -11.49 -11.97
C CYS C 275 -38.84 -12.27 -12.91
N TYR C 276 -39.84 -11.57 -13.46
CA TYR C 276 -40.78 -12.20 -14.39
C TYR C 276 -40.07 -12.61 -15.69
N ARG C 277 -39.31 -11.68 -16.30
CA ARG C 277 -38.63 -11.94 -17.58
C ARG C 277 -37.84 -13.25 -17.59
N SER C 278 -37.01 -13.47 -16.57
CA SER C 278 -36.07 -14.57 -16.61
C SER C 278 -36.65 -15.90 -16.13
N MET C 279 -37.78 -15.88 -15.41
CA MET C 279 -38.29 -17.08 -14.77
C MET C 279 -39.76 -17.36 -15.01
N ASN C 280 -40.47 -16.54 -15.80
CA ASN C 280 -41.87 -16.85 -16.03
C ASN C 280 -42.02 -18.19 -16.74
N TYR C 281 -41.04 -18.56 -17.57
CA TYR C 281 -41.11 -19.82 -18.30
C TYR C 281 -41.29 -21.01 -17.36
N ILE C 282 -40.35 -21.19 -16.43
CA ILE C 282 -40.43 -22.34 -15.53
C ILE C 282 -41.58 -22.18 -14.56
N SER C 283 -41.98 -20.94 -14.23
CA SER C 283 -43.12 -20.79 -13.34
C SER C 283 -44.39 -21.28 -14.04
N ARG C 284 -44.53 -20.97 -15.32
CA ARG C 284 -45.67 -21.48 -16.06
C ARG C 284 -45.62 -23.01 -16.15
N HIS C 285 -44.42 -23.57 -16.30
CA HIS C 285 -44.32 -25.02 -16.42
C HIS C 285 -44.72 -25.71 -15.13
N MET C 286 -44.38 -25.13 -13.98
CA MET C 286 -44.75 -25.81 -12.74
C MET C 286 -46.23 -25.69 -12.47
N GLU C 287 -46.88 -24.65 -13.01
CA GLU C 287 -48.32 -24.58 -12.88
C GLU C 287 -48.98 -25.66 -13.71
N GLU C 288 -48.55 -25.83 -14.96
CA GLU C 288 -49.17 -26.86 -15.80
C GLU C 288 -48.81 -28.26 -15.34
N LYS C 289 -47.57 -28.49 -14.92
CA LYS C 289 -47.22 -29.85 -14.54
C LYS C 289 -47.65 -30.18 -13.12
N TYR C 290 -47.45 -29.27 -12.17
CA TYR C 290 -47.66 -29.58 -10.76
C TYR C 290 -48.86 -28.89 -10.15
N GLY C 291 -49.49 -27.96 -10.87
CA GLY C 291 -50.62 -27.24 -10.33
C GLY C 291 -50.26 -26.11 -9.40
N ILE C 292 -49.00 -25.70 -9.38
CA ILE C 292 -48.52 -24.71 -8.41
C ILE C 292 -48.81 -23.32 -8.98
N PRO C 293 -49.64 -22.52 -8.33
CA PRO C 293 -49.86 -21.15 -8.81
C PRO C 293 -48.62 -20.30 -8.63
N TRP C 294 -48.57 -19.21 -9.40
CA TRP C 294 -47.47 -18.26 -9.28
C TRP C 294 -47.98 -16.82 -9.34
N MET C 295 -47.23 -15.92 -8.71
CA MET C 295 -47.64 -14.53 -8.59
C MET C 295 -46.42 -13.63 -8.56
N GLU C 296 -46.54 -12.48 -9.23
CA GLU C 296 -45.48 -11.48 -9.24
C GLU C 296 -45.55 -10.63 -7.97
N TYR C 297 -44.37 -10.24 -7.48
CA TYR C 297 -44.29 -9.35 -6.32
C TYR C 297 -43.12 -8.39 -6.56
N ASN C 298 -42.94 -7.46 -5.63
CA ASN C 298 -41.98 -6.37 -5.78
C ASN C 298 -41.45 -6.06 -4.39
N PHE C 299 -40.15 -6.17 -4.19
CA PHE C 299 -39.59 -5.89 -2.87
C PHE C 299 -38.67 -4.67 -2.86
N PHE C 300 -38.81 -3.78 -3.84
CA PHE C 300 -38.05 -2.53 -3.86
C PHE C 300 -38.85 -1.46 -3.14
N GLY C 301 -38.40 -1.08 -1.95
CA GLY C 301 -38.99 0.04 -1.24
C GLY C 301 -40.14 -0.33 -0.35
N PRO C 302 -40.51 0.56 0.57
CA PRO C 302 -41.58 0.25 1.52
C PRO C 302 -42.93 0.03 0.86
N THR C 303 -43.33 0.92 -0.06
CA THR C 303 -44.65 0.84 -0.66
C THR C 303 -44.85 -0.49 -1.37
N LYS C 304 -43.89 -0.89 -2.23
CA LYS C 304 -44.04 -2.16 -2.93
C LYS C 304 -43.87 -3.35 -2.00
N THR C 305 -42.93 -3.28 -1.06
CA THR C 305 -42.71 -4.42 -0.18
C THR C 305 -43.92 -4.66 0.70
N ILE C 306 -44.56 -3.58 1.17
CA ILE C 306 -45.76 -3.73 1.99
C ILE C 306 -46.90 -4.30 1.17
N GLU C 307 -47.14 -3.71 -0.01
CA GLU C 307 -48.14 -4.27 -0.95
C GLU C 307 -47.90 -5.75 -1.16
N SER C 308 -46.65 -6.12 -1.44
CA SER C 308 -46.33 -7.49 -1.82
C SER C 308 -46.62 -8.46 -0.68
N LEU C 309 -46.17 -8.11 0.54
CA LEU C 309 -46.45 -8.97 1.70
C LEU C 309 -47.95 -9.18 1.88
N ARG C 310 -48.74 -8.11 1.76
CA ARG C 310 -50.19 -8.24 1.94
C ARG C 310 -50.81 -9.15 0.87
N ALA C 311 -50.46 -8.91 -0.41
CA ALA C 311 -51.02 -9.72 -1.50
C ALA C 311 -50.53 -11.16 -1.44
N ILE C 312 -49.29 -11.38 -1.00
CA ILE C 312 -48.83 -12.73 -0.73
C ILE C 312 -49.63 -13.35 0.41
N ALA C 313 -49.73 -12.63 1.53
CA ALA C 313 -50.35 -13.21 2.73
C ALA C 313 -51.81 -13.56 2.49
N ALA C 314 -52.49 -12.79 1.63
CA ALA C 314 -53.89 -13.10 1.33
C ALA C 314 -54.06 -14.47 0.68
N LYS C 315 -52.98 -15.08 0.21
CA LYS C 315 -53.04 -16.43 -0.35
C LYS C 315 -53.04 -17.51 0.72
N PHE C 316 -52.83 -17.16 1.98
CA PHE C 316 -52.82 -18.12 3.07
C PHE C 316 -53.91 -17.75 4.09
N ASP C 317 -53.86 -18.41 5.23
CA ASP C 317 -54.95 -18.30 6.19
C ASP C 317 -54.79 -17.05 7.05
N GLU C 318 -55.71 -16.90 8.00
CA GLU C 318 -55.72 -15.73 8.87
C GLU C 318 -54.44 -15.62 9.68
N SER C 319 -53.78 -16.75 9.97
CA SER C 319 -52.56 -16.71 10.79
C SER C 319 -51.40 -16.09 10.03
N ILE C 320 -51.32 -16.30 8.71
CA ILE C 320 -50.26 -15.66 7.93
C ILE C 320 -50.56 -14.17 7.75
N GLN C 321 -51.83 -13.83 7.52
CA GLN C 321 -52.23 -12.43 7.40
C GLN C 321 -51.99 -11.67 8.70
N LYS C 322 -52.22 -12.32 9.85
CA LYS C 322 -51.92 -11.67 11.11
C LYS C 322 -50.43 -11.39 11.22
N LYS C 323 -49.59 -12.38 10.88
CA LYS C 323 -48.14 -12.20 10.98
C LYS C 323 -47.65 -11.11 10.04
N CYS C 324 -48.35 -10.92 8.91
CA CYS C 324 -47.94 -9.92 7.93
C CYS C 324 -48.12 -8.50 8.48
N GLU C 325 -49.28 -8.25 9.12
CA GLU C 325 -49.47 -6.99 9.85
C GLU C 325 -48.46 -6.81 10.98
N GLU C 326 -48.04 -7.91 11.62
CA GLU C 326 -46.99 -7.81 12.64
C GLU C 326 -45.63 -7.47 12.02
N VAL C 327 -45.30 -8.06 10.88
CA VAL C 327 -44.03 -7.71 10.24
C VAL C 327 -44.06 -6.26 9.76
N ILE C 328 -45.18 -5.86 9.15
CA ILE C 328 -45.32 -4.49 8.67
C ILE C 328 -45.14 -3.52 9.82
N ALA C 329 -45.72 -3.84 10.98
CA ALA C 329 -45.65 -2.94 12.12
C ALA C 329 -44.24 -2.85 12.68
N LYS C 330 -43.50 -3.96 12.70
CA LYS C 330 -42.15 -3.95 13.23
C LYS C 330 -41.23 -3.04 12.43
N TYR C 331 -41.34 -3.09 11.10
CA TYR C 331 -40.42 -2.34 10.26
C TYR C 331 -40.93 -0.95 9.89
N LYS C 332 -42.17 -0.62 10.25
CA LYS C 332 -42.69 0.72 9.96
C LYS C 332 -41.82 1.86 10.50
N PRO C 333 -41.30 1.82 11.76
CA PRO C 333 -40.47 2.94 12.22
C PRO C 333 -39.12 2.99 11.55
N GLU C 334 -38.62 1.84 11.08
CA GLU C 334 -37.33 1.80 10.41
C GLU C 334 -37.38 2.50 9.06
N TRP C 335 -38.30 2.08 8.18
CA TRP C 335 -38.31 2.75 6.88
C TRP C 335 -38.82 4.19 6.99
N GLU C 336 -39.67 4.48 7.98
CA GLU C 336 -40.04 5.88 8.20
C GLU C 336 -38.82 6.69 8.61
N ALA C 337 -37.99 6.15 9.50
CA ALA C 337 -36.72 6.81 9.83
C ALA C 337 -35.83 6.99 8.59
N VAL C 338 -35.81 6.01 7.69
CA VAL C 338 -35.07 6.16 6.44
C VAL C 338 -35.66 7.27 5.59
N VAL C 339 -36.99 7.27 5.41
CA VAL C 339 -37.63 8.28 4.57
C VAL C 339 -37.41 9.67 5.17
N ALA C 340 -37.46 9.77 6.50
CA ALA C 340 -37.30 11.05 7.18
C ALA C 340 -35.89 11.62 7.00
N LYS C 341 -34.88 10.77 7.02
CA LYS C 341 -33.52 11.26 6.83
C LYS C 341 -33.27 11.67 5.38
N TYR C 342 -33.67 10.80 4.43
CA TYR C 342 -33.20 10.89 3.06
C TYR C 342 -34.18 11.55 2.10
N ARG C 343 -35.50 11.39 2.28
CA ARG C 343 -36.40 12.03 1.33
C ARG C 343 -36.19 13.54 1.20
N PRO C 344 -36.05 14.33 2.28
CA PRO C 344 -35.71 15.77 2.10
C PRO C 344 -34.51 16.02 1.19
N ARG C 345 -33.48 15.16 1.24
CA ARG C 345 -32.27 15.39 0.47
C ARG C 345 -32.42 14.98 -0.99
N LEU C 346 -33.47 14.21 -1.31
CA LEU C 346 -33.71 13.69 -2.65
C LEU C 346 -35.00 14.20 -3.26
N GLU C 347 -35.88 14.84 -2.48
CA GLU C 347 -37.17 15.32 -2.97
C GLU C 347 -36.99 16.08 -4.27
N GLY C 348 -37.74 15.67 -5.30
CA GLY C 348 -37.78 16.39 -6.56
C GLY C 348 -36.75 16.00 -7.60
N LYS C 349 -35.76 15.19 -7.24
CA LYS C 349 -34.72 14.85 -8.21
C LYS C 349 -35.28 13.91 -9.28
N ARG C 350 -34.76 14.09 -10.50
CA ARG C 350 -35.18 13.31 -11.66
C ARG C 350 -34.11 12.28 -12.00
N VAL C 351 -34.55 11.04 -12.20
CA VAL C 351 -33.70 9.89 -12.50
C VAL C 351 -33.96 9.45 -13.92
N MET C 352 -32.91 9.00 -14.62
CA MET C 352 -33.07 8.22 -15.84
C MET C 352 -32.48 6.83 -15.62
N LEU C 353 -33.22 5.80 -15.97
CA LEU C 353 -32.75 4.43 -15.78
C LEU C 353 -32.53 3.74 -17.11
N TYR C 354 -31.55 2.84 -17.14
CA TYR C 354 -31.46 1.90 -18.26
C TYR C 354 -30.85 0.60 -17.76
N ILE C 355 -31.66 -0.46 -17.66
CA ILE C 355 -31.15 -1.74 -17.16
C ILE C 355 -31.61 -2.93 -18.02
N GLY C 356 -31.84 -4.09 -17.40
CA GLY C 356 -31.95 -5.34 -18.14
C GLY C 356 -33.33 -5.77 -18.56
N GLY C 357 -34.05 -6.44 -17.67
CA GLY C 357 -35.34 -7.02 -17.99
C GLY C 357 -36.37 -6.90 -16.87
N LEU C 358 -36.04 -6.23 -15.77
CA LEU C 358 -36.93 -6.16 -14.62
C LEU C 358 -36.85 -4.83 -13.89
N ARG C 359 -35.65 -4.49 -13.43
CA ARG C 359 -35.52 -3.32 -12.59
C ARG C 359 -35.88 -2.00 -13.25
N PRO C 360 -35.78 -1.82 -14.58
CA PRO C 360 -36.18 -0.52 -15.15
C PRO C 360 -37.58 -0.07 -14.75
N ARG C 361 -38.52 -0.98 -14.48
CA ARG C 361 -39.82 -0.67 -13.88
C ARG C 361 -39.86 -1.00 -12.39
N HIS C 362 -39.11 -2.00 -11.93
CA HIS C 362 -39.32 -2.57 -10.61
C HIS C 362 -38.81 -1.66 -9.51
N VAL C 363 -37.81 -0.83 -9.79
CA VAL C 363 -37.30 0.08 -8.76
C VAL C 363 -37.97 1.46 -8.78
N ILE C 364 -39.00 1.65 -9.63
CA ILE C 364 -39.60 2.98 -9.69
C ILE C 364 -40.26 3.34 -8.36
N GLY C 365 -40.99 2.39 -7.77
CA GLY C 365 -41.66 2.68 -6.50
C GLY C 365 -40.68 3.07 -5.41
N ALA C 366 -39.50 2.47 -5.41
CA ALA C 366 -38.45 2.82 -4.44
C ALA C 366 -38.03 4.27 -4.56
N TYR C 367 -37.76 4.72 -5.79
CA TYR C 367 -37.42 6.13 -6.00
C TYR C 367 -38.56 7.06 -5.58
N GLU C 368 -39.79 6.69 -5.91
CA GLU C 368 -40.92 7.54 -5.54
C GLU C 368 -41.11 7.61 -4.04
N ASP C 369 -40.72 6.56 -3.30
CA ASP C 369 -40.76 6.61 -1.85
C ASP C 369 -39.77 7.63 -1.28
N LEU C 370 -38.76 8.05 -2.05
CA LEU C 370 -37.90 9.17 -1.69
C LEU C 370 -38.28 10.47 -2.42
N GLY C 371 -39.51 10.58 -2.92
CA GLY C 371 -39.83 11.78 -3.66
C GLY C 371 -39.13 11.94 -4.99
N MET C 372 -38.48 10.90 -5.52
CA MET C 372 -37.78 11.05 -6.78
C MET C 372 -38.71 10.72 -7.94
N GLU C 373 -38.33 11.18 -9.13
CA GLU C 373 -39.16 11.01 -10.31
C GLU C 373 -38.32 10.32 -11.37
N VAL C 374 -38.88 9.25 -11.94
CA VAL C 374 -38.22 8.54 -13.03
C VAL C 374 -38.74 9.15 -14.33
N VAL C 375 -37.91 9.98 -14.98
CA VAL C 375 -38.32 10.68 -16.19
C VAL C 375 -38.05 9.87 -17.45
N GLY C 376 -37.24 8.83 -17.37
CA GLY C 376 -37.06 7.92 -18.49
C GLY C 376 -36.53 6.59 -18.02
N THR C 377 -36.95 5.53 -18.70
CA THR C 377 -36.49 4.19 -18.37
C THR C 377 -36.49 3.35 -19.65
N GLY C 378 -35.68 2.31 -19.63
CA GLY C 378 -35.62 1.43 -20.77
C GLY C 378 -34.94 0.14 -20.37
N TYR C 379 -34.90 -0.78 -21.32
CA TYR C 379 -34.49 -2.15 -21.09
C TYR C 379 -33.59 -2.64 -22.23
N GLU C 380 -32.58 -3.42 -21.86
CA GLU C 380 -31.73 -4.09 -22.85
C GLU C 380 -32.53 -5.10 -23.67
N PHE C 381 -33.26 -5.98 -22.99
CA PHE C 381 -33.82 -7.14 -23.65
C PHE C 381 -35.27 -7.45 -23.22
N ALA C 382 -36.03 -6.45 -22.77
CA ALA C 382 -37.36 -6.78 -22.31
C ALA C 382 -38.26 -7.15 -23.49
N HIS C 383 -39.42 -7.74 -23.16
CA HIS C 383 -40.44 -8.16 -24.12
C HIS C 383 -41.65 -7.27 -23.98
N ASN C 384 -42.66 -7.52 -24.84
CA ASN C 384 -43.86 -6.71 -24.77
C ASN C 384 -44.53 -6.81 -23.40
N ASP C 385 -44.64 -8.01 -22.82
CA ASP C 385 -45.31 -8.08 -21.54
C ASP C 385 -44.59 -7.31 -20.45
N ASP C 386 -43.27 -7.08 -20.59
CA ASP C 386 -42.60 -6.18 -19.66
C ASP C 386 -43.00 -4.74 -19.92
N TYR C 387 -42.98 -4.32 -21.18
CA TYR C 387 -43.40 -2.93 -21.44
C TYR C 387 -44.87 -2.73 -21.13
N ASP C 388 -45.69 -3.79 -21.20
CA ASP C 388 -47.08 -3.66 -20.77
C ASP C 388 -47.15 -3.25 -19.32
N ARG C 389 -46.31 -3.87 -18.49
CA ARG C 389 -46.26 -3.55 -17.07
C ARG C 389 -45.55 -2.24 -16.83
N THR C 390 -44.73 -1.79 -17.77
CA THR C 390 -43.92 -0.60 -17.52
C THR C 390 -44.72 0.68 -17.75
N MET C 391 -45.61 0.68 -18.74
CA MET C 391 -46.32 1.91 -19.05
C MET C 391 -47.28 2.31 -17.94
N LYS C 392 -47.85 1.34 -17.23
CA LYS C 392 -48.69 1.65 -16.06
C LYS C 392 -47.86 2.23 -14.90
N GLU C 393 -46.58 1.87 -14.79
CA GLU C 393 -45.71 2.31 -13.69
C GLU C 393 -45.06 3.65 -13.97
N MET C 394 -44.79 3.96 -15.23
CA MET C 394 -44.13 5.21 -15.56
C MET C 394 -45.16 6.31 -15.74
N GLY C 395 -44.75 7.53 -15.43
CA GLY C 395 -45.65 8.65 -15.55
C GLY C 395 -45.93 8.98 -17.01
N ASP C 396 -46.96 9.80 -17.21
CA ASP C 396 -47.29 10.18 -18.56
C ASP C 396 -46.24 11.10 -19.16
N SER C 397 -46.09 11.02 -20.47
CA SER C 397 -45.17 11.81 -21.28
C SER C 397 -43.71 11.68 -20.84
N THR C 398 -43.34 10.59 -20.16
CA THR C 398 -41.94 10.26 -19.91
C THR C 398 -41.34 9.45 -21.08
N LEU C 399 -40.01 9.25 -21.06
CA LEU C 399 -39.33 8.65 -22.20
C LEU C 399 -39.00 7.18 -21.96
N LEU C 400 -39.24 6.35 -22.99
CA LEU C 400 -39.03 4.90 -22.97
C LEU C 400 -38.11 4.55 -24.13
N TYR C 401 -37.13 3.67 -23.89
CA TYR C 401 -36.19 3.28 -24.94
C TYR C 401 -35.84 1.78 -24.84
N ASP C 402 -35.99 1.07 -25.94
CA ASP C 402 -35.72 -0.37 -25.97
C ASP C 402 -34.39 -0.60 -26.66
N ASP C 403 -33.52 -1.36 -26.00
CA ASP C 403 -32.19 -1.64 -26.57
C ASP C 403 -31.55 -0.36 -27.07
N VAL C 404 -31.54 0.65 -26.21
CA VAL C 404 -30.99 1.96 -26.56
C VAL C 404 -29.56 1.82 -27.10
N THR C 405 -29.21 2.67 -28.05
CA THR C 405 -27.85 2.67 -28.56
C THR C 405 -27.04 3.66 -27.74
N GLY C 406 -25.71 3.50 -27.79
CA GLY C 406 -24.85 4.37 -27.01
C GLY C 406 -25.11 5.84 -27.31
N TYR C 407 -25.18 6.15 -28.61
CA TYR C 407 -25.44 7.51 -29.06
C TYR C 407 -26.81 8.02 -28.58
N GLU C 408 -27.87 7.20 -28.72
CA GLU C 408 -29.18 7.66 -28.29
C GLU C 408 -29.17 8.03 -26.81
N PHE C 409 -28.62 7.16 -25.97
CA PHE C 409 -28.71 7.40 -24.54
C PHE C 409 -27.93 8.63 -24.15
N GLU C 410 -26.75 8.85 -24.74
CA GLU C 410 -26.01 10.07 -24.45
C GLU C 410 -26.78 11.30 -24.88
N GLU C 411 -27.43 11.25 -26.05
CA GLU C 411 -28.17 12.42 -26.51
C GLU C 411 -29.41 12.66 -25.65
N PHE C 412 -30.15 11.59 -25.34
CA PHE C 412 -31.29 11.75 -24.43
C PHE C 412 -30.86 12.40 -23.12
N VAL C 413 -29.74 11.94 -22.57
CA VAL C 413 -29.31 12.47 -21.29
C VAL C 413 -28.97 13.95 -21.41
N LYS C 414 -28.30 14.33 -22.49
CA LYS C 414 -27.87 15.71 -22.67
C LYS C 414 -29.05 16.68 -22.72
N ARG C 415 -30.21 16.20 -23.18
CA ARG C 415 -31.36 17.06 -23.30
C ARG C 415 -32.23 17.03 -22.05
N ILE C 416 -32.45 15.84 -21.48
CA ILE C 416 -33.31 15.73 -20.31
C ILE C 416 -32.62 16.27 -19.07
N LYS C 417 -31.27 16.25 -19.04
CA LYS C 417 -30.48 16.68 -17.90
C LYS C 417 -30.98 16.10 -16.56
N PRO C 418 -31.10 14.78 -16.46
CA PRO C 418 -31.53 14.19 -15.19
C PRO C 418 -30.52 14.46 -14.09
N ASP C 419 -30.99 14.43 -12.83
CA ASP C 419 -30.11 14.61 -11.67
C ASP C 419 -29.33 13.35 -11.30
N LEU C 420 -29.70 12.20 -11.88
CA LEU C 420 -29.09 10.94 -11.51
C LEU C 420 -29.37 9.95 -12.63
N ILE C 421 -28.40 9.09 -12.92
CA ILE C 421 -28.60 8.01 -13.89
C ILE C 421 -28.33 6.67 -13.21
N GLY C 422 -29.24 5.73 -13.42
CA GLY C 422 -29.10 4.39 -12.89
C GLY C 422 -28.96 3.40 -14.02
N SER C 423 -27.72 2.94 -14.31
CA SER C 423 -27.53 2.01 -15.41
C SER C 423 -26.35 1.05 -15.14
N GLY C 424 -25.60 0.64 -16.19
CA GLY C 424 -24.63 -0.43 -16.09
C GLY C 424 -23.16 0.03 -16.09
N ILE C 425 -22.26 -0.95 -15.94
CA ILE C 425 -20.83 -0.63 -15.83
C ILE C 425 -20.32 0.00 -17.13
N LYS C 426 -20.96 -0.29 -18.25
CA LYS C 426 -20.48 0.31 -19.50
C LYS C 426 -20.98 1.74 -19.66
N GLU C 427 -21.98 2.12 -18.90
CA GLU C 427 -22.54 3.46 -18.92
C GLU C 427 -21.92 4.37 -17.86
N LYS C 428 -21.45 3.79 -16.75
CA LYS C 428 -21.07 4.57 -15.58
C LYS C 428 -20.09 5.68 -15.91
N PHE C 429 -19.00 5.36 -16.59
CA PHE C 429 -17.92 6.34 -16.63
C PHE C 429 -18.12 7.39 -17.71
N ILE C 430 -19.05 7.16 -18.63
CA ILE C 430 -19.46 8.21 -19.57
C ILE C 430 -20.12 9.36 -18.82
N PHE C 431 -21.16 9.05 -18.06
CA PHE C 431 -21.97 10.12 -17.50
C PHE C 431 -21.33 10.78 -16.30
N GLN C 432 -20.41 10.10 -15.60
CA GLN C 432 -19.65 10.78 -14.54
C GLN C 432 -18.81 11.91 -15.11
N LYS C 433 -18.21 11.70 -16.29
CA LYS C 433 -17.40 12.76 -16.88
C LYS C 433 -18.23 13.96 -17.30
N MET C 434 -19.52 13.76 -17.55
CA MET C 434 -20.45 14.84 -17.85
C MET C 434 -20.97 15.52 -16.58
N GLY C 435 -20.54 15.06 -15.41
CA GLY C 435 -20.92 15.69 -14.16
C GLY C 435 -22.28 15.29 -13.63
N ILE C 436 -22.85 14.19 -14.11
CA ILE C 436 -24.16 13.72 -13.69
C ILE C 436 -23.97 12.53 -12.75
N PRO C 437 -24.45 12.61 -11.50
CA PRO C 437 -24.39 11.45 -10.60
C PRO C 437 -24.88 10.17 -11.26
N PHE C 438 -24.15 9.06 -11.01
CA PHE C 438 -24.44 7.76 -11.60
C PHE C 438 -24.44 6.68 -10.52
N ARG C 439 -25.43 5.77 -10.56
CA ARG C 439 -25.46 4.61 -9.68
C ARG C 439 -25.62 3.34 -10.51
N GLU C 440 -24.69 2.41 -10.33
CA GLU C 440 -24.89 1.10 -10.95
C GLU C 440 -26.12 0.42 -10.40
N MET C 441 -26.99 -0.02 -11.31
CA MET C 441 -28.26 -0.63 -10.92
C MET C 441 -28.34 -2.08 -11.39
N HIS C 442 -27.18 -2.64 -11.77
CA HIS C 442 -26.96 -4.07 -11.74
C HIS C 442 -26.19 -4.45 -10.49
N SER C 443 -24.91 -4.03 -10.42
CA SER C 443 -23.99 -4.44 -9.38
C SER C 443 -24.28 -3.78 -8.05
N TRP C 444 -25.26 -2.86 -8.01
CA TRP C 444 -25.52 -1.92 -6.91
C TRP C 444 -24.27 -1.15 -6.50
N ASP C 445 -23.30 -1.00 -7.42
CA ASP C 445 -22.05 -0.29 -7.12
C ASP C 445 -21.39 -0.87 -5.86
N TYR C 446 -21.44 -2.20 -5.75
CA TYR C 446 -20.71 -2.96 -4.73
C TYR C 446 -21.28 -2.71 -3.34
N SER C 447 -22.57 -2.38 -3.30
CA SER C 447 -23.30 -2.16 -2.06
C SER C 447 -24.52 -3.06 -2.11
N GLY C 448 -25.61 -2.68 -1.44
CA GLY C 448 -26.79 -3.53 -1.34
C GLY C 448 -26.66 -4.42 -0.12
N PRO C 449 -27.71 -5.21 0.21
CA PRO C 449 -28.92 -5.46 -0.59
C PRO C 449 -29.78 -4.22 -0.81
N TYR C 450 -30.59 -4.23 -1.86
CA TYR C 450 -31.64 -3.23 -2.01
C TYR C 450 -33.05 -3.78 -1.82
N HIS C 451 -33.28 -5.08 -1.98
CA HIS C 451 -34.62 -5.63 -1.78
C HIS C 451 -35.01 -5.52 -0.29
N GLY C 452 -36.33 -5.48 -0.03
CA GLY C 452 -36.85 -5.51 1.34
C GLY C 452 -36.68 -4.22 2.11
N PHE C 453 -37.03 -4.29 3.41
CA PHE C 453 -36.95 -3.12 4.27
C PHE C 453 -35.50 -2.76 4.59
N ASP C 454 -34.70 -3.77 4.93
CA ASP C 454 -33.28 -3.54 5.17
C ASP C 454 -32.59 -3.06 3.91
N GLY C 455 -33.03 -3.52 2.75
CA GLY C 455 -32.42 -3.05 1.51
C GLY C 455 -32.81 -1.63 1.16
N PHE C 456 -34.00 -1.18 1.58
CA PHE C 456 -34.40 0.20 1.32
C PHE C 456 -33.46 1.20 2.01
N ALA C 457 -33.08 0.96 3.27
CA ALA C 457 -32.17 1.88 3.95
C ALA C 457 -30.86 2.07 3.18
N ILE C 458 -30.30 0.97 2.67
CA ILE C 458 -29.03 1.05 1.94
C ILE C 458 -29.23 1.76 0.61
N PHE C 459 -30.32 1.45 -0.09
CA PHE C 459 -30.64 2.10 -1.36
C PHE C 459 -30.81 3.61 -1.18
N ALA C 460 -31.44 4.02 -0.08
CA ALA C 460 -31.60 5.46 0.16
C ALA C 460 -30.27 6.11 0.53
N ARG C 461 -29.51 5.48 1.42
CA ARG C 461 -28.20 6.03 1.76
C ARG C 461 -27.31 6.15 0.52
N ASP C 462 -27.43 5.20 -0.41
CA ASP C 462 -26.59 5.19 -1.61
C ASP C 462 -27.01 6.27 -2.60
N MET C 463 -28.32 6.49 -2.79
CA MET C 463 -28.74 7.51 -3.74
C MET C 463 -28.36 8.88 -3.23
N ASP C 464 -28.47 9.10 -1.91
CA ASP C 464 -28.06 10.37 -1.32
C ASP C 464 -26.56 10.61 -1.44
N MET C 465 -25.74 9.60 -1.08
CA MET C 465 -24.29 9.82 -1.05
C MET C 465 -23.77 10.14 -2.43
N THR C 466 -24.43 9.66 -3.48
CA THR C 466 -23.89 9.92 -4.82
C THR C 466 -24.50 11.15 -5.46
N LEU C 467 -25.83 11.24 -5.49
CA LEU C 467 -26.47 12.42 -6.03
C LEU C 467 -25.99 13.70 -5.32
N ASN C 468 -25.79 13.65 -3.99
CA ASN C 468 -25.41 14.86 -3.24
C ASN C 468 -23.92 14.94 -2.91
N ASN C 469 -23.11 14.15 -3.56
CA ASN C 469 -21.69 14.16 -3.24
C ASN C 469 -21.05 15.50 -3.60
N PRO C 470 -20.15 16.03 -2.72
CA PRO C 470 -19.39 17.23 -3.06
C PRO C 470 -18.62 17.14 -4.38
N CYS C 471 -18.35 15.96 -4.94
CA CYS C 471 -17.47 16.00 -6.11
C CYS C 471 -18.15 16.65 -7.30
N TRP C 472 -19.49 16.63 -7.37
CA TRP C 472 -20.15 17.10 -8.58
C TRP C 472 -20.13 18.63 -8.71
N LYS C 473 -19.70 19.36 -7.69
CA LYS C 473 -19.58 20.81 -7.75
C LYS C 473 -18.24 21.28 -8.32
N LYS C 474 -17.35 20.34 -8.65
CA LYS C 474 -15.93 20.61 -8.81
C LYS C 474 -15.42 20.46 -10.24
N LEU C 475 -16.26 20.02 -11.18
CA LEU C 475 -15.73 19.67 -12.50
C LEU C 475 -15.37 20.88 -13.34
N GLN C 476 -15.90 22.06 -13.04
CA GLN C 476 -15.53 23.27 -13.75
C GLN C 476 -14.38 23.93 -12.99
N ALA C 477 -13.25 24.12 -13.67
CA ALA C 477 -12.15 24.84 -13.07
C ALA C 477 -12.56 26.29 -12.81
N PRO C 478 -12.16 26.86 -11.67
CA PRO C 478 -12.63 28.23 -11.36
C PRO C 478 -12.17 29.28 -12.34
N TRP C 479 -11.08 29.07 -13.09
CA TRP C 479 -10.73 30.00 -14.16
C TRP C 479 -11.48 29.72 -15.47
N GLU C 480 -12.42 28.78 -15.47
CA GLU C 480 -13.10 28.30 -16.67
C GLU C 480 -12.07 27.73 -17.67
N SER D 2 -33.02 -5.96 10.48
CA SER D 2 -33.35 -4.57 10.82
C SER D 2 -32.17 -3.66 10.56
N GLN D 3 -32.47 -2.36 10.43
CA GLN D 3 -31.44 -1.34 10.26
C GLN D 3 -31.56 -0.31 11.38
N GLN D 4 -30.42 0.18 11.86
CA GLN D 4 -30.34 1.39 12.67
C GLN D 4 -29.98 2.53 11.72
N VAL D 5 -30.89 3.49 11.59
CA VAL D 5 -30.84 4.41 10.45
C VAL D 5 -29.61 5.31 10.48
N ASP D 6 -29.05 5.57 11.67
CA ASP D 6 -27.86 6.41 11.78
C ASP D 6 -26.55 5.61 11.68
N LYS D 7 -26.62 4.29 11.47
CA LYS D 7 -25.45 3.41 11.27
C LYS D 7 -25.92 2.26 10.40
N ILE D 8 -26.16 2.56 9.12
CA ILE D 8 -26.74 1.58 8.20
C ILE D 8 -25.68 0.55 7.84
N LYS D 9 -26.08 -0.72 7.85
CA LYS D 9 -25.19 -1.83 7.49
C LYS D 9 -25.48 -2.28 6.05
N ALA D 10 -24.42 -2.45 5.25
CA ALA D 10 -24.57 -3.15 3.99
C ALA D 10 -24.34 -4.64 4.24
N SER D 11 -24.44 -5.44 3.16
CA SER D 11 -24.37 -6.90 3.25
C SER D 11 -23.33 -7.40 4.27
N TYR D 12 -22.09 -6.90 4.18
CA TYR D 12 -21.18 -7.02 5.30
C TYR D 12 -21.19 -5.69 6.06
N PRO D 13 -21.48 -5.67 7.37
CA PRO D 13 -21.80 -6.82 8.21
C PRO D 13 -23.30 -7.15 8.44
N LEU D 14 -24.23 -6.64 7.63
CA LEU D 14 -25.65 -6.82 7.95
C LEU D 14 -25.96 -8.30 8.23
N PHE D 15 -25.47 -9.20 7.38
CA PHE D 15 -25.88 -10.60 7.43
C PHE D 15 -25.19 -11.39 8.53
N LEU D 16 -24.30 -10.78 9.31
CA LEU D 16 -23.82 -11.38 10.54
C LEU D 16 -24.79 -11.19 11.71
N ASP D 17 -25.84 -10.38 11.56
CA ASP D 17 -26.85 -10.24 12.61
C ASP D 17 -27.42 -11.61 12.92
N GLN D 18 -27.83 -11.81 14.18
CA GLN D 18 -28.22 -13.14 14.62
C GLN D 18 -29.46 -13.64 13.89
N ASP D 19 -30.43 -12.77 13.61
CA ASP D 19 -31.62 -13.28 12.93
C ASP D 19 -31.27 -13.74 11.51
N TYR D 20 -30.40 -13.01 10.81
CA TYR D 20 -29.96 -13.49 9.51
C TYR D 20 -29.13 -14.77 9.65
N LYS D 21 -28.23 -14.81 10.64
CA LYS D 21 -27.48 -16.03 10.88
C LYS D 21 -28.40 -17.21 11.13
N ASP D 22 -29.44 -17.01 11.96
CA ASP D 22 -30.38 -18.07 12.24
C ASP D 22 -31.15 -18.49 10.99
N MET D 23 -31.57 -17.53 10.18
CA MET D 23 -32.32 -17.86 8.96
C MET D 23 -31.47 -18.69 8.00
N LEU D 24 -30.18 -18.33 7.88
CA LEU D 24 -29.29 -19.01 6.93
C LEU D 24 -28.94 -20.42 7.38
N ALA D 25 -28.85 -20.65 8.69
CA ALA D 25 -28.66 -22.01 9.17
C ALA D 25 -29.89 -22.86 8.92
N LYS D 26 -31.08 -22.24 8.96
CA LYS D 26 -32.31 -22.97 8.73
C LYS D 26 -32.48 -23.30 7.24
N LYS D 27 -32.11 -22.37 6.36
CA LYS D 27 -32.08 -22.66 4.93
C LYS D 27 -31.15 -23.83 4.65
N ARG D 28 -29.93 -23.78 5.18
CA ARG D 28 -28.98 -24.85 4.96
C ARG D 28 -29.54 -26.19 5.44
N ASP D 29 -29.89 -26.28 6.72
CA ASP D 29 -30.32 -27.57 7.27
C ASP D 29 -31.61 -28.04 6.64
N GLY D 30 -32.50 -27.13 6.25
CA GLY D 30 -33.80 -27.54 5.76
C GLY D 30 -33.83 -27.98 4.31
N PHE D 31 -33.01 -27.38 3.45
CA PHE D 31 -33.23 -27.58 2.02
C PHE D 31 -31.98 -27.75 1.20
N GLU D 32 -30.79 -27.45 1.72
CA GLU D 32 -29.58 -27.48 0.90
C GLU D 32 -28.93 -28.85 0.82
N GLU D 33 -29.24 -29.77 1.73
CA GLU D 33 -28.66 -31.12 1.71
C GLU D 33 -27.13 -31.03 1.61
N LYS D 34 -26.57 -30.18 2.45
CA LYS D 34 -25.16 -29.83 2.43
C LYS D 34 -24.30 -30.94 3.04
N TYR D 35 -23.10 -31.11 2.49
CA TYR D 35 -22.16 -32.05 3.09
C TYR D 35 -21.84 -31.63 4.52
N PRO D 36 -21.68 -32.60 5.44
CA PRO D 36 -21.27 -32.27 6.81
C PRO D 36 -19.97 -31.46 6.84
N GLN D 37 -19.88 -30.56 7.82
CA GLN D 37 -18.72 -29.67 7.93
C GLN D 37 -17.43 -30.46 8.14
N ASP D 38 -17.52 -31.64 8.78
CA ASP D 38 -16.34 -32.50 8.91
C ASP D 38 -15.85 -32.96 7.54
N LYS D 39 -16.76 -33.33 6.66
CA LYS D 39 -16.38 -33.74 5.31
C LYS D 39 -15.77 -32.58 4.53
N ILE D 40 -16.45 -31.43 4.53
CA ILE D 40 -15.94 -30.25 3.84
C ILE D 40 -14.51 -29.96 4.28
N ASP D 41 -14.28 -29.99 5.60
CA ASP D 41 -12.94 -29.77 6.16
C ASP D 41 -11.95 -30.81 5.64
N GLU D 42 -12.33 -32.10 5.67
CA GLU D 42 -11.43 -33.16 5.22
C GLU D 42 -11.05 -32.96 3.75
N VAL D 43 -12.02 -32.64 2.91
CA VAL D 43 -11.73 -32.43 1.49
C VAL D 43 -10.86 -31.20 1.30
N PHE D 44 -11.17 -30.09 1.98
CA PHE D 44 -10.32 -28.90 1.82
C PHE D 44 -8.88 -29.23 2.16
N GLN D 45 -8.67 -29.94 3.28
CA GLN D 45 -7.32 -30.32 3.67
C GLN D 45 -6.66 -31.13 2.56
N TRP D 46 -7.38 -32.13 2.03
CA TRP D 46 -6.92 -32.92 0.89
C TRP D 46 -6.45 -32.06 -0.28
N THR D 47 -7.21 -31.02 -0.63
CA THR D 47 -6.81 -30.13 -1.70
C THR D 47 -5.56 -29.32 -1.39
N THR D 48 -5.02 -29.37 -0.17
CA THR D 48 -3.76 -28.69 0.12
C THR D 48 -2.54 -29.63 0.04
N THR D 49 -2.73 -30.91 -0.23
CA THR D 49 -1.64 -31.89 -0.13
C THR D 49 -0.91 -32.09 -1.46
N LYS D 50 0.27 -32.74 -1.39
CA LYS D 50 0.97 -33.05 -2.64
C LYS D 50 0.32 -34.19 -3.39
N GLU D 51 -0.34 -35.12 -2.68
CA GLU D 51 -1.14 -36.13 -3.36
C GLU D 51 -2.18 -35.45 -4.26
N TYR D 52 -2.83 -34.40 -3.76
CA TYR D 52 -3.77 -33.64 -4.60
C TYR D 52 -3.03 -32.95 -5.75
N GLN D 53 -1.91 -32.29 -5.43
CA GLN D 53 -1.14 -31.59 -6.45
C GLN D 53 -0.78 -32.51 -7.62
N GLU D 54 -0.28 -33.71 -7.31
CA GLU D 54 0.05 -34.66 -8.37
C GLU D 54 -1.14 -34.89 -9.30
N LEU D 55 -2.33 -35.09 -8.72
CA LEU D 55 -3.52 -35.30 -9.57
C LEU D 55 -3.81 -34.05 -10.38
N ASN D 56 -3.75 -32.89 -9.73
CA ASN D 56 -4.01 -31.59 -10.35
C ASN D 56 -3.20 -31.40 -11.63
N PHE D 57 -1.89 -31.65 -11.58
CA PHE D 57 -1.04 -31.45 -12.73
C PHE D 57 -1.22 -32.53 -13.79
N GLN D 58 -2.10 -33.50 -13.53
CA GLN D 58 -2.40 -34.56 -14.49
C GLN D 58 -3.57 -34.18 -15.37
N ARG D 59 -4.14 -33.00 -15.18
CA ARG D 59 -5.21 -32.56 -16.05
C ARG D 59 -4.73 -32.46 -17.49
N GLU D 60 -5.58 -32.91 -18.41
CA GLU D 60 -5.40 -32.65 -19.83
C GLU D 60 -6.58 -31.90 -20.44
N ALA D 61 -7.76 -32.00 -19.86
CA ALA D 61 -8.94 -31.45 -20.51
C ALA D 61 -9.59 -30.31 -19.73
N LEU D 62 -9.58 -30.33 -18.40
CA LEU D 62 -10.22 -29.28 -17.63
C LEU D 62 -9.23 -28.14 -17.39
N THR D 63 -9.74 -26.91 -17.52
CA THR D 63 -9.01 -25.72 -17.09
C THR D 63 -9.80 -25.08 -15.95
N VAL D 64 -9.07 -24.55 -14.96
CA VAL D 64 -9.70 -23.99 -13.77
C VAL D 64 -9.00 -22.68 -13.44
N ASN D 65 -9.76 -21.59 -13.42
CA ASN D 65 -9.22 -20.27 -13.08
C ASN D 65 -8.02 -19.92 -13.95
N PRO D 66 -8.22 -19.77 -15.26
CA PRO D 66 -7.15 -19.33 -16.16
C PRO D 66 -6.56 -17.98 -15.79
N ALA D 67 -5.36 -17.75 -16.32
CA ALA D 67 -4.67 -16.48 -16.25
C ALA D 67 -4.44 -15.98 -17.67
N LYS D 68 -5.49 -15.96 -18.50
CA LYS D 68 -5.42 -15.37 -19.82
C LYS D 68 -6.84 -15.04 -20.27
N ALA D 69 -6.96 -14.18 -21.29
CA ALA D 69 -8.22 -13.91 -21.95
C ALA D 69 -8.10 -14.21 -23.45
N CYS D 70 -9.09 -13.83 -24.23
CA CYS D 70 -9.12 -14.27 -25.63
C CYS D 70 -8.71 -13.14 -26.59
N GLN D 71 -8.23 -13.55 -27.77
CA GLN D 71 -7.60 -12.65 -28.77
C GLN D 71 -8.29 -11.31 -28.98
N PRO D 72 -9.60 -11.26 -29.28
CA PRO D 72 -10.23 -9.96 -29.57
C PRO D 72 -10.09 -8.90 -28.47
N LEU D 73 -10.14 -9.29 -27.19
CA LEU D 73 -9.78 -8.34 -26.14
C LEU D 73 -8.53 -7.55 -26.47
N GLY D 74 -7.48 -8.24 -26.92
CA GLY D 74 -6.23 -7.56 -27.24
C GLY D 74 -6.34 -6.67 -28.46
N ALA D 75 -7.10 -7.12 -29.47
CA ALA D 75 -7.23 -6.30 -30.68
C ALA D 75 -7.96 -5.00 -30.38
N VAL D 76 -8.98 -5.05 -29.50
CA VAL D 76 -9.67 -3.82 -29.07
C VAL D 76 -8.69 -2.85 -28.44
N LEU D 77 -7.93 -3.31 -27.43
CA LEU D 77 -6.94 -2.45 -26.78
C LEU D 77 -5.95 -1.85 -27.77
N CYS D 78 -5.46 -2.66 -28.73
CA CYS D 78 -4.58 -2.13 -29.76
C CYS D 78 -5.30 -1.08 -30.61
N ALA D 79 -6.55 -1.35 -31.00
CA ALA D 79 -7.29 -0.43 -31.86
C ALA D 79 -7.51 0.92 -31.18
N LEU D 80 -7.83 0.91 -29.87
CA LEU D 80 -8.08 2.15 -29.12
C LEU D 80 -6.88 3.08 -29.08
N GLY D 81 -5.67 2.59 -29.37
CA GLY D 81 -4.50 3.44 -29.37
C GLY D 81 -4.32 4.29 -30.60
N PHE D 82 -5.29 4.29 -31.51
CA PHE D 82 -5.19 5.09 -32.73
C PHE D 82 -6.22 6.21 -32.73
N GLU D 83 -5.84 7.32 -33.34
CA GLU D 83 -6.63 8.56 -33.22
C GLU D 83 -7.99 8.38 -33.89
N LYS D 84 -9.05 8.76 -33.16
CA LYS D 84 -10.44 8.70 -33.66
C LYS D 84 -10.75 7.35 -34.30
N THR D 85 -10.21 6.29 -33.71
CA THR D 85 -10.42 4.94 -34.21
C THR D 85 -11.46 4.24 -33.36
N MET D 86 -12.40 3.56 -34.02
CA MET D 86 -13.37 2.77 -33.30
C MET D 86 -12.99 1.31 -33.41
N PRO D 87 -12.83 0.59 -32.30
CA PRO D 87 -12.70 -0.87 -32.39
C PRO D 87 -14.03 -1.45 -32.84
N TYR D 88 -13.94 -2.40 -33.76
CA TYR D 88 -15.13 -2.99 -34.41
C TYR D 88 -14.89 -4.49 -34.44
N VAL D 89 -15.61 -5.25 -33.63
CA VAL D 89 -15.45 -6.71 -33.64
C VAL D 89 -16.56 -7.32 -34.48
N HIS D 90 -16.16 -7.84 -35.64
CA HIS D 90 -17.02 -8.61 -36.54
C HIS D 90 -17.41 -9.92 -35.87
N GLY D 91 -18.70 -10.09 -35.56
CA GLY D 91 -19.18 -11.29 -34.92
C GLY D 91 -20.31 -11.05 -33.93
N SER D 92 -20.31 -11.81 -32.84
CA SER D 92 -21.41 -11.84 -31.89
C SER D 92 -21.24 -10.75 -30.84
N GLN D 93 -22.36 -10.11 -30.47
CA GLN D 93 -22.29 -8.90 -29.65
C GLN D 93 -22.03 -9.20 -28.17
N GLY D 94 -22.33 -10.41 -27.68
CA GLY D 94 -22.00 -10.72 -26.29
C GLY D 94 -20.53 -10.56 -25.99
N CYS D 95 -19.68 -10.80 -26.99
CA CYS D 95 -18.24 -10.63 -26.81
C CYS D 95 -17.91 -9.19 -26.47
N VAL D 96 -18.49 -8.25 -27.21
CA VAL D 96 -18.15 -6.83 -27.06
C VAL D 96 -18.66 -6.28 -25.73
N ALA D 97 -19.84 -6.73 -25.28
CA ALA D 97 -20.27 -6.34 -23.93
C ALA D 97 -19.26 -6.79 -22.89
N TYR D 98 -18.66 -7.96 -23.09
CA TYR D 98 -17.70 -8.46 -22.14
C TYR D 98 -16.38 -7.73 -22.24
N PHE D 99 -15.88 -7.48 -23.46
CA PHE D 99 -14.60 -6.77 -23.59
C PHE D 99 -14.68 -5.38 -22.98
N ARG D 100 -15.80 -4.68 -23.21
CA ARG D 100 -15.93 -3.33 -22.68
C ARG D 100 -15.96 -3.34 -21.16
N SER D 101 -16.80 -4.18 -20.58
CA SER D 101 -16.92 -4.19 -19.12
C SER D 101 -15.62 -4.65 -18.47
N TYR D 102 -14.89 -5.57 -19.11
CA TYR D 102 -13.62 -6.03 -18.57
C TYR D 102 -12.62 -4.88 -18.48
N PHE D 103 -12.47 -4.13 -19.57
CA PHE D 103 -11.60 -2.95 -19.53
C PHE D 103 -12.19 -1.83 -18.68
N ASN D 104 -13.51 -1.59 -18.77
CA ASN D 104 -14.15 -0.63 -17.87
C ASN D 104 -13.65 -0.84 -16.44
N ARG D 105 -13.74 -2.09 -15.97
CA ARG D 105 -13.51 -2.34 -14.56
C ARG D 105 -12.04 -2.17 -14.18
N HIS D 106 -11.11 -2.34 -15.13
CA HIS D 106 -9.68 -2.17 -14.81
C HIS D 106 -9.24 -0.70 -14.84
N PHE D 107 -9.70 0.04 -15.85
CA PHE D 107 -9.30 1.43 -16.02
C PHE D 107 -10.23 2.41 -15.34
N ARG D 108 -11.47 1.99 -15.04
CA ARG D 108 -12.52 2.89 -14.54
C ARG D 108 -12.69 4.07 -15.49
N GLU D 109 -12.83 3.74 -16.77
CA GLU D 109 -12.96 4.67 -17.88
C GLU D 109 -13.99 4.12 -18.84
N PRO D 110 -14.54 4.95 -19.72
CA PRO D 110 -15.39 4.39 -20.80
C PRO D 110 -14.49 3.59 -21.74
N VAL D 111 -15.07 2.56 -22.35
CA VAL D 111 -14.40 1.77 -23.38
C VAL D 111 -15.36 1.67 -24.55
N SER D 112 -15.02 2.30 -25.66
CA SER D 112 -15.88 2.39 -26.82
C SER D 112 -15.51 1.29 -27.81
N CYS D 113 -16.50 0.52 -28.24
CA CYS D 113 -16.27 -0.62 -29.12
C CYS D 113 -17.63 -1.02 -29.65
N VAL D 114 -17.70 -1.45 -30.91
CA VAL D 114 -18.95 -1.91 -31.48
C VAL D 114 -18.79 -3.34 -31.95
N SER D 115 -19.92 -3.98 -32.18
CA SER D 115 -20.01 -5.25 -32.91
C SER D 115 -20.99 -5.02 -34.04
N ASP D 116 -21.18 -6.03 -34.90
CA ASP D 116 -22.23 -5.97 -35.91
C ASP D 116 -23.31 -7.02 -35.68
N SER D 117 -23.36 -7.56 -34.46
CA SER D 117 -24.52 -8.30 -33.97
C SER D 117 -24.90 -9.45 -34.91
N MET D 118 -23.95 -10.34 -35.13
CA MET D 118 -24.24 -11.54 -35.90
C MET D 118 -25.01 -12.53 -35.03
N THR D 119 -26.18 -12.93 -35.52
CA THR D 119 -27.07 -13.87 -34.86
C THR D 119 -27.17 -15.17 -35.67
N GLU D 120 -28.16 -16.00 -35.33
CA GLU D 120 -28.30 -17.30 -36.01
C GLU D 120 -28.48 -17.16 -37.52
N ASP D 121 -29.08 -16.08 -38.00
CA ASP D 121 -29.18 -15.89 -39.44
C ASP D 121 -27.81 -15.77 -40.08
N ALA D 122 -26.88 -15.10 -39.40
CA ALA D 122 -25.52 -15.03 -39.93
C ALA D 122 -24.76 -16.32 -39.75
N ALA D 123 -25.09 -17.10 -38.71
CA ALA D 123 -24.50 -18.44 -38.59
C ALA D 123 -24.79 -19.25 -39.83
N VAL D 124 -25.97 -19.09 -40.39
CA VAL D 124 -26.42 -19.86 -41.54
C VAL D 124 -25.92 -19.27 -42.84
N PHE D 125 -26.10 -17.96 -43.02
CA PHE D 125 -25.88 -17.28 -44.29
C PHE D 125 -24.64 -16.41 -44.30
N GLY D 126 -23.78 -16.50 -43.29
CA GLY D 126 -22.61 -15.64 -43.21
C GLY D 126 -22.99 -14.24 -42.79
N GLY D 127 -21.95 -13.43 -42.51
CA GLY D 127 -22.12 -12.14 -41.88
C GLY D 127 -21.79 -10.96 -42.76
N GLN D 128 -21.96 -11.10 -44.07
CA GLN D 128 -21.63 -9.99 -44.94
C GLN D 128 -22.64 -8.85 -44.82
N GLN D 129 -23.93 -9.17 -44.73
CA GLN D 129 -24.91 -8.11 -44.49
C GLN D 129 -24.58 -7.35 -43.21
N ASN D 130 -24.20 -8.06 -42.14
CA ASN D 130 -23.83 -7.38 -40.90
C ASN D 130 -22.67 -6.42 -41.12
N MET D 131 -21.70 -6.80 -41.96
CA MET D 131 -20.53 -5.96 -42.17
C MET D 131 -20.90 -4.69 -42.93
N LYS D 132 -21.69 -4.83 -44.00
CA LYS D 132 -22.10 -3.68 -44.81
C LYS D 132 -22.86 -2.68 -43.96
N ASP D 133 -23.98 -3.11 -43.36
CA ASP D 133 -24.75 -2.19 -42.54
C ASP D 133 -23.93 -1.73 -41.34
N GLY D 134 -23.18 -2.64 -40.73
CA GLY D 134 -22.41 -2.31 -39.54
C GLY D 134 -21.41 -1.19 -39.78
N LEU D 135 -20.63 -1.31 -40.85
CA LEU D 135 -19.68 -0.26 -41.18
C LEU D 135 -20.38 1.08 -41.37
N GLN D 136 -21.48 1.08 -42.12
CA GLN D 136 -22.15 2.35 -42.41
C GLN D 136 -22.76 2.94 -41.15
N ASN D 137 -23.44 2.12 -40.33
CA ASN D 137 -24.07 2.65 -39.13
C ASN D 137 -23.04 3.23 -38.18
N CYS D 138 -21.93 2.52 -38.00
CA CYS D 138 -20.89 2.95 -37.07
C CYS D 138 -20.25 4.25 -37.51
N LYS D 139 -19.79 4.31 -38.76
CA LYS D 139 -19.20 5.55 -39.28
C LYS D 139 -20.16 6.73 -39.14
N ALA D 140 -21.42 6.53 -39.52
CA ALA D 140 -22.37 7.63 -39.49
C ALA D 140 -22.71 8.02 -38.05
N THR D 141 -22.82 7.04 -37.16
CA THR D 141 -23.32 7.34 -35.82
C THR D 141 -22.23 7.85 -34.88
N TYR D 142 -21.02 7.27 -34.94
CA TYR D 142 -19.97 7.63 -33.99
C TYR D 142 -18.82 8.37 -34.65
N LYS D 143 -18.96 8.73 -35.93
CA LYS D 143 -18.01 9.51 -36.72
C LYS D 143 -16.54 9.21 -36.43
N PRO D 144 -16.13 7.95 -36.39
CA PRO D 144 -14.70 7.67 -36.31
C PRO D 144 -14.03 8.11 -37.60
N ASP D 145 -12.73 8.36 -37.51
CA ASP D 145 -11.95 8.54 -38.71
C ASP D 145 -11.44 7.22 -39.25
N MET D 146 -11.55 6.15 -38.47
CA MET D 146 -11.03 4.85 -38.86
C MET D 146 -11.76 3.80 -38.05
N ILE D 147 -12.07 2.68 -38.69
CA ILE D 147 -12.71 1.54 -38.06
C ILE D 147 -11.76 0.35 -38.20
N ALA D 148 -11.41 -0.28 -37.06
CA ALA D 148 -10.37 -1.29 -37.00
C ALA D 148 -11.02 -2.62 -36.64
N VAL D 149 -11.12 -3.53 -37.61
CA VAL D 149 -12.00 -4.69 -37.47
C VAL D 149 -11.22 -5.87 -36.91
N SER D 150 -11.80 -6.54 -35.92
CA SER D 150 -11.32 -7.86 -35.48
C SER D 150 -12.50 -8.84 -35.48
N THR D 151 -12.31 -10.05 -34.99
CA THR D 151 -13.34 -11.08 -35.14
C THR D 151 -13.60 -11.80 -33.81
N THR D 152 -14.82 -12.30 -33.66
CA THR D 152 -15.17 -13.26 -32.61
C THR D 152 -15.13 -14.68 -33.15
N CYS D 153 -15.25 -15.67 -32.24
CA CYS D 153 -14.91 -17.02 -32.68
C CYS D 153 -15.99 -17.58 -33.61
N MET D 154 -17.23 -17.10 -33.44
CA MET D 154 -18.33 -17.46 -34.34
C MET D 154 -18.01 -17.05 -35.77
N ALA D 155 -17.46 -15.86 -35.95
CA ALA D 155 -17.15 -15.40 -37.30
C ALA D 155 -15.95 -16.13 -37.88
N GLU D 156 -15.04 -16.60 -37.02
CA GLU D 156 -13.91 -17.38 -37.55
C GLU D 156 -14.36 -18.78 -37.93
N VAL D 157 -15.09 -19.45 -37.04
CA VAL D 157 -15.54 -20.81 -37.31
C VAL D 157 -16.38 -20.84 -38.59
N ILE D 158 -17.20 -19.81 -38.81
CA ILE D 158 -18.08 -19.91 -39.98
C ILE D 158 -17.37 -19.46 -41.25
N GLY D 159 -16.18 -18.89 -41.14
CA GLY D 159 -15.35 -18.67 -42.31
C GLY D 159 -15.58 -17.36 -43.03
N ASP D 160 -16.17 -16.37 -42.36
CA ASP D 160 -16.45 -15.09 -43.00
C ASP D 160 -15.18 -14.51 -43.60
N ASP D 161 -15.19 -14.34 -44.93
CA ASP D 161 -14.06 -13.72 -45.63
C ASP D 161 -14.05 -12.24 -45.30
N LEU D 162 -13.22 -11.83 -44.34
CA LEU D 162 -13.20 -10.44 -43.91
C LEU D 162 -12.89 -9.51 -45.07
N ASN D 163 -11.81 -9.79 -45.78
CA ASN D 163 -11.35 -8.87 -46.82
C ASN D 163 -12.41 -8.66 -47.90
N ALA D 164 -13.14 -9.71 -48.26
CA ALA D 164 -14.15 -9.57 -49.29
C ALA D 164 -15.34 -8.76 -48.79
N PHE D 165 -15.76 -9.01 -47.54
CA PHE D 165 -16.91 -8.28 -46.99
C PHE D 165 -16.63 -6.80 -46.96
N ILE D 166 -15.42 -6.40 -46.50
CA ILE D 166 -15.09 -4.99 -46.42
C ILE D 166 -14.99 -4.39 -47.81
N ASN D 167 -14.42 -5.13 -48.76
CA ASN D 167 -14.32 -4.65 -50.14
C ASN D 167 -15.71 -4.43 -50.73
N ASN D 168 -16.64 -5.36 -50.45
CA ASN D 168 -18.00 -5.22 -50.96
C ASN D 168 -18.72 -4.05 -50.32
N SER D 169 -18.42 -3.77 -49.07
CA SER D 169 -18.99 -2.62 -48.40
C SER D 169 -18.65 -1.34 -49.15
N LYS D 170 -17.39 -1.21 -49.58
CA LYS D 170 -17.00 0.01 -50.31
C LYS D 170 -17.56 0.00 -51.72
N LYS D 171 -17.45 -1.13 -52.44
CA LYS D 171 -17.91 -1.16 -53.83
C LYS D 171 -19.39 -0.82 -53.93
N GLU D 172 -20.21 -1.31 -53.01
CA GLU D 172 -21.64 -1.02 -52.99
C GLU D 172 -21.97 0.26 -52.22
N GLY D 173 -20.97 1.03 -51.82
CA GLY D 173 -21.20 2.35 -51.28
C GLY D 173 -21.74 2.42 -49.86
N PHE D 174 -21.52 1.39 -49.05
CA PHE D 174 -21.88 1.49 -47.64
C PHE D 174 -20.92 2.42 -46.90
N ILE D 175 -19.66 2.46 -47.31
CA ILE D 175 -18.67 3.40 -46.76
C ILE D 175 -17.78 3.88 -47.90
N PRO D 176 -17.12 5.03 -47.74
CA PRO D 176 -16.29 5.55 -48.82
C PRO D 176 -15.10 4.66 -49.09
N ASP D 177 -14.65 4.68 -50.34
CA ASP D 177 -13.55 3.81 -50.72
C ASP D 177 -12.27 4.19 -50.00
N GLU D 178 -12.10 5.48 -49.72
CA GLU D 178 -10.93 6.00 -49.05
C GLU D 178 -10.93 5.72 -47.54
N PHE D 179 -12.07 5.35 -46.97
CA PHE D 179 -12.17 5.27 -45.52
C PHE D 179 -11.34 4.10 -44.98
N PRO D 180 -10.46 4.36 -44.00
CA PRO D 180 -9.54 3.30 -43.54
C PRO D 180 -10.29 2.26 -42.72
N VAL D 181 -10.22 1.01 -43.16
CA VAL D 181 -10.81 -0.12 -42.43
C VAL D 181 -9.79 -1.25 -42.37
N PRO D 182 -8.69 -1.10 -41.63
CA PRO D 182 -7.80 -2.25 -41.43
C PRO D 182 -8.55 -3.34 -40.70
N PHE D 183 -8.10 -4.59 -40.89
CA PHE D 183 -8.78 -5.72 -40.27
C PHE D 183 -7.74 -6.76 -39.88
N ALA D 184 -8.11 -7.61 -38.92
CA ALA D 184 -7.30 -8.78 -38.59
C ALA D 184 -8.20 -9.91 -38.12
N HIS D 185 -7.88 -11.14 -38.54
CA HIS D 185 -8.52 -12.32 -37.97
C HIS D 185 -7.98 -12.57 -36.57
N THR D 186 -8.88 -12.71 -35.58
CA THR D 186 -8.47 -12.88 -34.20
C THR D 186 -9.23 -14.05 -33.59
N PRO D 187 -8.94 -15.27 -34.02
CA PRO D 187 -9.66 -16.44 -33.50
C PRO D 187 -9.38 -16.62 -32.02
N SER D 188 -10.43 -16.73 -31.23
CA SER D 188 -10.18 -16.79 -29.79
C SER D 188 -9.72 -18.16 -29.33
N PHE D 189 -9.81 -19.19 -30.19
CA PHE D 189 -9.30 -20.52 -29.90
C PHE D 189 -7.83 -20.69 -30.32
N VAL D 190 -7.10 -19.59 -30.50
CA VAL D 190 -5.66 -19.63 -30.79
C VAL D 190 -4.95 -18.60 -29.92
N GLY D 191 -3.91 -19.01 -29.20
CA GLY D 191 -3.09 -18.05 -28.46
C GLY D 191 -3.88 -17.46 -27.30
N SER D 192 -3.89 -16.15 -27.20
CA SER D 192 -4.57 -15.46 -26.11
C SER D 192 -4.74 -13.99 -26.46
N HIS D 193 -5.23 -13.21 -25.50
CA HIS D 193 -5.44 -11.77 -25.70
C HIS D 193 -4.20 -11.06 -26.24
N VAL D 194 -2.99 -11.48 -25.86
CA VAL D 194 -1.80 -10.84 -26.42
C VAL D 194 -1.72 -11.10 -27.92
N THR D 195 -2.02 -12.34 -28.36
CA THR D 195 -1.95 -12.65 -29.78
C THR D 195 -2.84 -11.73 -30.59
N GLY D 196 -4.05 -11.43 -30.07
CA GLY D 196 -4.96 -10.54 -30.77
C GLY D 196 -4.39 -9.14 -30.96
N TRP D 197 -3.68 -8.63 -29.94
CA TRP D 197 -3.05 -7.32 -30.07
C TRP D 197 -2.02 -7.33 -31.21
N ASP D 198 -1.13 -8.35 -31.23
CA ASP D 198 -0.16 -8.53 -32.31
C ASP D 198 -0.83 -8.62 -33.68
N ASN D 199 -1.86 -9.46 -33.78
CA ASN D 199 -2.59 -9.61 -35.05
C ASN D 199 -3.24 -8.30 -35.48
N MET D 200 -3.94 -7.63 -34.58
CA MET D 200 -4.50 -6.32 -34.87
C MET D 200 -3.44 -5.34 -35.36
N PHE D 201 -2.34 -5.22 -34.62
CA PHE D 201 -1.35 -4.21 -34.97
C PHE D 201 -0.77 -4.49 -36.35
N GLU D 202 -0.39 -5.74 -36.62
CA GLU D 202 0.19 -6.05 -37.92
C GLU D 202 -0.82 -5.79 -39.03
N GLY D 203 -2.11 -6.02 -38.77
CA GLY D 203 -3.13 -5.68 -39.74
C GLY D 203 -3.16 -4.19 -40.04
N ILE D 204 -3.06 -3.36 -39.00
CA ILE D 204 -3.08 -1.91 -39.21
C ILE D 204 -1.80 -1.45 -39.91
N ALA D 205 -0.65 -2.03 -39.55
CA ALA D 205 0.58 -1.63 -40.20
C ALA D 205 0.54 -1.97 -41.69
N ARG D 206 -0.03 -3.12 -42.05
CA ARG D 206 -0.12 -3.49 -43.46
C ARG D 206 -1.03 -2.53 -44.22
N TYR D 207 -2.20 -2.22 -43.63
CA TYR D 207 -3.14 -1.32 -44.30
C TYR D 207 -2.49 -0.02 -44.75
N PHE D 208 -1.56 0.52 -43.95
CA PHE D 208 -1.01 1.84 -44.23
C PHE D 208 0.36 1.81 -44.91
N THR D 209 1.03 0.67 -44.96
CA THR D 209 2.37 0.62 -45.51
C THR D 209 2.57 -0.41 -46.62
N LEU D 210 1.69 -1.40 -46.77
CA LEU D 210 2.00 -2.53 -47.65
C LEU D 210 2.15 -2.07 -49.10
N LYS D 211 1.16 -1.35 -49.62
CA LYS D 211 1.13 -0.96 -51.02
C LYS D 211 1.78 0.40 -51.29
N SER D 212 2.59 0.91 -50.37
CA SER D 212 3.24 2.19 -50.60
C SER D 212 4.73 2.18 -50.23
N MET D 213 5.37 1.01 -50.24
CA MET D 213 6.76 0.94 -49.82
C MET D 213 7.71 1.55 -50.84
N ASP D 214 7.24 1.88 -52.04
CA ASP D 214 8.15 2.26 -53.12
C ASP D 214 8.91 3.54 -52.79
N ASP D 215 8.31 4.46 -52.04
CA ASP D 215 8.93 5.75 -51.76
C ASP D 215 9.58 5.82 -50.38
N LYS D 216 9.68 4.70 -49.66
CA LYS D 216 10.15 4.70 -48.29
C LYS D 216 11.66 4.59 -48.23
N VAL D 217 12.28 5.42 -47.40
CA VAL D 217 13.72 5.39 -47.15
C VAL D 217 13.94 5.24 -45.65
N VAL D 218 14.62 4.16 -45.27
CA VAL D 218 14.87 3.88 -43.85
C VAL D 218 15.73 5.00 -43.27
N GLY D 219 15.28 5.57 -42.14
CA GLY D 219 16.00 6.63 -41.48
C GLY D 219 15.69 8.03 -41.98
N SER D 220 14.80 8.18 -42.96
CA SER D 220 14.51 9.51 -43.51
C SER D 220 13.97 10.46 -42.44
N ASN D 221 13.09 9.97 -41.57
CA ASN D 221 12.47 10.84 -40.57
C ASN D 221 13.26 10.89 -39.27
N LYS D 222 14.36 10.14 -39.17
CA LYS D 222 15.28 10.13 -38.04
C LYS D 222 14.62 9.77 -36.70
N LYS D 223 13.50 9.07 -36.73
CA LYS D 223 12.82 8.63 -35.51
C LYS D 223 13.04 7.15 -35.28
N ILE D 224 12.66 6.69 -34.08
CA ILE D 224 12.54 5.28 -33.78
C ILE D 224 11.07 5.00 -33.47
N ASN D 225 10.50 3.99 -34.12
CA ASN D 225 9.15 3.54 -33.79
C ASN D 225 9.19 2.68 -32.53
N ILE D 226 8.18 2.89 -31.68
CA ILE D 226 8.01 2.13 -30.44
C ILE D 226 6.65 1.45 -30.51
N VAL D 227 6.64 0.11 -30.49
CA VAL D 227 5.42 -0.67 -30.39
C VAL D 227 5.32 -1.21 -28.97
N PRO D 228 4.29 -0.88 -28.22
CA PRO D 228 4.27 -1.27 -26.80
C PRO D 228 3.67 -2.64 -26.50
N GLY D 229 2.90 -3.19 -27.43
CA GLY D 229 2.20 -4.41 -27.09
C GLY D 229 1.06 -4.15 -26.10
N PHE D 230 0.46 -5.26 -25.67
CA PHE D 230 -0.65 -5.23 -24.72
C PHE D 230 -0.18 -4.63 -23.40
N GLU D 231 -0.70 -3.44 -23.05
CA GLU D 231 -0.16 -2.61 -21.97
C GLU D 231 -1.32 -1.98 -21.22
N THR D 232 -1.54 -2.37 -19.95
CA THR D 232 -2.66 -1.81 -19.20
C THR D 232 -2.22 -0.94 -18.02
N TYR D 233 -1.00 -0.41 -18.06
CA TYR D 233 -0.53 0.59 -17.10
C TYR D 233 -0.32 1.91 -17.84
N LEU D 234 -1.09 2.93 -17.47
CA LEU D 234 -0.88 4.26 -18.04
C LEU D 234 0.53 4.77 -17.78
N GLY D 235 1.10 4.45 -16.63
CA GLY D 235 2.45 4.94 -16.34
C GLY D 235 3.52 4.39 -17.26
N ASN D 236 3.23 3.28 -17.95
CA ASN D 236 4.20 2.68 -18.86
C ASN D 236 4.20 3.35 -20.24
N PHE D 237 3.03 3.72 -20.77
CA PHE D 237 3.06 4.58 -21.95
C PHE D 237 3.80 5.88 -21.63
N ARG D 238 3.60 6.42 -20.43
CA ARG D 238 4.12 7.73 -20.12
C ARG D 238 5.61 7.71 -19.80
N VAL D 239 6.12 6.63 -19.21
CA VAL D 239 7.53 6.61 -18.87
C VAL D 239 8.37 6.49 -20.12
N ILE D 240 7.93 5.66 -21.08
CA ILE D 240 8.71 5.50 -22.31
C ILE D 240 8.78 6.83 -23.05
N LYS D 241 7.66 7.52 -23.19
CA LYS D 241 7.67 8.80 -23.90
C LYS D 241 8.56 9.80 -23.19
N ARG D 242 8.50 9.82 -21.85
CA ARG D 242 9.29 10.76 -21.08
C ARG D 242 10.77 10.50 -21.25
N MET D 243 11.19 9.25 -21.09
CA MET D 243 12.61 8.92 -21.23
C MET D 243 13.12 9.22 -22.63
N LEU D 244 12.30 8.98 -23.66
CA LEU D 244 12.75 9.31 -25.00
C LEU D 244 12.86 10.83 -25.18
N SER D 245 11.88 11.59 -24.67
CA SER D 245 11.97 13.05 -24.75
C SER D 245 13.12 13.61 -23.92
N GLU D 246 13.39 12.99 -22.77
CA GLU D 246 14.52 13.39 -21.94
C GLU D 246 15.85 13.24 -22.68
N MET D 247 15.94 12.33 -23.63
CA MET D 247 17.14 12.16 -24.44
C MET D 247 17.11 12.98 -25.72
N GLY D 248 16.03 13.68 -26.01
CA GLY D 248 15.92 14.33 -27.29
C GLY D 248 15.79 13.37 -28.46
N VAL D 249 15.28 12.17 -28.23
CA VAL D 249 15.14 11.15 -29.27
C VAL D 249 13.81 11.35 -29.98
N GLY D 250 13.85 11.51 -31.30
CA GLY D 250 12.62 11.52 -32.06
C GLY D 250 12.03 10.12 -32.12
N TYR D 251 10.71 10.05 -31.93
CA TYR D 251 10.08 8.74 -31.82
C TYR D 251 8.64 8.80 -32.28
N SER D 252 8.11 7.62 -32.58
CA SER D 252 6.70 7.45 -32.90
C SER D 252 6.19 6.29 -32.07
N LEU D 253 5.29 6.58 -31.13
CA LEU D 253 4.63 5.55 -30.33
C LEU D 253 3.42 5.06 -31.12
N LEU D 254 3.47 3.81 -31.57
CA LEU D 254 2.45 3.24 -32.46
C LEU D 254 1.51 2.37 -31.64
N SER D 255 0.26 2.82 -31.52
CA SER D 255 -0.79 2.41 -30.60
C SER D 255 -0.52 3.05 -29.23
N ASP D 256 -1.24 4.13 -28.96
CA ASP D 256 -1.01 4.96 -27.79
C ASP D 256 -2.37 5.36 -27.24
N PRO D 257 -2.97 4.50 -26.41
CA PRO D 257 -4.29 4.80 -25.85
C PRO D 257 -4.25 5.66 -24.59
N GLU D 258 -3.12 6.30 -24.30
CA GLU D 258 -2.92 6.96 -23.02
C GLU D 258 -3.96 8.06 -22.79
N GLU D 259 -4.20 8.90 -23.80
CA GLU D 259 -5.21 9.96 -23.63
C GLU D 259 -6.62 9.39 -23.48
N VAL D 260 -7.01 8.45 -24.34
CA VAL D 260 -8.39 7.99 -24.31
C VAL D 260 -8.68 7.14 -23.10
N LEU D 261 -7.66 6.61 -22.42
CA LEU D 261 -7.91 5.90 -21.18
C LEU D 261 -7.72 6.80 -19.96
N ASP D 262 -7.70 8.12 -20.15
CA ASP D 262 -7.43 9.00 -19.01
C ASP D 262 -8.01 10.40 -19.19
N THR D 263 -9.22 10.48 -19.72
CA THR D 263 -9.80 11.79 -19.98
C THR D 263 -10.22 12.44 -18.66
N PRO D 264 -10.15 13.77 -18.58
CA PRO D 264 -10.61 14.46 -17.37
C PRO D 264 -12.12 14.47 -17.29
N ALA D 265 -12.63 14.56 -16.06
CA ALA D 265 -14.06 14.78 -15.85
C ALA D 265 -14.23 16.28 -15.67
N ASP D 266 -14.34 16.98 -16.81
CA ASP D 266 -14.56 18.43 -16.83
C ASP D 266 -15.96 18.80 -17.32
N GLY D 267 -16.88 17.85 -17.38
CA GLY D 267 -18.22 18.14 -17.88
C GLY D 267 -18.53 17.58 -19.26
N GLN D 268 -17.55 17.06 -20.00
CA GLN D 268 -17.86 16.47 -21.28
C GLN D 268 -17.24 15.09 -21.43
N PHE D 269 -18.00 14.21 -22.05
CA PHE D 269 -17.52 12.89 -22.43
C PHE D 269 -16.87 13.00 -23.79
N ARG D 270 -15.62 12.54 -23.88
CA ARG D 270 -14.84 12.54 -25.11
C ARG D 270 -14.68 11.09 -25.55
N MET D 271 -15.40 10.70 -26.61
CA MET D 271 -15.33 9.31 -27.04
C MET D 271 -13.95 8.95 -27.54
N TYR D 272 -13.24 9.91 -28.18
CA TYR D 272 -11.89 9.70 -28.66
C TYR D 272 -10.95 10.76 -28.05
N ALA D 273 -9.68 10.39 -27.90
CA ALA D 273 -8.69 11.35 -27.42
C ALA D 273 -7.31 10.86 -27.81
N GLY D 274 -6.50 11.78 -28.33
CA GLY D 274 -5.12 11.50 -28.71
C GLY D 274 -4.97 10.25 -29.57
N GLY D 275 -3.91 9.51 -29.32
CA GLY D 275 -3.63 8.29 -30.03
C GLY D 275 -2.73 8.49 -31.23
N THR D 276 -2.18 7.38 -31.73
CA THR D 276 -1.32 7.39 -32.90
C THR D 276 -2.08 7.94 -34.10
N THR D 277 -1.43 8.81 -34.87
CA THR D 277 -2.10 9.31 -36.08
C THR D 277 -1.98 8.33 -37.25
N GLN D 278 -2.91 8.44 -38.19
CA GLN D 278 -2.80 7.68 -39.43
C GLN D 278 -1.50 8.02 -40.16
N GLU D 279 -1.19 9.32 -40.27
CA GLU D 279 0.02 9.71 -40.98
C GLU D 279 1.28 9.19 -40.29
N GLU D 280 1.20 8.87 -38.99
CA GLU D 280 2.35 8.28 -38.30
C GLU D 280 2.58 6.84 -38.76
N MET D 281 1.50 6.09 -38.98
CA MET D 281 1.67 4.73 -39.51
C MET D 281 2.15 4.75 -40.95
N LYS D 282 1.61 5.66 -41.76
CA LYS D 282 2.03 5.76 -43.16
C LYS D 282 3.52 6.05 -43.25
N ASP D 283 4.03 6.88 -42.35
CA ASP D 283 5.40 7.34 -42.35
C ASP D 283 6.33 6.48 -41.50
N ALA D 284 5.78 5.47 -40.81
CA ALA D 284 6.62 4.64 -39.94
C ALA D 284 7.76 3.92 -40.64
N PRO D 285 7.62 3.41 -41.89
CA PRO D 285 8.78 2.73 -42.51
C PRO D 285 9.98 3.63 -42.70
N ASN D 286 9.80 4.95 -42.69
CA ASN D 286 10.89 5.89 -42.84
C ASN D 286 11.73 6.04 -41.58
N ALA D 287 11.32 5.42 -40.47
CA ALA D 287 12.06 5.53 -39.22
C ALA D 287 13.42 4.82 -39.33
N LEU D 288 14.33 5.24 -38.44
CA LEU D 288 15.62 4.57 -38.31
C LEU D 288 15.45 3.09 -38.02
N ASN D 289 14.61 2.76 -37.04
CA ASN D 289 14.41 1.38 -36.60
C ASN D 289 13.08 1.28 -35.86
N THR D 290 12.76 0.07 -35.42
CA THR D 290 11.54 -0.24 -34.68
C THR D 290 11.91 -0.98 -33.40
N VAL D 291 11.50 -0.45 -32.26
CA VAL D 291 11.74 -1.10 -30.97
C VAL D 291 10.42 -1.74 -30.51
N LEU D 292 10.47 -3.04 -30.16
CA LEU D 292 9.28 -3.78 -29.72
C LEU D 292 9.38 -3.95 -28.21
N LEU D 293 8.48 -3.28 -27.46
CA LEU D 293 8.64 -3.25 -26.01
C LEU D 293 8.35 -4.62 -25.38
N GLN D 294 7.52 -5.44 -26.02
CA GLN D 294 7.11 -6.74 -25.47
C GLN D 294 7.22 -7.77 -26.58
N PRO D 295 8.45 -8.20 -26.92
CA PRO D 295 8.66 -8.98 -28.14
C PRO D 295 8.11 -10.40 -28.09
N TRP D 296 7.87 -10.97 -26.90
CA TRP D 296 7.36 -12.34 -26.87
C TRP D 296 5.88 -12.45 -27.23
N HIS D 297 5.15 -11.34 -27.44
CA HIS D 297 3.85 -11.42 -28.10
C HIS D 297 3.76 -10.46 -29.28
N LEU D 298 4.88 -10.07 -29.88
CA LEU D 298 4.89 -9.24 -31.07
C LEU D 298 5.57 -9.92 -32.27
N GLU D 299 5.52 -11.26 -32.34
CA GLU D 299 6.30 -11.97 -33.36
C GLU D 299 5.74 -11.75 -34.76
N LYS D 300 4.40 -11.72 -34.91
CA LYS D 300 3.84 -11.47 -36.23
C LYS D 300 4.19 -10.07 -36.69
N THR D 301 4.05 -9.09 -35.79
CA THR D 301 4.48 -7.72 -36.10
C THR D 301 5.96 -7.66 -36.42
N LYS D 302 6.80 -8.40 -35.69
CA LYS D 302 8.24 -8.37 -35.97
C LYS D 302 8.55 -8.86 -37.37
N LYS D 303 7.94 -9.98 -37.78
CA LYS D 303 8.21 -10.54 -39.09
C LYS D 303 7.83 -9.55 -40.20
N PHE D 304 6.81 -8.73 -39.98
CA PHE D 304 6.37 -7.79 -41.00
C PHE D 304 7.25 -6.56 -41.05
N VAL D 305 7.67 -6.04 -39.88
CA VAL D 305 8.51 -4.84 -39.86
C VAL D 305 9.90 -5.15 -40.40
N GLU D 306 10.47 -6.29 -40.00
CA GLU D 306 11.71 -6.73 -40.62
C GLU D 306 11.50 -7.09 -42.07
N GLY D 307 10.43 -7.83 -42.37
CA GLY D 307 10.22 -8.31 -43.72
C GLY D 307 9.91 -7.19 -44.69
N THR D 308 9.04 -6.26 -44.30
CA THR D 308 8.50 -5.28 -45.25
C THR D 308 9.06 -3.88 -45.06
N TRP D 309 9.18 -3.37 -43.84
CA TRP D 309 9.82 -2.07 -43.66
C TRP D 309 11.34 -2.14 -43.75
N LYS D 310 11.93 -3.34 -43.63
CA LYS D 310 13.38 -3.55 -43.64
C LYS D 310 14.05 -2.88 -42.43
N HIS D 311 13.39 -2.93 -41.29
CA HIS D 311 13.98 -2.43 -40.06
C HIS D 311 14.72 -3.56 -39.37
N GLU D 312 15.86 -3.22 -38.76
CA GLU D 312 16.67 -4.18 -38.01
C GLU D 312 16.29 -4.13 -36.53
N VAL D 313 15.10 -4.65 -36.22
CA VAL D 313 14.60 -4.66 -34.85
C VAL D 313 15.61 -5.27 -33.88
N PRO D 314 16.14 -4.50 -32.94
CA PRO D 314 17.15 -5.04 -32.02
C PRO D 314 16.52 -6.03 -31.06
N LYS D 315 17.31 -7.03 -30.62
CA LYS D 315 16.76 -7.95 -29.62
C LYS D 315 16.98 -7.33 -28.25
N LEU D 316 15.93 -6.73 -27.74
CA LEU D 316 15.87 -6.21 -26.38
C LEU D 316 14.80 -6.97 -25.64
N ASN D 317 15.07 -7.28 -24.38
CA ASN D 317 13.98 -7.65 -23.53
C ASN D 317 13.13 -6.42 -23.19
N ILE D 318 11.93 -6.67 -22.65
CA ILE D 318 11.07 -5.63 -22.11
C ILE D 318 11.91 -4.74 -21.19
N PRO D 319 11.75 -3.41 -21.24
CA PRO D 319 12.58 -2.53 -20.37
C PRO D 319 12.04 -2.50 -18.94
N MET D 320 12.29 -3.61 -18.23
CA MET D 320 11.92 -3.77 -16.83
C MET D 320 13.16 -4.06 -15.99
N GLY D 321 13.22 -3.47 -14.79
CA GLY D 321 14.36 -3.67 -13.91
C GLY D 321 15.59 -2.90 -14.38
N LEU D 322 16.70 -3.16 -13.70
CA LEU D 322 17.88 -2.31 -13.91
C LEU D 322 18.63 -2.68 -15.18
N ASP D 323 19.07 -3.94 -15.30
CA ASP D 323 19.90 -4.34 -16.45
C ASP D 323 19.19 -4.09 -17.77
N TRP D 324 17.90 -4.43 -17.86
CA TRP D 324 17.17 -4.29 -19.11
C TRP D 324 16.79 -2.84 -19.40
N THR D 325 16.58 -2.00 -18.38
CA THR D 325 16.39 -0.59 -18.67
C THR D 325 17.69 0.00 -19.22
N ASP D 326 18.83 -0.35 -18.60
CA ASP D 326 20.13 0.06 -19.13
C ASP D 326 20.27 -0.29 -20.61
N GLU D 327 20.02 -1.56 -20.96
CA GLU D 327 20.19 -1.99 -22.34
C GLU D 327 19.27 -1.22 -23.27
N PHE D 328 18.05 -0.91 -22.80
CA PHE D 328 17.10 -0.19 -23.63
C PHE D 328 17.62 1.21 -23.96
N LEU D 329 18.14 1.94 -22.97
CA LEU D 329 18.61 3.29 -23.25
C LEU D 329 19.90 3.28 -24.07
N MET D 330 20.74 2.26 -23.90
CA MET D 330 21.99 2.21 -24.67
C MET D 330 21.72 1.88 -26.13
N LYS D 331 20.80 0.94 -26.40
CA LYS D 331 20.38 0.64 -27.77
C LYS D 331 19.69 1.84 -28.41
N VAL D 332 18.85 2.54 -27.64
CA VAL D 332 18.21 3.76 -28.12
C VAL D 332 19.25 4.82 -28.46
N SER D 333 20.33 4.89 -27.66
CA SER D 333 21.42 5.81 -27.95
C SER D 333 22.22 5.37 -29.17
N GLU D 334 22.49 4.06 -29.27
CA GLU D 334 23.15 3.52 -30.48
C GLU D 334 22.37 3.87 -31.73
N ILE D 335 21.04 3.65 -31.71
CA ILE D 335 20.22 3.92 -32.88
C ILE D 335 20.13 5.42 -33.15
N SER D 336 19.82 6.20 -32.12
CA SER D 336 19.48 7.61 -32.28
C SER D 336 20.68 8.53 -32.37
N GLY D 337 21.82 8.14 -31.80
CA GLY D 337 22.96 9.02 -31.71
C GLY D 337 22.95 9.94 -30.51
N GLN D 338 21.82 10.03 -29.79
CA GLN D 338 21.69 10.87 -28.62
C GLN D 338 22.40 10.26 -27.43
N PRO D 339 23.25 11.00 -26.72
CA PRO D 339 23.82 10.47 -25.49
C PRO D 339 22.76 10.31 -24.41
N ILE D 340 23.06 9.43 -23.46
CA ILE D 340 22.22 9.25 -22.27
C ILE D 340 22.42 10.46 -21.36
N PRO D 341 21.40 11.30 -21.17
CA PRO D 341 21.60 12.57 -20.48
C PRO D 341 21.69 12.41 -18.97
N ALA D 342 22.36 13.38 -18.33
CA ALA D 342 22.67 13.29 -16.90
C ALA D 342 21.44 13.00 -16.05
N SER D 343 20.27 13.48 -16.44
CA SER D 343 19.07 13.25 -15.67
C SER D 343 18.74 11.76 -15.57
N LEU D 344 18.89 11.02 -16.67
CA LEU D 344 18.56 9.60 -16.60
C LEU D 344 19.63 8.79 -15.85
N THR D 345 20.91 9.16 -15.96
CA THR D 345 21.92 8.44 -15.18
C THR D 345 21.75 8.69 -13.68
N LYS D 346 21.34 9.91 -13.30
CA LYS D 346 21.01 10.17 -11.90
C LYS D 346 19.77 9.38 -11.45
N GLU D 347 18.73 9.31 -12.28
CA GLU D 347 17.57 8.51 -11.90
C GLU D 347 17.96 7.06 -11.67
N ARG D 348 18.82 6.53 -12.54
CA ARG D 348 19.35 5.18 -12.39
C ARG D 348 20.06 5.02 -11.05
N GLY D 349 20.96 5.96 -10.73
CA GLY D 349 21.64 5.91 -9.44
C GLY D 349 20.67 5.97 -8.28
N ARG D 350 19.55 6.65 -8.45
CA ARG D 350 18.56 6.71 -7.38
C ARG D 350 17.91 5.35 -7.17
N LEU D 351 17.58 4.65 -8.27
CA LEU D 351 17.12 3.28 -8.15
C LEU D 351 18.14 2.42 -7.39
N VAL D 352 19.41 2.49 -7.79
CA VAL D 352 20.44 1.70 -7.12
C VAL D 352 20.50 2.06 -5.65
N ASP D 353 20.45 3.37 -5.34
CA ASP D 353 20.37 3.80 -3.94
C ASP D 353 19.22 3.13 -3.18
N MET D 354 18.03 3.04 -3.80
CA MET D 354 16.95 2.37 -3.08
C MET D 354 17.21 0.88 -2.94
N MET D 355 17.87 0.29 -3.93
CA MET D 355 18.21 -1.13 -3.82
C MET D 355 19.14 -1.37 -2.63
N THR D 356 20.15 -0.51 -2.45
CA THR D 356 21.04 -0.67 -1.30
C THR D 356 20.27 -0.44 0.00
N ASP D 357 19.35 0.53 0.00
CA ASP D 357 18.55 0.83 1.19
C ASP D 357 17.70 -0.35 1.61
N SER D 358 17.07 -1.04 0.65
CA SER D 358 16.08 -2.04 1.01
C SER D 358 16.56 -3.49 0.90
N HIS D 359 17.82 -3.73 0.52
CA HIS D 359 18.22 -5.09 0.21
C HIS D 359 18.11 -6.05 1.40
N THR D 360 18.20 -5.56 2.64
CA THR D 360 18.23 -6.52 3.74
C THR D 360 16.86 -7.16 3.95
N TRP D 361 15.80 -6.42 3.68
CA TRP D 361 14.46 -6.94 3.86
C TRP D 361 14.00 -7.76 2.66
N LEU D 362 14.63 -7.57 1.50
CA LEU D 362 14.21 -8.25 0.27
C LEU D 362 14.90 -9.59 0.10
N HIS D 363 16.08 -9.74 0.71
CA HIS D 363 17.00 -10.85 0.41
C HIS D 363 16.39 -12.20 0.72
N GLY D 364 16.47 -13.12 -0.26
CA GLY D 364 15.92 -14.46 -0.09
C GLY D 364 14.41 -14.55 0.05
N LYS D 365 13.67 -13.45 -0.11
CA LYS D 365 12.22 -13.55 -0.04
C LYS D 365 11.70 -14.28 -1.29
N ARG D 366 10.75 -15.18 -1.06
CA ARG D 366 10.30 -16.15 -2.09
C ARG D 366 8.95 -15.73 -2.65
N PHE D 367 8.81 -15.75 -3.98
CA PHE D 367 7.57 -15.31 -4.62
C PHE D 367 7.03 -16.30 -5.64
N ALA D 368 5.70 -16.34 -5.72
CA ALA D 368 4.96 -16.94 -6.83
C ALA D 368 4.35 -15.82 -7.65
N LEU D 369 4.43 -15.92 -8.96
CA LEU D 369 3.94 -14.81 -9.78
C LEU D 369 3.34 -15.34 -11.07
N TRP D 370 2.50 -14.54 -11.71
CA TRP D 370 1.97 -14.92 -13.01
C TRP D 370 1.73 -13.67 -13.86
N GLY D 371 1.36 -13.90 -15.12
CA GLY D 371 1.16 -12.80 -16.04
C GLY D 371 1.40 -13.21 -17.47
N ASP D 372 1.47 -12.20 -18.34
CA ASP D 372 1.82 -12.43 -19.74
C ASP D 372 3.35 -12.55 -19.84
N PRO D 373 3.85 -13.18 -20.92
CA PRO D 373 5.27 -13.60 -20.94
C PRO D 373 6.28 -12.49 -20.73
N ASP D 374 6.19 -11.37 -21.47
CA ASP D 374 7.17 -10.31 -21.29
C ASP D 374 7.15 -9.75 -19.88
N PHE D 375 5.94 -9.52 -19.33
CA PHE D 375 5.83 -9.00 -17.97
C PHE D 375 6.45 -9.96 -16.95
N VAL D 376 6.10 -11.24 -17.04
CA VAL D 376 6.62 -12.26 -16.13
C VAL D 376 8.14 -12.29 -16.15
N MET D 377 8.75 -12.31 -17.34
CA MET D 377 10.23 -12.42 -17.37
C MET D 377 10.88 -11.14 -16.86
N GLY D 378 10.32 -9.98 -17.19
CA GLY D 378 10.80 -8.74 -16.57
C GLY D 378 10.78 -8.84 -15.06
N LEU D 379 9.63 -9.26 -14.51
CA LEU D 379 9.48 -9.37 -13.05
C LEU D 379 10.52 -10.32 -12.46
N VAL D 380 10.69 -11.49 -13.10
CA VAL D 380 11.70 -12.46 -12.67
C VAL D 380 13.09 -11.82 -12.69
N LYS D 381 13.43 -11.14 -13.79
CA LYS D 381 14.72 -10.51 -13.91
C LYS D 381 14.94 -9.48 -12.79
N PHE D 382 13.92 -8.68 -12.47
CA PHE D 382 14.08 -7.66 -11.43
C PHE D 382 14.16 -8.30 -10.05
N LEU D 383 13.35 -9.33 -9.78
CA LEU D 383 13.46 -10.00 -8.48
C LEU D 383 14.87 -10.54 -8.28
N LEU D 384 15.49 -11.08 -9.33
CA LEU D 384 16.87 -11.54 -9.20
C LEU D 384 17.81 -10.41 -8.84
N GLU D 385 17.65 -9.25 -9.51
CA GLU D 385 18.52 -8.12 -9.21
C GLU D 385 18.35 -7.68 -7.78
N LEU D 386 17.13 -7.80 -7.22
CA LEU D 386 16.87 -7.48 -5.83
C LEU D 386 17.37 -8.54 -4.86
N GLY D 387 17.90 -9.67 -5.36
CA GLY D 387 18.26 -10.78 -4.50
C GLY D 387 17.09 -11.56 -3.93
N CYS D 388 15.91 -11.51 -4.58
CA CYS D 388 14.77 -12.35 -4.19
C CYS D 388 14.79 -13.65 -5.00
N GLU D 389 13.89 -14.56 -4.63
CA GLU D 389 13.78 -15.89 -5.24
C GLU D 389 12.44 -16.07 -5.93
N PRO D 390 12.40 -16.12 -7.26
CA PRO D 390 11.17 -16.35 -8.06
C PRO D 390 10.75 -17.82 -8.13
N VAL D 391 10.18 -18.31 -7.03
CA VAL D 391 10.02 -19.76 -6.84
C VAL D 391 9.08 -20.37 -7.87
N HIS D 392 7.83 -19.88 -7.95
CA HIS D 392 6.81 -20.42 -8.85
C HIS D 392 6.51 -19.39 -9.93
N ILE D 393 7.04 -19.62 -11.12
CA ILE D 393 6.87 -18.71 -12.24
C ILE D 393 5.85 -19.36 -13.16
N LEU D 394 4.69 -18.73 -13.35
CA LEU D 394 3.60 -19.33 -14.13
C LEU D 394 3.22 -18.40 -15.26
N CYS D 395 3.15 -18.91 -16.50
CA CYS D 395 2.65 -18.12 -17.62
C CYS D 395 1.72 -19.03 -18.43
N HIS D 396 0.41 -18.87 -18.20
CA HIS D 396 -0.60 -19.68 -18.86
C HIS D 396 -0.52 -19.55 -20.37
N ASN D 397 -0.27 -18.33 -20.86
CA ASN D 397 -0.16 -18.11 -22.29
C ASN D 397 1.28 -18.10 -22.76
N GLY D 398 2.16 -18.79 -22.07
CA GLY D 398 3.55 -18.90 -22.49
C GLY D 398 3.78 -20.10 -23.41
N ASN D 399 4.97 -20.13 -24.03
CA ASN D 399 5.36 -21.22 -24.89
C ASN D 399 6.77 -21.68 -24.53
N LYS D 400 7.17 -22.81 -25.10
CA LYS D 400 8.43 -23.45 -24.76
C LYS D 400 9.64 -22.59 -25.13
N ARG D 401 9.56 -21.82 -26.22
CA ARG D 401 10.69 -20.95 -26.52
C ARG D 401 10.89 -19.92 -25.40
N TRP D 402 9.78 -19.40 -24.88
CA TRP D 402 9.86 -18.45 -23.79
C TRP D 402 10.39 -19.11 -22.53
N LYS D 403 9.85 -20.28 -22.19
CA LYS D 403 10.32 -20.99 -21.01
C LYS D 403 11.83 -21.18 -21.06
N LYS D 404 12.36 -21.53 -22.24
CA LYS D 404 13.80 -21.69 -22.37
C LYS D 404 14.53 -20.40 -22.02
N ALA D 405 13.94 -19.26 -22.41
CA ALA D 405 14.63 -18.00 -22.14
C ALA D 405 14.58 -17.65 -20.66
N VAL D 406 13.46 -17.94 -19.99
CA VAL D 406 13.36 -17.59 -18.57
C VAL D 406 14.22 -18.53 -17.72
N ASP D 407 14.31 -19.80 -18.12
CA ASP D 407 15.15 -20.77 -17.40
C ASP D 407 16.62 -20.38 -17.45
N ALA D 408 17.09 -19.80 -18.56
CA ALA D 408 18.50 -19.43 -18.62
C ALA D 408 18.76 -18.13 -17.88
N ILE D 409 17.77 -17.24 -17.84
CA ILE D 409 17.83 -16.12 -16.91
C ILE D 409 17.94 -16.66 -15.48
N LEU D 410 17.12 -17.65 -15.15
CA LEU D 410 17.17 -18.27 -13.82
C LEU D 410 18.53 -18.88 -13.53
N ALA D 411 19.08 -19.64 -14.51
CA ALA D 411 20.35 -20.35 -14.31
C ALA D 411 21.53 -19.39 -14.10
N ALA D 412 21.45 -18.16 -14.61
CA ALA D 412 22.52 -17.19 -14.45
C ALA D 412 22.61 -16.57 -13.06
N SER D 413 21.63 -16.79 -12.19
CA SER D 413 21.68 -16.15 -10.88
C SER D 413 21.55 -17.20 -9.80
N PRO D 414 22.32 -17.09 -8.69
CA PRO D 414 22.12 -18.00 -7.55
C PRO D 414 20.74 -17.88 -6.91
N TYR D 415 20.00 -16.82 -7.21
CA TYR D 415 18.72 -16.62 -6.60
C TYR D 415 17.62 -17.32 -7.37
N GLY D 416 17.99 -18.03 -8.43
CA GLY D 416 17.03 -18.74 -9.24
C GLY D 416 17.19 -20.23 -9.08
N LYS D 417 17.89 -20.66 -8.02
CA LYS D 417 18.12 -22.09 -7.84
C LYS D 417 16.82 -22.83 -7.51
N ASN D 418 15.89 -22.20 -6.82
CA ASN D 418 14.67 -22.84 -6.39
C ASN D 418 13.49 -22.50 -7.29
N ALA D 419 13.75 -22.01 -8.50
CA ALA D 419 12.71 -21.50 -9.39
C ALA D 419 12.30 -22.56 -10.39
N THR D 420 11.00 -22.64 -10.66
CA THR D 420 10.44 -23.45 -11.74
C THR D 420 9.51 -22.59 -12.60
N VAL D 421 9.68 -22.69 -13.92
CA VAL D 421 8.77 -22.06 -14.87
C VAL D 421 7.70 -23.07 -15.25
N TYR D 422 6.44 -22.64 -15.29
CA TYR D 422 5.35 -23.47 -15.74
C TYR D 422 4.60 -22.74 -16.84
N ILE D 423 4.41 -23.40 -17.99
CA ILE D 423 3.62 -22.83 -19.08
C ILE D 423 2.35 -23.65 -19.26
N GLY D 424 1.26 -22.98 -19.65
CA GLY D 424 0.02 -23.71 -19.91
C GLY D 424 -0.68 -24.18 -18.66
N LYS D 425 -0.21 -23.77 -17.48
CA LYS D 425 -0.83 -24.08 -16.20
C LYS D 425 -1.69 -22.89 -15.79
N ASP D 426 -2.73 -23.15 -15.01
CA ASP D 426 -3.69 -22.13 -14.61
C ASP D 426 -3.56 -21.82 -13.10
N LEU D 427 -4.45 -20.97 -12.57
CA LEU D 427 -4.29 -20.53 -11.18
C LEU D 427 -4.76 -21.54 -10.14
N TRP D 428 -5.55 -22.55 -10.53
CA TRP D 428 -5.77 -23.70 -9.68
C TRP D 428 -4.54 -24.60 -9.58
N HIS D 429 -3.67 -24.60 -10.60
CA HIS D 429 -2.36 -25.24 -10.47
C HIS D 429 -1.52 -24.45 -9.49
N LEU D 430 -1.43 -23.14 -9.70
CA LEU D 430 -0.64 -22.31 -8.83
C LEU D 430 -1.08 -22.48 -7.38
N ARG D 431 -2.39 -22.65 -7.16
CA ARG D 431 -2.90 -22.82 -5.81
C ARG D 431 -2.21 -23.98 -5.08
N SER D 432 -2.15 -25.16 -5.73
CA SER D 432 -1.48 -26.29 -5.12
C SER D 432 -0.03 -25.97 -4.77
N LEU D 433 0.68 -25.29 -5.68
CA LEU D 433 2.09 -24.98 -5.46
C LEU D 433 2.28 -24.08 -4.24
N VAL D 434 1.37 -23.13 -4.02
CA VAL D 434 1.56 -22.24 -2.87
C VAL D 434 1.15 -22.90 -1.57
N PHE D 435 0.47 -24.04 -1.64
CA PHE D 435 0.24 -24.82 -0.44
C PHE D 435 1.41 -25.77 -0.13
N THR D 436 1.97 -26.41 -1.15
CA THR D 436 2.97 -27.46 -0.97
C THR D 436 4.40 -26.93 -0.87
N ASP D 437 4.67 -25.79 -1.49
CA ASP D 437 5.98 -25.15 -1.48
C ASP D 437 5.72 -23.67 -1.21
N LYS D 438 5.32 -23.35 0.02
CA LYS D 438 4.75 -22.06 0.39
C LYS D 438 5.75 -20.93 0.15
N PRO D 439 5.41 -19.93 -0.66
CA PRO D 439 6.28 -18.76 -0.78
C PRO D 439 5.92 -17.73 0.27
N ASP D 440 6.70 -16.64 0.36
CA ASP D 440 6.29 -15.53 1.21
C ASP D 440 5.12 -14.75 0.63
N PHE D 441 5.12 -14.49 -0.69
CA PHE D 441 4.05 -13.67 -1.30
C PHE D 441 3.75 -14.14 -2.71
N MET D 442 2.55 -13.80 -3.20
CA MET D 442 2.24 -13.81 -4.62
C MET D 442 2.31 -12.39 -5.17
N ILE D 443 2.92 -12.23 -6.35
CA ILE D 443 2.72 -11.06 -7.20
C ILE D 443 1.79 -11.44 -8.36
N GLY D 444 0.62 -10.81 -8.46
CA GLY D 444 -0.32 -11.26 -9.49
C GLY D 444 -1.52 -10.35 -9.57
N ASN D 445 -2.54 -10.79 -10.34
CA ASN D 445 -3.69 -9.93 -10.57
C ASN D 445 -4.79 -10.29 -9.57
N SER D 446 -5.98 -9.65 -9.71
CA SER D 446 -6.97 -9.73 -8.65
C SER D 446 -7.44 -11.16 -8.40
N TYR D 447 -7.38 -12.04 -9.41
CA TYR D 447 -7.81 -13.42 -9.19
C TYR D 447 -6.96 -14.11 -8.13
N GLY D 448 -5.75 -13.60 -7.89
CA GLY D 448 -4.92 -14.05 -6.78
C GLY D 448 -5.58 -13.94 -5.42
N LYS D 449 -6.55 -13.03 -5.25
CA LYS D 449 -7.15 -12.83 -3.93
C LYS D 449 -7.79 -14.12 -3.43
N PHE D 450 -8.37 -14.93 -4.35
CA PHE D 450 -9.01 -16.17 -3.91
C PHE D 450 -7.99 -17.23 -3.50
N ILE D 451 -6.80 -17.24 -4.11
CA ILE D 451 -5.73 -18.11 -3.62
C ILE D 451 -5.31 -17.68 -2.22
N GLN D 452 -5.12 -16.37 -2.01
CA GLN D 452 -4.82 -15.91 -0.66
C GLN D 452 -5.88 -16.39 0.32
N ARG D 453 -7.17 -16.19 -0.02
CA ARG D 453 -8.26 -16.63 0.85
C ARG D 453 -8.15 -18.11 1.15
N ASP D 454 -7.85 -18.91 0.12
CA ASP D 454 -7.69 -20.35 0.34
C ASP D 454 -6.56 -20.62 1.34
N THR D 455 -5.42 -19.94 1.22
CA THR D 455 -4.30 -20.28 2.09
C THR D 455 -4.56 -19.85 3.52
N LEU D 456 -5.24 -18.71 3.74
CA LEU D 456 -5.59 -18.31 5.09
C LEU D 456 -6.48 -19.34 5.76
N HIS D 457 -7.42 -19.92 5.01
CA HIS D 457 -8.32 -20.91 5.58
C HIS D 457 -7.56 -22.08 6.22
N LYS D 458 -6.45 -22.50 5.61
CA LYS D 458 -5.67 -23.56 6.24
C LYS D 458 -5.09 -23.08 7.55
N GLY D 459 -4.79 -21.78 7.65
CA GLY D 459 -4.35 -21.17 8.88
C GLY D 459 -3.54 -19.92 8.62
N LYS D 460 -3.55 -18.97 9.56
CA LYS D 460 -2.79 -17.73 9.40
C LYS D 460 -1.32 -18.00 9.06
N GLU D 461 -0.76 -19.08 9.58
CA GLU D 461 0.64 -19.37 9.32
C GLU D 461 0.88 -19.92 7.92
N PHE D 462 -0.19 -20.26 7.19
CA PHE D 462 -0.06 -20.75 5.82
C PHE D 462 -0.43 -19.71 4.78
N GLU D 463 -0.88 -18.52 5.20
CA GLU D 463 -1.45 -17.53 4.31
C GLU D 463 -0.36 -16.93 3.44
N VAL D 464 -0.62 -16.81 2.15
CA VAL D 464 0.28 -16.20 1.18
C VAL D 464 -0.38 -14.89 0.74
N PRO D 465 0.11 -13.72 1.15
CA PRO D 465 -0.54 -12.48 0.77
C PRO D 465 -0.30 -12.14 -0.69
N LEU D 466 -1.32 -11.52 -1.30
CA LEU D 466 -1.27 -11.09 -2.69
C LEU D 466 -0.74 -9.66 -2.79
N ILE D 467 0.24 -9.47 -3.67
CA ILE D 467 0.74 -8.17 -4.09
C ILE D 467 0.24 -7.96 -5.52
N ARG D 468 -0.61 -6.95 -5.74
CA ARG D 468 -1.35 -6.81 -7.00
C ARG D 468 -0.55 -6.01 -8.01
N ILE D 469 -0.01 -6.71 -9.02
CA ILE D 469 0.67 -6.14 -10.17
C ILE D 469 0.36 -7.01 -11.39
N GLY D 470 -0.23 -6.42 -12.42
CA GLY D 470 -0.63 -7.15 -13.61
C GLY D 470 -1.99 -6.67 -14.06
N PHE D 471 -2.74 -7.58 -14.69
CA PHE D 471 -3.97 -7.25 -15.31
C PHE D 471 -4.82 -8.52 -15.26
N PRO D 472 -6.09 -8.41 -14.90
CA PRO D 472 -6.74 -7.18 -14.45
C PRO D 472 -6.66 -6.96 -12.95
N ILE D 473 -6.65 -5.69 -12.53
CA ILE D 473 -6.80 -5.32 -11.13
C ILE D 473 -8.14 -4.62 -10.99
N PHE D 474 -9.09 -5.25 -10.30
CA PHE D 474 -10.47 -4.82 -10.18
C PHE D 474 -10.85 -4.40 -8.78
N ASP D 475 -10.10 -4.82 -7.76
CA ASP D 475 -10.58 -4.71 -6.39
C ASP D 475 -9.76 -3.68 -5.61
N ARG D 476 -9.01 -2.84 -6.31
CA ARG D 476 -8.28 -1.71 -5.79
C ARG D 476 -8.47 -0.62 -6.83
N HIS D 477 -8.32 0.64 -6.44
CA HIS D 477 -8.67 1.77 -7.29
C HIS D 477 -7.40 2.47 -7.77
N HIS D 478 -7.32 2.75 -9.07
CA HIS D 478 -6.30 3.62 -9.67
C HIS D 478 -4.90 3.02 -9.66
N LEU D 479 -4.75 1.70 -9.51
CA LEU D 479 -3.42 1.13 -9.72
C LEU D 479 -3.03 1.06 -11.20
N HIS D 480 -4.00 1.19 -12.11
CA HIS D 480 -3.65 1.29 -13.52
C HIS D 480 -2.88 2.56 -13.84
N ARG D 481 -2.87 3.55 -12.95
CA ARG D 481 -2.06 4.75 -13.18
C ARG D 481 -0.57 4.48 -12.95
N SER D 482 -0.22 3.34 -12.38
CA SER D 482 1.16 3.05 -11.96
C SER D 482 2.07 2.79 -13.15
N THR D 483 3.33 2.47 -12.82
CA THR D 483 4.39 2.22 -13.78
C THR D 483 5.12 0.96 -13.36
N THR D 484 5.40 0.10 -14.34
CA THR D 484 6.25 -1.06 -14.14
C THR D 484 7.53 -1.04 -14.98
N LEU D 485 7.62 -0.22 -16.03
CA LEU D 485 8.79 -0.19 -16.90
C LEU D 485 9.81 0.84 -16.42
N GLY D 486 11.07 0.64 -16.83
CA GLY D 486 12.11 1.62 -16.60
C GLY D 486 12.48 1.75 -15.13
N TYR D 487 13.39 2.69 -14.86
CA TYR D 487 13.79 2.95 -13.47
C TYR D 487 12.60 3.40 -12.63
N GLU D 488 11.71 4.19 -13.22
CA GLU D 488 10.52 4.63 -12.47
C GLU D 488 9.67 3.44 -12.06
N GLY D 489 9.36 2.56 -13.02
CA GLY D 489 8.64 1.34 -12.67
C GLY D 489 9.40 0.48 -11.66
N ALA D 490 10.70 0.30 -11.90
CA ALA D 490 11.52 -0.48 -10.98
C ALA D 490 11.43 0.06 -9.55
N MET D 491 11.51 1.37 -9.39
CA MET D 491 11.42 1.96 -8.06
C MET D 491 10.05 1.76 -7.44
N GLN D 492 8.98 1.86 -8.25
CA GLN D 492 7.64 1.59 -7.73
C GLN D 492 7.52 0.14 -7.28
N ILE D 493 8.01 -0.79 -8.11
CA ILE D 493 7.92 -2.21 -7.74
C ILE D 493 8.72 -2.47 -6.47
N LEU D 494 9.98 -2.00 -6.43
CA LEU D 494 10.80 -2.16 -5.23
C LEU D 494 10.05 -1.66 -4.00
N THR D 495 9.50 -0.42 -4.08
CA THR D 495 8.85 0.16 -2.92
C THR D 495 7.67 -0.69 -2.48
N THR D 496 6.87 -1.16 -3.44
CA THR D 496 5.71 -1.97 -3.09
C THR D 496 6.13 -3.28 -2.43
N LEU D 497 7.25 -3.86 -2.86
CA LEU D 497 7.67 -5.17 -2.35
C LEU D 497 8.18 -5.06 -0.92
N VAL D 498 9.10 -4.12 -0.66
CA VAL D 498 9.61 -4.00 0.70
C VAL D 498 8.50 -3.55 1.65
N ASN D 499 7.59 -2.71 1.18
CA ASN D 499 6.55 -2.28 2.09
C ASN D 499 5.50 -3.35 2.30
N SER D 500 5.31 -4.26 1.33
CA SER D 500 4.46 -5.41 1.59
C SER D 500 5.08 -6.33 2.62
N ILE D 501 6.41 -6.54 2.51
CA ILE D 501 7.13 -7.35 3.51
C ILE D 501 6.98 -6.70 4.90
N LEU D 502 7.18 -5.39 4.98
CA LEU D 502 7.15 -4.71 6.26
C LEU D 502 5.73 -4.63 6.84
N GLU D 503 4.72 -4.48 5.99
CA GLU D 503 3.36 -4.49 6.51
C GLU D 503 3.04 -5.85 7.11
N ARG D 504 3.49 -6.93 6.45
CA ARG D 504 3.22 -8.29 6.94
C ARG D 504 3.91 -8.55 8.27
N LEU D 505 5.16 -8.10 8.40
CA LEU D 505 5.90 -8.30 9.63
C LEU D 505 5.24 -7.52 10.78
N ASP D 506 4.84 -6.27 10.53
CA ASP D 506 4.06 -5.55 11.53
C ASP D 506 2.83 -6.34 11.95
N GLU D 507 2.11 -6.92 10.99
CA GLU D 507 0.93 -7.70 11.35
C GLU D 507 1.31 -8.90 12.20
N GLU D 508 2.42 -9.55 11.86
CA GLU D 508 2.80 -10.75 12.59
C GLU D 508 3.40 -10.41 13.96
N THR D 509 3.84 -9.17 14.16
CA THR D 509 4.38 -8.75 15.44
C THR D 509 3.50 -7.73 16.16
N ARG D 510 2.22 -7.64 15.79
CA ARG D 510 1.34 -6.69 16.49
C ARG D 510 0.85 -7.23 17.82
N GLY D 511 1.10 -8.51 18.12
CA GLY D 511 0.47 -9.14 19.26
C GLY D 511 1.15 -8.83 20.58
N MET D 512 0.43 -8.11 21.45
CA MET D 512 1.01 -7.59 22.68
C MET D 512 1.43 -8.72 23.61
N GLN D 513 2.65 -8.64 24.14
CA GLN D 513 3.24 -9.62 25.04
C GLN D 513 3.38 -10.99 24.39
N ALA D 514 3.13 -11.07 23.09
CA ALA D 514 3.27 -12.32 22.35
C ALA D 514 4.32 -12.19 21.27
N THR D 515 4.12 -11.30 20.31
CA THR D 515 5.08 -11.08 19.23
C THR D 515 5.56 -9.64 19.16
N ASP D 516 5.00 -8.74 19.97
CA ASP D 516 5.31 -7.33 19.76
C ASP D 516 6.69 -6.93 20.24
N TYR D 517 7.47 -7.87 20.78
CA TYR D 517 8.86 -7.54 21.07
C TYR D 517 9.59 -7.13 19.79
N ASN D 518 9.19 -7.66 18.62
CA ASN D 518 9.77 -7.32 17.34
C ASN D 518 8.93 -6.28 16.57
N HIS D 519 8.07 -5.52 17.26
CA HIS D 519 7.21 -4.51 16.63
C HIS D 519 7.93 -3.16 16.55
N ASP D 520 9.09 -3.16 15.87
CA ASP D 520 10.04 -2.05 15.95
C ASP D 520 9.46 -0.78 15.34
N LEU D 521 9.74 0.36 15.97
CA LEU D 521 9.44 1.64 15.36
C LEU D 521 10.23 1.85 14.08
N VAL D 522 11.50 1.45 14.06
CA VAL D 522 12.40 1.74 12.94
C VAL D 522 12.73 0.43 12.23
N ARG D 523 12.58 0.42 10.91
CA ARG D 523 12.91 -0.69 10.04
C ARG D 523 13.68 -0.20 8.81
#